data_1QVL
# 
_entry.id   1QVL 
# 
_audit_conform.dict_name       mmcif_pdbx.dic 
_audit_conform.dict_version    5.399 
_audit_conform.dict_location   http://mmcif.pdb.org/dictionaries/ascii/mmcif_pdbx.dic 
# 
loop_
_database_2.database_id 
_database_2.database_code 
_database_2.pdbx_database_accession 
_database_2.pdbx_DOI 
PDB   1QVL         pdb_00001qvl 10.2210/pdb1qvl/pdb 
RCSB  RCSB020121   ?            ?                   
WWPDB D_1000020121 ?            ?                   
# 
loop_
_pdbx_audit_revision_history.ordinal 
_pdbx_audit_revision_history.data_content_type 
_pdbx_audit_revision_history.major_revision 
_pdbx_audit_revision_history.minor_revision 
_pdbx_audit_revision_history.revision_date 
1 'Structure model' 1 0 2004-09-28 
2 'Structure model' 1 1 2008-04-29 
3 'Structure model' 1 2 2011-07-13 
4 'Structure model' 1 3 2012-12-12 
5 'Structure model' 1 4 2022-03-02 
6 'Structure model' 1 5 2024-11-20 
# 
_pdbx_audit_revision_details.ordinal             1 
_pdbx_audit_revision_details.revision_ordinal    1 
_pdbx_audit_revision_details.data_content_type   'Structure model' 
_pdbx_audit_revision_details.provider            repository 
_pdbx_audit_revision_details.type                'Initial release' 
_pdbx_audit_revision_details.description         ? 
_pdbx_audit_revision_details.details             ? 
# 
loop_
_pdbx_audit_revision_group.ordinal 
_pdbx_audit_revision_group.revision_ordinal 
_pdbx_audit_revision_group.data_content_type 
_pdbx_audit_revision_group.group 
1 2 'Structure model' 'Version format compliance' 
2 3 'Structure model' 'Version format compliance' 
3 4 'Structure model' Other                       
4 5 'Structure model' 'Data collection'           
5 5 'Structure model' 'Database references'       
6 5 'Structure model' 'Derived calculations'      
7 6 'Structure model' 'Data collection'           
8 6 'Structure model' 'Structure summary'         
# 
loop_
_pdbx_audit_revision_category.ordinal 
_pdbx_audit_revision_category.revision_ordinal 
_pdbx_audit_revision_category.data_content_type 
_pdbx_audit_revision_category.category 
1 5 'Structure model' database_2                
2 5 'Structure model' pdbx_nmr_software         
3 5 'Structure model' pdbx_struct_assembly      
4 5 'Structure model' pdbx_struct_oper_list     
5 5 'Structure model' struct_conn               
6 6 'Structure model' chem_comp_atom            
7 6 'Structure model' chem_comp_bond            
8 6 'Structure model' pdbx_entry_details        
9 6 'Structure model' pdbx_modification_feature 
# 
loop_
_pdbx_audit_revision_item.ordinal 
_pdbx_audit_revision_item.revision_ordinal 
_pdbx_audit_revision_item.data_content_type 
_pdbx_audit_revision_item.item 
1 5 'Structure model' '_database_2.pdbx_DOI'                
2 5 'Structure model' '_database_2.pdbx_database_accession' 
3 5 'Structure model' '_pdbx_nmr_software.name'             
4 5 'Structure model' '_struct_conn.pdbx_leaving_atom_flag' 
# 
_pdbx_database_status.status_code                     REL 
_pdbx_database_status.entry_id                        1QVL 
_pdbx_database_status.recvd_initial_deposition_date   2003-08-28 
_pdbx_database_status.deposit_site                    RCSB 
_pdbx_database_status.process_site                    RCSB 
_pdbx_database_status.status_code_mr                  REL 
_pdbx_database_status.status_code_sf                  ? 
_pdbx_database_status.SG_entry                        ? 
_pdbx_database_status.pdb_format_compatible           Y 
_pdbx_database_status.status_code_cs                  ? 
_pdbx_database_status.status_code_nmr_data            ? 
_pdbx_database_status.methods_development_category    ? 
# 
loop_
_audit_author.name 
_audit_author.pdbx_ordinal 
'Appelt, C.'      1 
'Soderhall, J.A.' 2 
'Bienert, M.'     3 
'Dathe, M.'       4 
'Schmieder, P.'   5 
# 
_citation.id                        primary 
_citation.title                     
'Structure of the Antimicrobial, Cationic Hexapeptide Cyclo(RRWWRF) and Its Analogues in Solution and Bound to Detergent Micelles' 
_citation.journal_abbrev            Chembiochem 
_citation.journal_volume            6 
_citation.page_first                1654 
_citation.page_last                 1662 
_citation.year                      2005 
_citation.journal_id_ASTM           ? 
_citation.country                   GE 
_citation.journal_id_ISSN           1439-4227 
_citation.journal_id_CSD            ? 
_citation.book_publisher            ? 
_citation.pdbx_database_id_PubMed   16075425 
_citation.pdbx_database_id_DOI      10.1002/cbic.200500095 
# 
loop_
_citation_author.citation_id 
_citation_author.name 
_citation_author.ordinal 
_citation_author.identifier_ORCID 
primary 'Appelt, C.'      1 ? 
primary 'Wessolowski, A.' 2 ? 
primary 'Soderhall, J.A.' 3 ? 
primary 'Dathe, M.'       4 ? 
primary 'Schmieder, P.'   5 ? 
# 
_entity.id                         1 
_entity.type                       polymer 
_entity.src_method                 syn 
_entity.pdbx_description           c-RW 
_entity.formula_weight             1009.190 
_entity.pdbx_number_of_molecules   1 
_entity.pdbx_ec                    ? 
_entity.pdbx_mutation              ? 
_entity.pdbx_fragment              ? 
_entity.details                    ? 
# 
_entity_poly.entity_id                      1 
_entity_poly.type                           'polypeptide(L)' 
_entity_poly.nstd_linkage                   no 
_entity_poly.nstd_monomer                   no 
_entity_poly.pdbx_seq_one_letter_code       RRWWRF 
_entity_poly.pdbx_seq_one_letter_code_can   RRWWRF 
_entity_poly.pdbx_strand_id                 A 
_entity_poly.pdbx_target_identifier         ? 
# 
loop_
_entity_poly_seq.entity_id 
_entity_poly_seq.num 
_entity_poly_seq.mon_id 
_entity_poly_seq.hetero 
1 1 ARG n 
1 2 ARG n 
1 3 TRP n 
1 4 TRP n 
1 5 ARG n 
1 6 PHE n 
# 
_pdbx_entity_src_syn.entity_id              1 
_pdbx_entity_src_syn.pdbx_src_id            1 
_pdbx_entity_src_syn.pdbx_alt_source_flag   sample 
_pdbx_entity_src_syn.pdbx_beg_seq_num       ? 
_pdbx_entity_src_syn.pdbx_end_seq_num       ? 
_pdbx_entity_src_syn.organism_scientific    ? 
_pdbx_entity_src_syn.organism_common_name   ? 
_pdbx_entity_src_syn.ncbi_taxonomy_id       ? 
_pdbx_entity_src_syn.details                
;Synthesis of the linear peptide by the solid-phase method using standard Fmoc chemistry in continuous flow mode (MilliGen 9050 peptide synthesizer; Millipore, USA). Cyclization manually by applying HAPyU-chemistry. Purification by RP-HPLC (Shimadzu LC-10AD system), Characterization by matrix-assisted laser desorption mass spectrometry (MADLI II, Kratos, Manchester, UK).
;
# 
loop_
_chem_comp.id 
_chem_comp.type 
_chem_comp.mon_nstd_flag 
_chem_comp.name 
_chem_comp.pdbx_synonyms 
_chem_comp.formula 
_chem_comp.formula_weight 
ARG 'L-peptide linking' y ARGININE      ? 'C6 H15 N4 O2 1' 175.209 
PHE 'L-peptide linking' y PHENYLALANINE ? 'C9 H11 N O2'    165.189 
TRP 'L-peptide linking' y TRYPTOPHAN    ? 'C11 H12 N2 O2'  204.225 
# 
loop_
_pdbx_poly_seq_scheme.asym_id 
_pdbx_poly_seq_scheme.entity_id 
_pdbx_poly_seq_scheme.seq_id 
_pdbx_poly_seq_scheme.mon_id 
_pdbx_poly_seq_scheme.ndb_seq_num 
_pdbx_poly_seq_scheme.pdb_seq_num 
_pdbx_poly_seq_scheme.auth_seq_num 
_pdbx_poly_seq_scheme.pdb_mon_id 
_pdbx_poly_seq_scheme.auth_mon_id 
_pdbx_poly_seq_scheme.pdb_strand_id 
_pdbx_poly_seq_scheme.pdb_ins_code 
_pdbx_poly_seq_scheme.hetero 
A 1 1 ARG 1 1 1 ARG ARG A . n 
A 1 2 ARG 2 2 2 ARG ARG A . n 
A 1 3 TRP 3 3 3 TRP TRP A . n 
A 1 4 TRP 4 4 4 TRP TRP A . n 
A 1 5 ARG 5 5 5 ARG ARG A . n 
A 1 6 PHE 6 6 6 PHE PHE A . n 
# 
_exptl.entry_id          1QVL 
_exptl.method            'SOLUTION NMR' 
_exptl.crystals_number   ? 
# 
_exptl_crystal.id                    1 
_exptl_crystal.density_meas          ? 
_exptl_crystal.density_Matthews      ? 
_exptl_crystal.density_percent_sol   ? 
_exptl_crystal.description           ? 
# 
_diffrn.id                     1 
_diffrn.ambient_temp           ? 
_diffrn.ambient_temp_details   ? 
_diffrn.crystal_id             1 
# 
_diffrn_radiation.diffrn_id                        1 
_diffrn_radiation.wavelength_id                    1 
_diffrn_radiation.pdbx_monochromatic_or_laue_m_l   M 
_diffrn_radiation.monochromator                    ? 
_diffrn_radiation.pdbx_diffrn_protocol             'SINGLE WAVELENGTH' 
_diffrn_radiation.pdbx_scattering_type             ? 
# 
_diffrn_radiation_wavelength.id           1 
_diffrn_radiation_wavelength.wavelength   . 
_diffrn_radiation_wavelength.wt           1.0 
# 
_struct.entry_id                  1QVL 
_struct.title                     'Structure of the antimicrobial hexapeptide cyc-(RRWWRF) bound to SDS micelles' 
_struct.pdbx_model_details        ? 
_struct.pdbx_CASP_flag            ? 
_struct.pdbx_model_type_details   ? 
# 
_struct_keywords.entry_id        1QVL 
_struct_keywords.pdbx_keywords   'ANTIMICROBIAL PROTEIN' 
_struct_keywords.text            'ANTIMICROBIAL PROTEIN' 
# 
_struct_asym.id                            A 
_struct_asym.pdbx_blank_PDB_chainid_flag   N 
_struct_asym.pdbx_modified                 N 
_struct_asym.entity_id                     1 
_struct_asym.details                       ? 
# 
_struct_ref.id                         1 
_struct_ref.entity_id                  1 
_struct_ref.db_name                    PDB 
_struct_ref.db_code                    1QVL 
_struct_ref.pdbx_db_accession          1QVL 
_struct_ref.pdbx_db_isoform            ? 
_struct_ref.pdbx_seq_one_letter_code   ? 
_struct_ref.pdbx_align_begin           ? 
# 
_struct_ref_seq.align_id                      1 
_struct_ref_seq.ref_id                        1 
_struct_ref_seq.pdbx_PDB_id_code              1QVL 
_struct_ref_seq.pdbx_strand_id                A 
_struct_ref_seq.seq_align_beg                 1 
_struct_ref_seq.pdbx_seq_align_beg_ins_code   ? 
_struct_ref_seq.seq_align_end                 6 
_struct_ref_seq.pdbx_seq_align_end_ins_code   ? 
_struct_ref_seq.pdbx_db_accession             1QVL 
_struct_ref_seq.db_align_beg                  1 
_struct_ref_seq.pdbx_db_align_beg_ins_code    ? 
_struct_ref_seq.db_align_end                  6 
_struct_ref_seq.pdbx_db_align_end_ins_code    ? 
_struct_ref_seq.pdbx_auth_seq_align_beg       1 
_struct_ref_seq.pdbx_auth_seq_align_end       6 
# 
_pdbx_struct_assembly.id                   1 
_pdbx_struct_assembly.details              author_defined_assembly 
_pdbx_struct_assembly.method_details       ? 
_pdbx_struct_assembly.oligomeric_details   monomeric 
_pdbx_struct_assembly.oligomeric_count     1 
# 
_pdbx_struct_assembly_gen.assembly_id       1 
_pdbx_struct_assembly_gen.oper_expression   1 
_pdbx_struct_assembly_gen.asym_id_list      A 
# 
_pdbx_struct_oper_list.id                   1 
_pdbx_struct_oper_list.type                 'identity operation' 
_pdbx_struct_oper_list.name                 1_555 
_pdbx_struct_oper_list.symmetry_operation   x,y,z 
_pdbx_struct_oper_list.matrix[1][1]         1.0000000000 
_pdbx_struct_oper_list.matrix[1][2]         0.0000000000 
_pdbx_struct_oper_list.matrix[1][3]         0.0000000000 
_pdbx_struct_oper_list.vector[1]            0.0000000000 
_pdbx_struct_oper_list.matrix[2][1]         0.0000000000 
_pdbx_struct_oper_list.matrix[2][2]         1.0000000000 
_pdbx_struct_oper_list.matrix[2][3]         0.0000000000 
_pdbx_struct_oper_list.vector[2]            0.0000000000 
_pdbx_struct_oper_list.matrix[3][1]         0.0000000000 
_pdbx_struct_oper_list.matrix[3][2]         0.0000000000 
_pdbx_struct_oper_list.matrix[3][3]         1.0000000000 
_pdbx_struct_oper_list.vector[3]            0.0000000000 
# 
_struct_biol.id   1 
# 
_struct_conn.id                            covale1 
_struct_conn.conn_type_id                  covale 
_struct_conn.pdbx_leaving_atom_flag        both 
_struct_conn.pdbx_PDB_id                   ? 
_struct_conn.ptnr1_label_asym_id           A 
_struct_conn.ptnr1_label_comp_id           ARG 
_struct_conn.ptnr1_label_seq_id            1 
_struct_conn.ptnr1_label_atom_id           N 
_struct_conn.pdbx_ptnr1_label_alt_id       ? 
_struct_conn.pdbx_ptnr1_PDB_ins_code       ? 
_struct_conn.pdbx_ptnr1_standard_comp_id   ? 
_struct_conn.ptnr1_symmetry                1_555 
_struct_conn.ptnr2_label_asym_id           A 
_struct_conn.ptnr2_label_comp_id           PHE 
_struct_conn.ptnr2_label_seq_id            6 
_struct_conn.ptnr2_label_atom_id           C 
_struct_conn.pdbx_ptnr2_label_alt_id       ? 
_struct_conn.pdbx_ptnr2_PDB_ins_code       ? 
_struct_conn.ptnr1_auth_asym_id            A 
_struct_conn.ptnr1_auth_comp_id            ARG 
_struct_conn.ptnr1_auth_seq_id             1 
_struct_conn.ptnr2_auth_asym_id            A 
_struct_conn.ptnr2_auth_comp_id            PHE 
_struct_conn.ptnr2_auth_seq_id             6 
_struct_conn.ptnr2_symmetry                1_555 
_struct_conn.pdbx_ptnr3_label_atom_id      ? 
_struct_conn.pdbx_ptnr3_label_seq_id       ? 
_struct_conn.pdbx_ptnr3_label_comp_id      ? 
_struct_conn.pdbx_ptnr3_label_asym_id      ? 
_struct_conn.pdbx_ptnr3_label_alt_id       ? 
_struct_conn.pdbx_ptnr3_PDB_ins_code       ? 
_struct_conn.details                       ? 
_struct_conn.pdbx_dist_value               1.335 
_struct_conn.pdbx_value_order              ? 
_struct_conn.pdbx_role                     ? 
# 
_struct_conn_type.id          covale 
_struct_conn_type.criteria    ? 
_struct_conn_type.reference   ? 
# 
_pdbx_modification_feature.ordinal                            1 
_pdbx_modification_feature.label_comp_id                      ARG 
_pdbx_modification_feature.label_asym_id                      A 
_pdbx_modification_feature.label_seq_id                       1 
_pdbx_modification_feature.label_alt_id                       ? 
_pdbx_modification_feature.modified_residue_label_comp_id     PHE 
_pdbx_modification_feature.modified_residue_label_asym_id     A 
_pdbx_modification_feature.modified_residue_label_seq_id      6 
_pdbx_modification_feature.modified_residue_label_alt_id      ? 
_pdbx_modification_feature.auth_comp_id                       ARG 
_pdbx_modification_feature.auth_asym_id                       A 
_pdbx_modification_feature.auth_seq_id                        1 
_pdbx_modification_feature.PDB_ins_code                       ? 
_pdbx_modification_feature.symmetry                           1_555 
_pdbx_modification_feature.modified_residue_auth_comp_id      PHE 
_pdbx_modification_feature.modified_residue_auth_asym_id      A 
_pdbx_modification_feature.modified_residue_auth_seq_id       6 
_pdbx_modification_feature.modified_residue_PDB_ins_code      ? 
_pdbx_modification_feature.modified_residue_symmetry          1_555 
_pdbx_modification_feature.comp_id_linking_atom               N 
_pdbx_modification_feature.modified_residue_id_linking_atom   C 
_pdbx_modification_feature.modified_residue_id                . 
_pdbx_modification_feature.ref_pcm_id                         . 
_pdbx_modification_feature.ref_comp_id                        . 
_pdbx_modification_feature.type                               None 
_pdbx_modification_feature.category                           'Non-standard linkage' 
# 
_pdbx_entry_details.entry_id                   1QVL 
_pdbx_entry_details.compound_details           ? 
_pdbx_entry_details.source_details             ? 
_pdbx_entry_details.nonpolymer_details         ? 
_pdbx_entry_details.sequence_details           ? 
_pdbx_entry_details.has_ligand_of_interest     ? 
_pdbx_entry_details.has_protein_modification   Y 
# 
loop_
_pdbx_validate_torsion.id 
_pdbx_validate_torsion.PDB_model_num 
_pdbx_validate_torsion.auth_comp_id 
_pdbx_validate_torsion.auth_asym_id 
_pdbx_validate_torsion.auth_seq_id 
_pdbx_validate_torsion.PDB_ins_code 
_pdbx_validate_torsion.label_alt_id 
_pdbx_validate_torsion.phi 
_pdbx_validate_torsion.psi 
1  1  TRP A 4 ? ? 46.50   -132.33 
2  2  TRP A 4 ? ? 46.47   -125.15 
3  3  TRP A 4 ? ? 50.95   -137.77 
4  4  TRP A 4 ? ? 47.67   -132.76 
5  5  TRP A 4 ? ? 50.48   -130.15 
6  6  TRP A 4 ? ? 50.12   -131.03 
7  7  TRP A 3 ? ? -170.78 -178.64 
8  7  TRP A 4 ? ? 46.44   -133.54 
9  8  TRP A 4 ? ? 45.69   -126.78 
10 9  TRP A 4 ? ? 47.25   -132.11 
11 10 TRP A 4 ? ? 47.13   -130.11 
# 
_pdbx_molecule_features.prd_id    PRD_000105 
_pdbx_molecule_features.name      'CYCLIC HEXAPEPTIDE CYC-(RRWWRF)' 
_pdbx_molecule_features.type      'Cyclic peptide' 
_pdbx_molecule_features.class     Antimicrobial 
_pdbx_molecule_features.details   ? 
# 
_pdbx_molecule.instance_id   1 
_pdbx_molecule.prd_id        PRD_000105 
_pdbx_molecule.asym_id       A 
# 
_pdbx_nmr_ensemble.entry_id                                      1QVL 
_pdbx_nmr_ensemble.conformers_calculated_total_number            100 
_pdbx_nmr_ensemble.conformers_submitted_total_number             10 
_pdbx_nmr_ensemble.conformer_selection_criteria                  'structures with the lowest energy' 
_pdbx_nmr_ensemble.average_constraints_per_residue               ? 
_pdbx_nmr_ensemble.average_constraint_violations_per_residue     ? 
_pdbx_nmr_ensemble.maximum_distance_constraint_violation         ? 
_pdbx_nmr_ensemble.average_distance_constraint_violation         ? 
_pdbx_nmr_ensemble.maximum_upper_distance_constraint_violation   ? 
_pdbx_nmr_ensemble.maximum_lower_distance_constraint_violation   ? 
_pdbx_nmr_ensemble.distance_constraint_violation_method          ? 
_pdbx_nmr_ensemble.maximum_torsion_angle_constraint_violation    ? 
_pdbx_nmr_ensemble.average_torsion_angle_constraint_violation    ? 
_pdbx_nmr_ensemble.torsion_angle_constraint_violation_method     ? 
# 
_pdbx_nmr_representative.entry_id             1QVL 
_pdbx_nmr_representative.conformer_id         1 
_pdbx_nmr_representative.selection_criteria   'closest to the average' 
# 
_pdbx_nmr_sample_details.solution_id      1 
_pdbx_nmr_sample_details.contents         '2.5mM c-RW; 25mM sodium dodecyl sulphate; 90% H2O, 10% D2O' 
_pdbx_nmr_sample_details.solvent_system   '90% H2O/10% D2O' 
# 
_pdbx_nmr_exptl_sample_conditions.conditions_id       1 
_pdbx_nmr_exptl_sample_conditions.temperature         300 
_pdbx_nmr_exptl_sample_conditions.pressure            ambient 
_pdbx_nmr_exptl_sample_conditions.pH                  4.5 
_pdbx_nmr_exptl_sample_conditions.ionic_strength      ? 
_pdbx_nmr_exptl_sample_conditions.pressure_units      ? 
_pdbx_nmr_exptl_sample_conditions.temperature_units   K 
# 
loop_
_pdbx_nmr_exptl.experiment_id 
_pdbx_nmr_exptl.solution_id 
_pdbx_nmr_exptl.conditions_id 
_pdbx_nmr_exptl.type 
1 1 1 '2D NOESY' 
2 1 1 '2D TOCSY' 
3 1 1 DQF-COSY   
# 
_pdbx_nmr_refine.entry_id           1QVL 
_pdbx_nmr_refine.method             'simulated annealing' 
_pdbx_nmr_refine.details            '136 distance restraints; 5 diehedral angle restraints' 
_pdbx_nmr_refine.software_ordinal   1 
# 
loop_
_pdbx_nmr_software.name 
_pdbx_nmr_software.version 
_pdbx_nmr_software.classification 
_pdbx_nmr_software.authors 
_pdbx_nmr_software.ordinal 
XwinNMR 2.6 collection           Bruker                            1 
Sparky  3.1 'data analysis'      'Goddard, T.D. and Kneller, D.G.' 2 
Amber   6   'structure solution' Case                              3 
Amber   6   refinement           Case                              4 
# 
loop_
_chem_comp_atom.comp_id 
_chem_comp_atom.atom_id 
_chem_comp_atom.type_symbol 
_chem_comp_atom.pdbx_aromatic_flag 
_chem_comp_atom.pdbx_stereo_config 
_chem_comp_atom.pdbx_ordinal 
ARG N    N N N 1  
ARG CA   C N S 2  
ARG C    C N N 3  
ARG O    O N N 4  
ARG CB   C N N 5  
ARG CG   C N N 6  
ARG CD   C N N 7  
ARG NE   N N N 8  
ARG CZ   C N N 9  
ARG NH1  N N N 10 
ARG NH2  N N N 11 
ARG OXT  O N N 12 
ARG H    H N N 13 
ARG H2   H N N 14 
ARG HA   H N N 15 
ARG HB2  H N N 16 
ARG HB3  H N N 17 
ARG HG2  H N N 18 
ARG HG3  H N N 19 
ARG HD2  H N N 20 
ARG HD3  H N N 21 
ARG HE   H N N 22 
ARG HH11 H N N 23 
ARG HH12 H N N 24 
ARG HH21 H N N 25 
ARG HH22 H N N 26 
ARG HXT  H N N 27 
PHE N    N N N 28 
PHE CA   C N S 29 
PHE C    C N N 30 
PHE O    O N N 31 
PHE CB   C N N 32 
PHE CG   C Y N 33 
PHE CD1  C Y N 34 
PHE CD2  C Y N 35 
PHE CE1  C Y N 36 
PHE CE2  C Y N 37 
PHE CZ   C Y N 38 
PHE OXT  O N N 39 
PHE H    H N N 40 
PHE H2   H N N 41 
PHE HA   H N N 42 
PHE HB2  H N N 43 
PHE HB3  H N N 44 
PHE HD1  H N N 45 
PHE HD2  H N N 46 
PHE HE1  H N N 47 
PHE HE2  H N N 48 
PHE HZ   H N N 49 
PHE HXT  H N N 50 
TRP N    N N N 51 
TRP CA   C N S 52 
TRP C    C N N 53 
TRP O    O N N 54 
TRP CB   C N N 55 
TRP CG   C Y N 56 
TRP CD1  C Y N 57 
TRP CD2  C Y N 58 
TRP NE1  N Y N 59 
TRP CE2  C Y N 60 
TRP CE3  C Y N 61 
TRP CZ2  C Y N 62 
TRP CZ3  C Y N 63 
TRP CH2  C Y N 64 
TRP OXT  O N N 65 
TRP H    H N N 66 
TRP H2   H N N 67 
TRP HA   H N N 68 
TRP HB2  H N N 69 
TRP HB3  H N N 70 
TRP HD1  H N N 71 
TRP HE1  H N N 72 
TRP HE3  H N N 73 
TRP HZ2  H N N 74 
TRP HZ3  H N N 75 
TRP HH2  H N N 76 
TRP HXT  H N N 77 
# 
loop_
_chem_comp_bond.comp_id 
_chem_comp_bond.atom_id_1 
_chem_comp_bond.atom_id_2 
_chem_comp_bond.value_order 
_chem_comp_bond.pdbx_aromatic_flag 
_chem_comp_bond.pdbx_stereo_config 
_chem_comp_bond.pdbx_ordinal 
ARG N   CA   sing N N 1  
ARG N   H    sing N N 2  
ARG N   H2   sing N N 3  
ARG CA  C    sing N N 4  
ARG CA  CB   sing N N 5  
ARG CA  HA   sing N N 6  
ARG C   O    doub N N 7  
ARG C   OXT  sing N N 8  
ARG CB  CG   sing N N 9  
ARG CB  HB2  sing N N 10 
ARG CB  HB3  sing N N 11 
ARG CG  CD   sing N N 12 
ARG CG  HG2  sing N N 13 
ARG CG  HG3  sing N N 14 
ARG CD  NE   sing N N 15 
ARG CD  HD2  sing N N 16 
ARG CD  HD3  sing N N 17 
ARG NE  CZ   sing N N 18 
ARG NE  HE   sing N N 19 
ARG CZ  NH1  sing N N 20 
ARG CZ  NH2  doub N N 21 
ARG NH1 HH11 sing N N 22 
ARG NH1 HH12 sing N N 23 
ARG NH2 HH21 sing N N 24 
ARG NH2 HH22 sing N N 25 
ARG OXT HXT  sing N N 26 
PHE N   CA   sing N N 27 
PHE N   H    sing N N 28 
PHE N   H2   sing N N 29 
PHE CA  C    sing N N 30 
PHE CA  CB   sing N N 31 
PHE CA  HA   sing N N 32 
PHE C   O    doub N N 33 
PHE C   OXT  sing N N 34 
PHE CB  CG   sing N N 35 
PHE CB  HB2  sing N N 36 
PHE CB  HB3  sing N N 37 
PHE CG  CD1  doub Y N 38 
PHE CG  CD2  sing Y N 39 
PHE CD1 CE1  sing Y N 40 
PHE CD1 HD1  sing N N 41 
PHE CD2 CE2  doub Y N 42 
PHE CD2 HD2  sing N N 43 
PHE CE1 CZ   doub Y N 44 
PHE CE1 HE1  sing N N 45 
PHE CE2 CZ   sing Y N 46 
PHE CE2 HE2  sing N N 47 
PHE CZ  HZ   sing N N 48 
PHE OXT HXT  sing N N 49 
TRP N   CA   sing N N 50 
TRP N   H    sing N N 51 
TRP N   H2   sing N N 52 
TRP CA  C    sing N N 53 
TRP CA  CB   sing N N 54 
TRP CA  HA   sing N N 55 
TRP C   O    doub N N 56 
TRP C   OXT  sing N N 57 
TRP CB  CG   sing N N 58 
TRP CB  HB2  sing N N 59 
TRP CB  HB3  sing N N 60 
TRP CG  CD1  doub Y N 61 
TRP CG  CD2  sing Y N 62 
TRP CD1 NE1  sing Y N 63 
TRP CD1 HD1  sing N N 64 
TRP CD2 CE2  doub Y N 65 
TRP CD2 CE3  sing Y N 66 
TRP NE1 CE2  sing Y N 67 
TRP NE1 HE1  sing N N 68 
TRP CE2 CZ2  sing Y N 69 
TRP CE3 CZ3  doub Y N 70 
TRP CE3 HE3  sing N N 71 
TRP CZ2 CH2  doub Y N 72 
TRP CZ2 HZ2  sing N N 73 
TRP CZ3 CH2  sing Y N 74 
TRP CZ3 HZ3  sing N N 75 
TRP CH2 HH2  sing N N 76 
TRP OXT HXT  sing N N 77 
# 
_atom_sites.entry_id                    1QVL 
_atom_sites.fract_transf_matrix[1][1]   1.000000 
_atom_sites.fract_transf_matrix[1][2]   0.000000 
_atom_sites.fract_transf_matrix[1][3]   0.000000 
_atom_sites.fract_transf_matrix[2][1]   0.000000 
_atom_sites.fract_transf_matrix[2][2]   1.000000 
_atom_sites.fract_transf_matrix[2][3]   0.000000 
_atom_sites.fract_transf_matrix[3][1]   0.000000 
_atom_sites.fract_transf_matrix[3][2]   0.000000 
_atom_sites.fract_transf_matrix[3][3]   1.000000 
_atom_sites.fract_transf_vector[1]      0.00000 
_atom_sites.fract_transf_vector[2]      0.00000 
_atom_sites.fract_transf_vector[3]      0.00000 
# 
loop_
_atom_type.symbol 
C 
H 
N 
O 
# 
loop_
_atom_site.group_PDB 
_atom_site.id 
_atom_site.type_symbol 
_atom_site.label_atom_id 
_atom_site.label_alt_id 
_atom_site.label_comp_id 
_atom_site.label_asym_id 
_atom_site.label_entity_id 
_atom_site.label_seq_id 
_atom_site.pdbx_PDB_ins_code 
_atom_site.Cartn_x 
_atom_site.Cartn_y 
_atom_site.Cartn_z 
_atom_site.occupancy 
_atom_site.B_iso_or_equiv 
_atom_site.pdbx_formal_charge 
_atom_site.auth_seq_id 
_atom_site.auth_comp_id 
_atom_site.auth_asym_id 
_atom_site.auth_atom_id 
_atom_site.pdbx_PDB_model_num 
ATOM 1    N N    . ARG A 1 1 ? -1.387 0.071  -2.598  1.00 0.00 ? 1 ARG A N    1  
ATOM 2    C CA   . ARG A 1 1 ? -1.858 -1.240 -3.009  1.00 0.00 ? 1 ARG A CA   1  
ATOM 3    C C    . ARG A 1 1 ? -1.023 -2.376 -2.428  1.00 0.00 ? 1 ARG A C    1  
ATOM 4    O O    . ARG A 1 1 ? -1.569 -3.252 -1.758  1.00 0.00 ? 1 ARG A O    1  
ATOM 5    C CB   . ARG A 1 1 ? -1.897 -1.268 -4.546  1.00 0.00 ? 1 ARG A CB   1  
ATOM 6    C CG   . ARG A 1 1 ? -2.678 -0.056 -5.091  1.00 0.00 ? 1 ARG A CG   1  
ATOM 7    C CD   . ARG A 1 1 ? -2.971 -0.161 -6.579  1.00 0.00 ? 1 ARG A CD   1  
ATOM 8    N NE   . ARG A 1 1 ? -1.754 -0.198 -7.405  1.00 0.00 ? 1 ARG A NE   1  
ATOM 9    C CZ   . ARG A 1 1 ? -1.096 0.864  -7.902  1.00 0.00 ? 1 ARG A CZ   1  
ATOM 10   N NH1  . ARG A 1 1 ? -1.488 2.124  -7.652  1.00 0.00 ? 1 ARG A NH1  1  
ATOM 11   N NH2  . ARG A 1 1 ? -0.019 0.658  -8.670  1.00 0.00 ? 1 ARG A NH2  1  
ATOM 12   H H    . ARG A 1 1 ? -0.852 0.573  -3.299  1.00 0.00 ? 1 ARG A H    1  
ATOM 13   H HA   . ARG A 1 1 ? -2.886 -1.354 -2.657  1.00 0.00 ? 1 ARG A HA   1  
ATOM 14   H HB2  . ARG A 1 1 ? -0.881 -1.246 -4.946  1.00 0.00 ? 1 ARG A HB2  1  
ATOM 15   H HB3  . ARG A 1 1 ? -2.384 -2.188 -4.868  1.00 0.00 ? 1 ARG A HB3  1  
ATOM 16   H HG2  . ARG A 1 1 ? -3.632 0.018  -4.566  1.00 0.00 ? 1 ARG A HG2  1  
ATOM 17   H HG3  . ARG A 1 1 ? -2.119 0.867  -4.921  1.00 0.00 ? 1 ARG A HG3  1  
ATOM 18   H HD2  . ARG A 1 1 ? -3.539 -1.073 -6.742  1.00 0.00 ? 1 ARG A HD2  1  
ATOM 19   H HD3  . ARG A 1 1 ? -3.574 0.703  -6.853  1.00 0.00 ? 1 ARG A HD3  1  
ATOM 20   H HE   . ARG A 1 1 ? -1.402 -1.117 -7.632  1.00 0.00 ? 1 ARG A HE   1  
ATOM 21   H HH11 . ARG A 1 1 ? -2.301 2.294  -7.078  1.00 0.00 ? 1 ARG A HH11 1  
ATOM 22   H HH12 . ARG A 1 1 ? -0.975 2.899  -8.045  1.00 0.00 ? 1 ARG A HH12 1  
ATOM 23   H HH21 . ARG A 1 1 ? 0.284  -0.285 -8.871  1.00 0.00 ? 1 ARG A HH21 1  
ATOM 24   H HH22 . ARG A 1 1 ? 0.485  1.444  -9.056  1.00 0.00 ? 1 ARG A HH22 1  
ATOM 25   N N    . ARG A 1 2 ? 0.285  -2.364 -2.703  1.00 0.00 ? 2 ARG A N    1  
ATOM 26   C CA   . ARG A 1 2 ? 1.207  -3.444 -2.379  1.00 0.00 ? 2 ARG A CA   1  
ATOM 27   C C    . ARG A 1 2 ? 1.559  -3.479 -0.883  1.00 0.00 ? 2 ARG A C    1  
ATOM 28   O O    . ARG A 1 2 ? 1.934  -4.533 -0.372  1.00 0.00 ? 2 ARG A O    1  
ATOM 29   C CB   . ARG A 1 2 ? 2.489  -3.284 -3.219  1.00 0.00 ? 2 ARG A CB   1  
ATOM 30   C CG   . ARG A 1 2 ? 2.228  -2.948 -4.701  1.00 0.00 ? 2 ARG A CG   1  
ATOM 31   C CD   . ARG A 1 2 ? 3.515  -2.898 -5.527  1.00 0.00 ? 2 ARG A CD   1  
ATOM 32   N NE   . ARG A 1 2 ? 4.134  -4.223 -5.654  1.00 0.00 ? 2 ARG A NE   1  
ATOM 33   C CZ   . ARG A 1 2 ? 3.829  -5.159 -6.571  1.00 0.00 ? 2 ARG A CZ   1  
ATOM 34   N NH1  . ARG A 1 2 ? 2.887  -4.955 -7.504  1.00 0.00 ? 2 ARG A NH1  1  
ATOM 35   N NH2  . ARG A 1 2 ? 4.481  -6.328 -6.550  1.00 0.00 ? 2 ARG A NH2  1  
ATOM 36   H H    . ARG A 1 2 ? 0.666  -1.613 -3.263  1.00 0.00 ? 2 ARG A H    1  
ATOM 37   H HA   . ARG A 1 2 ? 0.735  -4.389 -2.652  1.00 0.00 ? 2 ARG A HA   1  
ATOM 38   H HB2  . ARG A 1 2 ? 3.099  -2.487 -2.797  1.00 0.00 ? 2 ARG A HB2  1  
ATOM 39   H HB3  . ARG A 1 2 ? 3.055  -4.212 -3.149  1.00 0.00 ? 2 ARG A HB3  1  
ATOM 40   H HG2  . ARG A 1 2 ? 1.550  -3.687 -5.128  1.00 0.00 ? 2 ARG A HG2  1  
ATOM 41   H HG3  . ARG A 1 2 ? 1.766  -1.964 -4.771  1.00 0.00 ? 2 ARG A HG3  1  
ATOM 42   H HD2  . ARG A 1 2 ? 3.285  -2.508 -6.519  1.00 0.00 ? 2 ARG A HD2  1  
ATOM 43   H HD3  . ARG A 1 2 ? 4.221  -2.219 -5.049  1.00 0.00 ? 2 ARG A HD3  1  
ATOM 44   H HE   . ARG A 1 2 ? 4.826  -4.447 -4.954  1.00 0.00 ? 2 ARG A HE   1  
ATOM 45   H HH11 . ARG A 1 2 ? 2.380  -4.080 -7.528  1.00 0.00 ? 2 ARG A HH11 1  
ATOM 46   H HH12 . ARG A 1 2 ? 2.676  -5.678 -8.178  1.00 0.00 ? 2 ARG A HH12 1  
ATOM 47   H HH21 . ARG A 1 2 ? 5.194  -6.496 -5.855  1.00 0.00 ? 2 ARG A HH21 1  
ATOM 48   H HH22 . ARG A 1 2 ? 4.262  -7.039 -7.233  1.00 0.00 ? 2 ARG A HH22 1  
ATOM 49   N N    . TRP A 1 3 ? 1.449  -2.326 -0.199  1.00 0.00 ? 3 TRP A N    1  
ATOM 50   C CA   . TRP A 1 3 ? 1.900  -2.025 1.147   1.00 0.00 ? 3 TRP A CA   1  
ATOM 51   C C    . TRP A 1 3 ? 1.388  -0.639 1.583   1.00 0.00 ? 3 TRP A C    1  
ATOM 52   O O    . TRP A 1 3 ? 0.713  0.051  0.819   1.00 0.00 ? 3 TRP A O    1  
ATOM 53   C CB   . TRP A 1 3 ? 3.433  -2.179 1.212   1.00 0.00 ? 3 TRP A CB   1  
ATOM 54   C CG   . TRP A 1 3 ? 4.356  -1.559 0.184   1.00 0.00 ? 3 TRP A CG   1  
ATOM 55   C CD1  . TRP A 1 3 ? 5.664  -1.898 0.136   1.00 0.00 ? 3 TRP A CD1  1  
ATOM 56   C CD2  . TRP A 1 3 ? 4.149  -0.675 -0.984  1.00 0.00 ? 3 TRP A CD2  1  
ATOM 57   N NE1  . TRP A 1 3 ? 6.280  -1.324 -0.950  1.00 0.00 ? 3 TRP A NE1  1  
ATOM 58   C CE2  . TRP A 1 3 ? 5.392  -0.577 -1.690  1.00 0.00 ? 3 TRP A CE2  1  
ATOM 59   C CE3  . TRP A 1 3 ? 3.066  0.026  -1.571  1.00 0.00 ? 3 TRP A CE3  1  
ATOM 60   C CZ2  . TRP A 1 3 ? 5.542  0.143  -2.887  1.00 0.00 ? 3 TRP A CZ2  1  
ATOM 61   C CZ3  . TRP A 1 3 ? 3.200  0.746  -2.773  1.00 0.00 ? 3 TRP A CZ3  1  
ATOM 62   C CH2  . TRP A 1 3 ? 4.435  0.806  -3.434  1.00 0.00 ? 3 TRP A CH2  1  
ATOM 63   H H    . TRP A 1 3 ? 1.125  -1.494 -0.669  1.00 0.00 ? 3 TRP A H    1  
ATOM 64   H HA   . TRP A 1 3 ? 1.472  -2.772 1.820   1.00 0.00 ? 3 TRP A HA   1  
ATOM 65   H HB2  . TRP A 1 3 ? 3.764  -1.834 2.191   1.00 0.00 ? 3 TRP A HB2  1  
ATOM 66   H HB3  . TRP A 1 3 ? 3.640  -3.250 1.204   1.00 0.00 ? 3 TRP A HB3  1  
ATOM 67   H HD1  . TRP A 1 3 ? 6.151  -2.572 0.825   1.00 0.00 ? 3 TRP A HD1  1  
ATOM 68   H HE1  . TRP A 1 3 ? 7.249  -1.500 -1.183  1.00 0.00 ? 3 TRP A HE1  1  
ATOM 69   H HE3  . TRP A 1 3 ? 2.090  0.009  -1.129  1.00 0.00 ? 3 TRP A HE3  1  
ATOM 70   H HZ2  . TRP A 1 3 ? 6.499  0.178  -3.386  1.00 0.00 ? 3 TRP A HZ2  1  
ATOM 71   H HZ3  . TRP A 1 3 ? 2.345  1.251  -3.197  1.00 0.00 ? 3 TRP A HZ3  1  
ATOM 72   H HH2  . TRP A 1 3 ? 4.532  1.358  -4.358  1.00 0.00 ? 3 TRP A HH2  1  
ATOM 73   N N    . TRP A 1 4 ? 1.712  -0.238 2.820   1.00 0.00 ? 4 TRP A N    1  
ATOM 74   C CA   . TRP A 1 4 ? 1.514  1.096  3.387   1.00 0.00 ? 4 TRP A CA   1  
ATOM 75   C C    . TRP A 1 4 ? 0.102  1.675  3.119   1.00 0.00 ? 4 TRP A C    1  
ATOM 76   O O    . TRP A 1 4 ? -0.884 0.974  3.344   1.00 0.00 ? 4 TRP A O    1  
ATOM 77   C CB   . TRP A 1 4 ? 2.677  1.989  2.914   1.00 0.00 ? 4 TRP A CB   1  
ATOM 78   C CG   . TRP A 1 4 ? 2.886  3.253  3.698   1.00 0.00 ? 4 TRP A CG   1  
ATOM 79   C CD1  . TRP A 1 4 ? 3.064  3.324  5.036   1.00 0.00 ? 4 TRP A CD1  1  
ATOM 80   C CD2  . TRP A 1 4 ? 2.912  4.636  3.223   1.00 0.00 ? 4 TRP A CD2  1  
ATOM 81   N NE1  . TRP A 1 4 ? 3.191  4.642  5.423   1.00 0.00 ? 4 TRP A NE1  1  
ATOM 82   C CE2  . TRP A 1 4 ? 3.101  5.497  4.345   1.00 0.00 ? 4 TRP A CE2  1  
ATOM 83   C CE3  . TRP A 1 4 ? 2.788  5.253  1.959   1.00 0.00 ? 4 TRP A CE3  1  
ATOM 84   C CZ2  . TRP A 1 4 ? 3.156  6.894  4.222   1.00 0.00 ? 4 TRP A CZ2  1  
ATOM 85   C CZ3  . TRP A 1 4 ? 2.845  6.652  1.822   1.00 0.00 ? 4 TRP A CZ3  1  
ATOM 86   C CH2  . TRP A 1 4 ? 3.028  7.473  2.950   1.00 0.00 ? 4 TRP A CH2  1  
ATOM 87   H H    . TRP A 1 4 ? 2.240  -0.879 3.393   1.00 0.00 ? 4 TRP A H    1  
ATOM 88   H HA   . TRP A 1 4 ? 1.614  0.962  4.468   1.00 0.00 ? 4 TRP A HA   1  
ATOM 89   H HB2  . TRP A 1 4 ? 3.597  1.406  2.953   1.00 0.00 ? 4 TRP A HB2  1  
ATOM 90   H HB3  . TRP A 1 4 ? 2.521  2.246  1.865   1.00 0.00 ? 4 TRP A HB3  1  
ATOM 91   H HD1  . TRP A 1 4 ? 3.091  2.479  5.706   1.00 0.00 ? 4 TRP A HD1  1  
ATOM 92   H HE1  . TRP A 1 4 ? 3.329  4.918  6.384   1.00 0.00 ? 4 TRP A HE1  1  
ATOM 93   H HE3  . TRP A 1 4 ? 2.647  4.640  1.083   1.00 0.00 ? 4 TRP A HE3  1  
ATOM 94   H HZ2  . TRP A 1 4 ? 3.297  7.514  5.095   1.00 0.00 ? 4 TRP A HZ2  1  
ATOM 95   H HZ3  . TRP A 1 4 ? 2.751  7.102  0.844   1.00 0.00 ? 4 TRP A HZ3  1  
ATOM 96   H HH2  . TRP A 1 4 ? 3.069  8.546  2.837   1.00 0.00 ? 4 TRP A HH2  1  
ATOM 97   N N    . ARG A 1 5 ? -0.006 2.939  2.660   1.00 0.00 ? 5 ARG A N    1  
ATOM 98   C CA   . ARG A 1 5 ? -1.262 3.605  2.312   1.00 0.00 ? 5 ARG A CA   1  
ATOM 99   C C    . ARG A 1 5 ? -1.800 3.185  0.932   1.00 0.00 ? 5 ARG A C    1  
ATOM 100  O O    . ARG A 1 5 ? -2.952 3.490  0.624   1.00 0.00 ? 5 ARG A O    1  
ATOM 101  C CB   . ARG A 1 5 ? -1.051 5.129  2.341   1.00 0.00 ? 5 ARG A CB   1  
ATOM 102  C CG   . ARG A 1 5 ? -0.733 5.633  3.755   1.00 0.00 ? 5 ARG A CG   1  
ATOM 103  C CD   . ARG A 1 5 ? -0.604 7.157  3.784   1.00 0.00 ? 5 ARG A CD   1  
ATOM 104  N NE   . ARG A 1 5 ? -0.220 7.611  5.127   1.00 0.00 ? 5 ARG A NE   1  
ATOM 105  C CZ   . ARG A 1 5 ? -0.451 8.827  5.652   1.00 0.00 ? 5 ARG A CZ   1  
ATOM 106  N NH1  . ARG A 1 5 ? -1.086 9.786  4.961   1.00 0.00 ? 5 ARG A NH1  1  
ATOM 107  N NH2  . ARG A 1 5 ? -0.036 9.087  6.898   1.00 0.00 ? 5 ARG A NH2  1  
ATOM 108  H H    . ARG A 1 5 ? 0.823  3.493  2.489   1.00 0.00 ? 5 ARG A H    1  
ATOM 109  H HA   . ARG A 1 5 ? -2.011 3.353  3.063   1.00 0.00 ? 5 ARG A HA   1  
ATOM 110  H HB2  . ARG A 1 5 ? -0.241 5.401  1.663   1.00 0.00 ? 5 ARG A HB2  1  
ATOM 111  H HB3  . ARG A 1 5 ? -1.965 5.619  1.998   1.00 0.00 ? 5 ARG A HB3  1  
ATOM 112  H HG2  . ARG A 1 5 ? -1.535 5.335  4.432   1.00 0.00 ? 5 ARG A HG2  1  
ATOM 113  H HG3  . ARG A 1 5 ? 0.200  5.193  4.102   1.00 0.00 ? 5 ARG A HG3  1  
ATOM 114  H HD2  . ARG A 1 5 ? 0.159  7.470  3.071   1.00 0.00 ? 5 ARG A HD2  1  
ATOM 115  H HD3  . ARG A 1 5 ? -1.558 7.600  3.499   1.00 0.00 ? 5 ARG A HD3  1  
ATOM 116  H HE   . ARG A 1 5 ? 0.254  6.929  5.703   1.00 0.00 ? 5 ARG A HE   1  
ATOM 117  H HH11 . ARG A 1 5 ? -1.410 9.601  4.022   1.00 0.00 ? 5 ARG A HH11 1  
ATOM 118  H HH12 . ARG A 1 5 ? -1.252 10.687 5.385   1.00 0.00 ? 5 ARG A HH12 1  
ATOM 119  H HH21 . ARG A 1 5 ? 0.444  8.376  7.430   1.00 0.00 ? 5 ARG A HH21 1  
ATOM 120  H HH22 . ARG A 1 5 ? -0.206 9.996  7.307   1.00 0.00 ? 5 ARG A HH22 1  
ATOM 121  N N    . PHE A 1 6 ? -0.989 2.489  0.115   1.00 0.00 ? 6 PHE A N    1  
ATOM 122  C CA   . PHE A 1 6 ? -1.270 2.111  -1.259  1.00 0.00 ? 6 PHE A CA   1  
ATOM 123  C C    . PHE A 1 6 ? -1.587 0.617  -1.396  1.00 0.00 ? 6 PHE A C    1  
ATOM 124  O O    . PHE A 1 6 ? -2.095 0.000  -0.458  1.00 0.00 ? 6 PHE A O    1  
ATOM 125  C CB   . PHE A 1 6 ? -0.194 2.711  -2.179  1.00 0.00 ? 6 PHE A CB   1  
ATOM 126  C CG   . PHE A 1 6 ? -0.287 4.228  -2.230  1.00 0.00 ? 6 PHE A CG   1  
ATOM 127  C CD1  . PHE A 1 6 ? -1.227 4.841  -3.084  1.00 0.00 ? 6 PHE A CD1  1  
ATOM 128  C CD2  . PHE A 1 6 ? 0.500  5.026  -1.377  1.00 0.00 ? 6 PHE A CD2  1  
ATOM 129  C CE1  . PHE A 1 6 ? -1.379 6.238  -3.084  1.00 0.00 ? 6 PHE A CE1  1  
ATOM 130  C CE2  . PHE A 1 6 ? 0.346  6.424  -1.376  1.00 0.00 ? 6 PHE A CE2  1  
ATOM 131  C CZ   . PHE A 1 6 ? -0.594 7.030  -2.227  1.00 0.00 ? 6 PHE A CZ   1  
ATOM 132  H H    . PHE A 1 6 ? -0.047 2.287  0.406   1.00 0.00 ? 6 PHE A H    1  
ATOM 133  H HA   . PHE A 1 6 ? -2.199 2.586  -1.551  1.00 0.00 ? 6 PHE A HA   1  
ATOM 134  H HB2  . PHE A 1 6 ? 0.793  2.411  -1.825  1.00 0.00 ? 6 PHE A HB2  1  
ATOM 135  H HB3  . PHE A 1 6 ? -0.318 2.340  -3.197  1.00 0.00 ? 6 PHE A HB3  1  
ATOM 136  H HD1  . PHE A 1 6 ? -1.849 4.239  -3.731  1.00 0.00 ? 6 PHE A HD1  1  
ATOM 137  H HD2  . PHE A 1 6 ? 1.211  4.566  -0.709  1.00 0.00 ? 6 PHE A HD2  1  
ATOM 138  H HE1  . PHE A 1 6 ? -2.106 6.703  -3.733  1.00 0.00 ? 6 PHE A HE1  1  
ATOM 139  H HE2  . PHE A 1 6 ? 0.942  7.034  -0.716  1.00 0.00 ? 6 PHE A HE2  1  
ATOM 140  H HZ   . PHE A 1 6 ? -0.718 8.105  -2.220  1.00 0.00 ? 6 PHE A HZ   1  
ATOM 141  N N    . ARG A 1 1 ? -1.510 -0.031 -2.687  1.00 0.00 ? 1 ARG A N    2  
ATOM 142  C CA   . ARG A 1 1 ? -1.817 -1.403 -3.069  1.00 0.00 ? 1 ARG A CA   2  
ATOM 143  C C    . ARG A 1 1 ? -0.916 -2.430 -2.379  1.00 0.00 ? 1 ARG A C    2  
ATOM 144  O O    . ARG A 1 1 ? -1.409 -3.250 -1.606  1.00 0.00 ? 1 ARG A O    2  
ATOM 145  C CB   . ARG A 1 1 ? -1.709 -1.556 -4.602  1.00 0.00 ? 1 ARG A CB   2  
ATOM 146  C CG   . ARG A 1 1 ? -2.597 -0.631 -5.437  1.00 0.00 ? 1 ARG A CG   2  
ATOM 147  C CD   . ARG A 1 1 ? -4.090 -0.899 -5.238  1.00 0.00 ? 1 ARG A CD   2  
ATOM 148  N NE   . ARG A 1 1 ? -4.889 -0.098 -6.179  1.00 0.00 ? 1 ARG A NE   2  
ATOM 149  C CZ   . ARG A 1 1 ? -5.971 -0.511 -6.866  1.00 0.00 ? 1 ARG A CZ   2  
ATOM 150  N NH1  . ARG A 1 1 ? -6.457 -1.755 -6.747  1.00 0.00 ? 1 ARG A NH1  2  
ATOM 151  N NH2  . ARG A 1 1 ? -6.578 0.344  -7.698  1.00 0.00 ? 1 ARG A NH2  2  
ATOM 152  H H    . ARG A 1 1 ? -1.285 0.618  -3.423  1.00 0.00 ? 1 ARG A H    2  
ATOM 153  H HA   . ARG A 1 1 ? -2.844 -1.617 -2.770  1.00 0.00 ? 1 ARG A HA   2  
ATOM 154  H HB2  . ARG A 1 1 ? -0.687 -1.342 -4.910  1.00 0.00 ? 1 ARG A HB2  2  
ATOM 155  H HB3  . ARG A 1 1 ? -1.932 -2.589 -4.868  1.00 0.00 ? 1 ARG A HB3  2  
ATOM 156  H HG2  . ARG A 1 1 ? -2.366 0.407  -5.199  1.00 0.00 ? 1 ARG A HG2  2  
ATOM 157  H HG3  . ARG A 1 1 ? -2.342 -0.803 -6.484  1.00 0.00 ? 1 ARG A HG3  2  
ATOM 158  H HD2  . ARG A 1 1 ? -4.280 -1.961 -5.395  1.00 0.00 ? 1 ARG A HD2  2  
ATOM 159  H HD3  . ARG A 1 1 ? -4.377 -0.636 -4.219  1.00 0.00 ? 1 ARG A HD3  2  
ATOM 160  H HE   . ARG A 1 1 ? -4.566 0.848  -6.333  1.00 0.00 ? 1 ARG A HE   2  
ATOM 161  H HH11 . ARG A 1 1 ? -6.009 -2.415 -6.127  1.00 0.00 ? 1 ARG A HH11 2  
ATOM 162  H HH12 . ARG A 1 1 ? -7.265 -2.036 -7.282  1.00 0.00 ? 1 ARG A HH12 2  
ATOM 163  H HH21 . ARG A 1 1 ? -6.228 1.286  -7.801  1.00 0.00 ? 1 ARG A HH21 2  
ATOM 164  H HH22 . ARG A 1 1 ? -7.388 0.047  -8.223  1.00 0.00 ? 1 ARG A HH22 2  
ATOM 165  N N    . ARG A 1 2 ? 0.388  -2.402 -2.695  1.00 0.00 ? 2 ARG A N    2  
ATOM 166  C CA   . ARG A 1 2 ? 1.350  -3.429 -2.306  1.00 0.00 ? 2 ARG A CA   2  
ATOM 167  C C    . ARG A 1 2 ? 1.647  -3.400 -0.803  1.00 0.00 ? 2 ARG A C    2  
ATOM 168  O O    . ARG A 1 2 ? 2.021  -4.426 -0.234  1.00 0.00 ? 2 ARG A O    2  
ATOM 169  C CB   . ARG A 1 2 ? 2.673  -3.270 -3.087  1.00 0.00 ? 2 ARG A CB   2  
ATOM 170  C CG   . ARG A 1 2 ? 2.527  -2.727 -4.520  1.00 0.00 ? 2 ARG A CG   2  
ATOM 171  C CD   . ARG A 1 2 ? 3.826  -2.840 -5.324  1.00 0.00 ? 2 ARG A CD   2  
ATOM 172  N NE   . ARG A 1 2 ? 4.056  -4.216 -5.795  1.00 0.00 ? 2 ARG A NE   2  
ATOM 173  C CZ   . ARG A 1 2 ? 3.927  -4.665 -7.058  1.00 0.00 ? 2 ARG A CZ   2  
ATOM 174  N NH1  . ARG A 1 2 ? 3.589  -3.852 -8.072  1.00 0.00 ? 2 ARG A NH1  2  
ATOM 175  N NH2  . ARG A 1 2 ? 4.139  -5.963 -7.314  1.00 0.00 ? 2 ARG A NH2  2  
ATOM 176  H H    . ARG A 1 2 ? 0.717  -1.677 -3.317  1.00 0.00 ? 2 ARG A H    2  
ATOM 177  H HA   . ARG A 1 2 ? 0.920  -4.400 -2.561  1.00 0.00 ? 2 ARG A HA   2  
ATOM 178  H HB2  . ARG A 1 2 ? 3.332  -2.592 -2.545  1.00 0.00 ? 2 ARG A HB2  2  
ATOM 179  H HB3  . ARG A 1 2 ? 3.160  -4.246 -3.118  1.00 0.00 ? 2 ARG A HB3  2  
ATOM 180  H HG2  . ARG A 1 2 ? 1.734  -3.263 -5.044  1.00 0.00 ? 2 ARG A HG2  2  
ATOM 181  H HG3  . ARG A 1 2 ? 2.263  -1.671 -4.465  1.00 0.00 ? 2 ARG A HG3  2  
ATOM 182  H HD2  . ARG A 1 2 ? 3.768  -2.161 -6.176  1.00 0.00 ? 2 ARG A HD2  2  
ATOM 183  H HD3  . ARG A 1 2 ? 4.666  -2.526 -4.703  1.00 0.00 ? 2 ARG A HD3  2  
ATOM 184  H HE   . ARG A 1 2 ? 4.312  -4.888 -5.086  1.00 0.00 ? 2 ARG A HE   2  
ATOM 185  H HH11 . ARG A 1 2 ? 3.426  -2.871 -7.899  1.00 0.00 ? 2 ARG A HH11 2  
ATOM 186  H HH12 . ARG A 1 2 ? 3.504  -4.222 -9.009  1.00 0.00 ? 2 ARG A HH12 2  
ATOM 187  H HH21 . ARG A 1 2 ? 4.388  -6.591 -6.565  1.00 0.00 ? 2 ARG A HH21 2  
ATOM 188  H HH22 . ARG A 1 2 ? 4.045  -6.312 -8.257  1.00 0.00 ? 2 ARG A HH22 2  
ATOM 189  N N    . TRP A 1 3 ? 1.500  -2.221 -0.181  1.00 0.00 ? 3 TRP A N    2  
ATOM 190  C CA   . TRP A 1 3 ? 1.911  -1.886 1.167   1.00 0.00 ? 3 TRP A CA   2  
ATOM 191  C C    . TRP A 1 3 ? 1.355  -0.514 1.571   1.00 0.00 ? 3 TRP A C    2  
ATOM 192  O O    . TRP A 1 3 ? 0.787  0.214  0.762   1.00 0.00 ? 3 TRP A O    2  
ATOM 193  C CB   . TRP A 1 3 ? 3.453  -1.935 1.265   1.00 0.00 ? 3 TRP A CB   2  
ATOM 194  C CG   . TRP A 1 3 ? 4.361  -1.207 0.293   1.00 0.00 ? 3 TRP A CG   2  
ATOM 195  C CD1  . TRP A 1 3 ? 5.706  -1.320 0.376   1.00 0.00 ? 3 TRP A CD1  2  
ATOM 196  C CD2  . TRP A 1 3 ? 4.125  -0.379 -0.910  1.00 0.00 ? 3 TRP A CD2  2  
ATOM 197  N NE1  . TRP A 1 3 ? 6.319  -0.664 -0.664  1.00 0.00 ? 3 TRP A NE1  2  
ATOM 198  C CE2  . TRP A 1 3 ? 5.395  -0.081 -1.502  1.00 0.00 ? 3 TRP A CE2  2  
ATOM 199  C CE3  . TRP A 1 3 ? 3.002  0.140  -1.599  1.00 0.00 ? 3 TRP A CE3  2  
ATOM 200  C CZ2  . TRP A 1 3 ? 5.533  0.650  -2.694  1.00 0.00 ? 3 TRP A CZ2  2  
ATOM 201  C CZ3  . TRP A 1 3 ? 3.124  0.865  -2.798  1.00 0.00 ? 3 TRP A CZ3  2  
ATOM 202  C CH2  . TRP A 1 3 ? 4.388  1.120  -3.351  1.00 0.00 ? 3 TRP A CH2  2  
ATOM 203  H H    . TRP A 1 3 ? 1.150  -1.422 -0.698  1.00 0.00 ? 3 TRP A H    2  
ATOM 204  H HA   . TRP A 1 3 ? 1.508  -2.639 1.848   1.00 0.00 ? 3 TRP A HA   2  
ATOM 205  H HB2  . TRP A 1 3 ? 3.733  -1.611 2.266   1.00 0.00 ? 3 TRP A HB2  2  
ATOM 206  H HB3  . TRP A 1 3 ? 3.738  -2.987 1.213   1.00 0.00 ? 3 TRP A HB3  2  
ATOM 207  H HD1  . TRP A 1 3 ? 6.230  -1.884 1.132   1.00 0.00 ? 3 TRP A HD1  2  
ATOM 208  H HE1  . TRP A 1 3 ? 7.321  -0.673 -0.793  1.00 0.00 ? 3 TRP A HE1  2  
ATOM 209  H HE3  . TRP A 1 3 ? 2.011  -0.020 -1.228  1.00 0.00 ? 3 TRP A HE3  2  
ATOM 210  H HZ2  . TRP A 1 3 ? 6.513  0.843  -3.107  1.00 0.00 ? 3 TRP A HZ2  2  
ATOM 211  H HZ3  . TRP A 1 3 ? 2.238  1.223  -3.301  1.00 0.00 ? 3 TRP A HZ3  2  
ATOM 212  H HH2  . TRP A 1 3 ? 4.474  1.676  -4.273  1.00 0.00 ? 3 TRP A HH2  2  
ATOM 213  N N    . TRP A 1 4 ? 1.554  -0.164 2.844   1.00 0.00 ? 4 TRP A N    2  
ATOM 214  C CA   . TRP A 1 4 ? 1.326  1.156  3.423   1.00 0.00 ? 4 TRP A CA   2  
ATOM 215  C C    . TRP A 1 4 ? -0.029 1.785  3.024   1.00 0.00 ? 4 TRP A C    2  
ATOM 216  O O    . TRP A 1 4 ? -1.067 1.160  3.243   1.00 0.00 ? 4 TRP A O    2  
ATOM 217  C CB   . TRP A 1 4 ? 2.569  1.989  3.066   1.00 0.00 ? 4 TRP A CB   2  
ATOM 218  C CG   . TRP A 1 4 ? 2.821  3.207  3.896   1.00 0.00 ? 4 TRP A CG   2  
ATOM 219  C CD1  . TRP A 1 4 ? 3.015  3.228  5.235   1.00 0.00 ? 4 TRP A CD1  2  
ATOM 220  C CD2  . TRP A 1 4 ? 2.961  4.588  3.451   1.00 0.00 ? 4 TRP A CD2  2  
ATOM 221  N NE1  . TRP A 1 4 ? 3.278  4.517  5.646   1.00 0.00 ? 4 TRP A NE1  2  
ATOM 222  C CE2  . TRP A 1 4 ? 3.285  5.396  4.580   1.00 0.00 ? 4 TRP A CE2  2  
ATOM 223  C CE3  . TRP A 1 4 ? 2.860  5.231  2.199   1.00 0.00 ? 4 TRP A CE3  2  
ATOM 224  C CZ2  . TRP A 1 4 ? 3.539  6.771  4.469   1.00 0.00 ? 4 TRP A CZ2  2  
ATOM 225  C CZ3  . TRP A 1 4 ? 3.118  6.610  2.076   1.00 0.00 ? 4 TRP A CZ3  2  
ATOM 226  C CH2  . TRP A 1 4 ? 3.460  7.379  3.205   1.00 0.00 ? 4 TRP A CH2  2  
ATOM 227  H H    . TRP A 1 4 ? 2.044  -0.830 3.418   1.00 0.00 ? 4 TRP A H    2  
ATOM 228  H HA   . TRP A 1 4 ? 1.318  1.016  4.505   1.00 0.00 ? 4 TRP A HA   2  
ATOM 229  H HB2  . TRP A 1 4 ? 3.446  1.345  3.144   1.00 0.00 ? 4 TRP A HB2  2  
ATOM 230  H HB3  . TRP A 1 4 ? 2.512  2.283  2.017   1.00 0.00 ? 4 TRP A HB3  2  
ATOM 231  H HD1  . TRP A 1 4 ? 2.993  2.363  5.881   1.00 0.00 ? 4 TRP A HD1  2  
ATOM 232  H HE1  . TRP A 1 4 ? 3.465  4.754  6.609   1.00 0.00 ? 4 TRP A HE1  2  
ATOM 233  H HE3  . TRP A 1 4 ? 2.582  4.651  1.327   1.00 0.00 ? 4 TRP A HE3  2  
ATOM 234  H HZ2  . TRP A 1 4 ? 3.799  7.352  5.341   1.00 0.00 ? 4 TRP A HZ2  2  
ATOM 235  H HZ3  . TRP A 1 4 ? 3.056  7.082  1.106   1.00 0.00 ? 4 TRP A HZ3  2  
ATOM 236  H HH2  . TRP A 1 4 ? 3.659  8.434  3.101   1.00 0.00 ? 4 TRP A HH2  2  
ATOM 237  N N    . ARG A 1 5 ? -0.031 3.008  2.459   1.00 0.00 ? 5 ARG A N    2  
ATOM 238  C CA   . ARG A 1 5 ? -1.226 3.756  2.053   1.00 0.00 ? 5 ARG A CA   2  
ATOM 239  C C    . ARG A 1 5 ? -1.820 3.277  0.720   1.00 0.00 ? 5 ARG A C    2  
ATOM 240  O O    . ARG A 1 5 ? -2.969 3.604  0.431   1.00 0.00 ? 5 ARG A O    2  
ATOM 241  C CB   . ARG A 1 5 ? -0.891 5.258  1.973   1.00 0.00 ? 5 ARG A CB   2  
ATOM 242  C CG   . ARG A 1 5 ? -0.646 5.806  3.383   1.00 0.00 ? 5 ARG A CG   2  
ATOM 243  C CD   . ARG A 1 5 ? -0.309 7.294  3.437   1.00 0.00 ? 5 ARG A CD   2  
ATOM 244  N NE   . ARG A 1 5 ? 0.146  7.631  4.794   1.00 0.00 ? 5 ARG A NE   2  
ATOM 245  C CZ   . ARG A 1 5 ? -0.316 8.600  5.603   1.00 0.00 ? 5 ARG A CZ   2  
ATOM 246  N NH1  . ARG A 1 5 ? -1.256 9.470  5.208   1.00 0.00 ? 5 ARG A NH1  2  
ATOM 247  N NH2  . ARG A 1 5 ? 0.177  8.690  6.846   1.00 0.00 ? 5 ARG A NH2  2  
ATOM 248  H H    . ARG A 1 5 ? 0.852  3.470  2.294   1.00 0.00 ? 5 ARG A H    2  
ATOM 249  H HA   . ARG A 1 5 ? -1.988 3.626  2.823   1.00 0.00 ? 5 ARG A HA   2  
ATOM 250  H HB2  . ARG A 1 5 ? -0.005 5.412  1.353   1.00 0.00 ? 5 ARG A HB2  2  
ATOM 251  H HB3  . ARG A 1 5 ? -1.727 5.798  1.529   1.00 0.00 ? 5 ARG A HB3  2  
ATOM 252  H HG2  . ARG A 1 5 ? -1.546 5.642  3.975   1.00 0.00 ? 5 ARG A HG2  2  
ATOM 253  H HG3  . ARG A 1 5 ? 0.181  5.257  3.827   1.00 0.00 ? 5 ARG A HG3  2  
ATOM 254  H HD2  . ARG A 1 5 ? 0.493  7.513  2.734   1.00 0.00 ? 5 ARG A HD2  2  
ATOM 255  H HD3  . ARG A 1 5 ? -1.191 7.875  3.165   1.00 0.00 ? 5 ARG A HD3  2  
ATOM 256  H HE   . ARG A 1 5 ? 0.840  7.002  5.175   1.00 0.00 ? 5 ARG A HE   2  
ATOM 257  H HH11 . ARG A 1 5 ? -1.637 9.411  4.275   1.00 0.00 ? 5 ARG A HH11 2  
ATOM 258  H HH12 . ARG A 1 5 ? -1.585 10.181 5.846   1.00 0.00 ? 5 ARG A HH12 2  
ATOM 259  H HH21 . ARG A 1 5 ? 0.881  8.038  7.159   1.00 0.00 ? 5 ARG A HH21 2  
ATOM 260  H HH22 . ARG A 1 5 ? -0.163 9.406  7.474   1.00 0.00 ? 5 ARG A HH22 2  
ATOM 261  N N    . PHE A 1 6 ? -1.063 2.500  -0.071  1.00 0.00 ? 6 PHE A N    2  
ATOM 262  C CA   . PHE A 1 6 ? -1.424 2.030  -1.400  1.00 0.00 ? 6 PHE A CA   2  
ATOM 263  C C    . PHE A 1 6 ? -1.548 0.498  -1.460  1.00 0.00 ? 6 PHE A C    2  
ATOM 264  O O    . PHE A 1 6 ? -1.783 -0.162 -0.447  1.00 0.00 ? 6 PHE A O    2  
ATOM 265  C CB   . PHE A 1 6 ? -0.470 2.682  -2.421  1.00 0.00 ? 6 PHE A CB   2  
ATOM 266  C CG   . PHE A 1 6 ? -0.692 4.182  -2.532  1.00 0.00 ? 6 PHE A CG   2  
ATOM 267  C CD1  . PHE A 1 6 ? -1.692 4.671  -3.395  1.00 0.00 ? 6 PHE A CD1  2  
ATOM 268  C CD2  . PHE A 1 6 ? 0.044  5.085  -1.738  1.00 0.00 ? 6 PHE A CD2  2  
ATOM 269  C CE1  . PHE A 1 6 ? -1.959 6.050  -3.465  1.00 0.00 ? 6 PHE A CE1  2  
ATOM 270  C CE2  . PHE A 1 6 ? -0.227 6.463  -1.804  1.00 0.00 ? 6 PHE A CE2  2  
ATOM 271  C CZ   . PHE A 1 6 ? -1.230 6.946  -2.665  1.00 0.00 ? 6 PHE A CZ   2  
ATOM 272  H H    . PHE A 1 6 ? -0.102 2.328  0.186   1.00 0.00 ? 6 PHE A H    2  
ATOM 273  H HA   . PHE A 1 6 ? -2.419 2.392  -1.636  1.00 0.00 ? 6 PHE A HA   2  
ATOM 274  H HB2  . PHE A 1 6 ? 0.563  2.480  -2.131  1.00 0.00 ? 6 PHE A HB2  2  
ATOM 275  H HB3  . PHE A 1 6 ? -0.625 2.256  -3.411  1.00 0.00 ? 6 PHE A HB3  2  
ATOM 276  H HD1  . PHE A 1 6 ? -2.273 3.987  -3.999  1.00 0.00 ? 6 PHE A HD1  2  
ATOM 277  H HD2  . PHE A 1 6 ? 0.804  4.722  -1.063  1.00 0.00 ? 6 PHE A HD2  2  
ATOM 278  H HE1  . PHE A 1 6 ? -2.731 6.417  -4.123  1.00 0.00 ? 6 PHE A HE1  2  
ATOM 279  H HE2  . PHE A 1 6 ? 0.329  7.152  -1.186  1.00 0.00 ? 6 PHE A HE2  2  
ATOM 280  H HZ   . PHE A 1 6 ? -1.443 8.005  -2.713  1.00 0.00 ? 6 PHE A HZ   2  
ATOM 281  N N    . ARG A 1 1 ? -1.707 0.090  -2.479  1.00 0.00 ? 1 ARG A N    3  
ATOM 282  C CA   . ARG A 1 1 ? -2.117 -1.210 -2.983  1.00 0.00 ? 1 ARG A CA   3  
ATOM 283  C C    . ARG A 1 1 ? -1.274 -2.344 -2.390  1.00 0.00 ? 1 ARG A C    3  
ATOM 284  O O    . ARG A 1 1 ? -1.791 -3.137 -1.605  1.00 0.00 ? 1 ARG A O    3  
ATOM 285  C CB   . ARG A 1 1 ? -2.029 -1.188 -4.522  1.00 0.00 ? 1 ARG A CB   3  
ATOM 286  C CG   . ARG A 1 1 ? -2.956 -0.141 -5.169  1.00 0.00 ? 1 ARG A CG   3  
ATOM 287  C CD   . ARG A 1 1 ? -2.700 -0.005 -6.676  1.00 0.00 ? 1 ARG A CD   3  
ATOM 288  N NE   . ARG A 1 1 ? -1.359 0.534  -6.964  1.00 0.00 ? 1 ARG A NE   3  
ATOM 289  C CZ   . ARG A 1 1 ? -1.009 1.833  -6.999  1.00 0.00 ? 1 ARG A CZ   3  
ATOM 290  N NH1  . ARG A 1 1 ? -1.908 2.814  -6.831  1.00 0.00 ? 1 ARG A NH1  3  
ATOM 291  N NH2  . ARG A 1 1 ? 0.274  2.156  -7.207  1.00 0.00 ? 1 ARG A NH2  3  
ATOM 292  H H    . ARG A 1 1 ? -1.462 0.785  -3.165  1.00 0.00 ? 1 ARG A H    3  
ATOM 293  H HA   . ARG A 1 1 ? -3.159 -1.374 -2.703  1.00 0.00 ? 1 ARG A HA   3  
ATOM 294  H HB2  . ARG A 1 1 ? -0.997 -0.975 -4.808  1.00 0.00 ? 1 ARG A HB2  3  
ATOM 295  H HB3  . ARG A 1 1 ? -2.293 -2.173 -4.907  1.00 0.00 ? 1 ARG A HB3  3  
ATOM 296  H HG2  . ARG A 1 1 ? -3.993 -0.441 -5.012  1.00 0.00 ? 1 ARG A HG2  3  
ATOM 297  H HG3  . ARG A 1 1 ? -2.811 0.838  -4.711  1.00 0.00 ? 1 ARG A HG3  3  
ATOM 298  H HD2  . ARG A 1 1 ? -2.793 -0.986 -7.142  1.00 0.00 ? 1 ARG A HD2  3  
ATOM 299  H HD3  . ARG A 1 1 ? -3.456 0.652  -7.106  1.00 0.00 ? 1 ARG A HD3  3  
ATOM 300  H HE   . ARG A 1 1 ? -0.631 -0.150 -7.112  1.00 0.00 ? 1 ARG A HE   3  
ATOM 301  H HH11 . ARG A 1 1 ? -2.880 2.587  -6.679  1.00 0.00 ? 1 ARG A HH11 3  
ATOM 302  H HH12 . ARG A 1 1 ? -1.616 3.781  -6.870  1.00 0.00 ? 1 ARG A HH12 3  
ATOM 303  H HH21 . ARG A 1 1 ? 0.965  1.428  -7.330  1.00 0.00 ? 1 ARG A HH21 3  
ATOM 304  H HH22 . ARG A 1 1 ? 0.553  3.125  -7.238  1.00 0.00 ? 1 ARG A HH22 3  
ATOM 305  N N    . ARG A 1 2 ? 0.006  -2.428 -2.785  1.00 0.00 ? 2 ARG A N    3  
ATOM 306  C CA   . ARG A 1 2 ? 0.904  -3.525 -2.434  1.00 0.00 ? 2 ARG A CA   3  
ATOM 307  C C    . ARG A 1 2 ? 1.356  -3.460 -0.973  1.00 0.00 ? 2 ARG A C    3  
ATOM 308  O O    . ARG A 1 2 ? 1.618  -4.501 -0.371  1.00 0.00 ? 2 ARG A O    3  
ATOM 309  C CB   . ARG A 1 2 ? 2.137  -3.521 -3.349  1.00 0.00 ? 2 ARG A CB   3  
ATOM 310  C CG   . ARG A 1 2 ? 1.763  -3.458 -4.835  1.00 0.00 ? 2 ARG A CG   3  
ATOM 311  C CD   . ARG A 1 2 ? 2.885  -3.958 -5.740  1.00 0.00 ? 2 ARG A CD   3  
ATOM 312  N NE   . ARG A 1 2 ? 4.117  -3.176 -5.592  1.00 0.00 ? 2 ARG A NE   3  
ATOM 313  C CZ   . ARG A 1 2 ? 4.617  -2.305 -6.489  1.00 0.00 ? 2 ARG A CZ   3  
ATOM 314  N NH1  . ARG A 1 2 ? 3.922  -1.932 -7.575  1.00 0.00 ? 2 ARG A NH1  3  
ATOM 315  N NH2  . ARG A 1 2 ? 5.840  -1.797 -6.302  1.00 0.00 ? 2 ARG A NH2  3  
ATOM 316  H H    . ARG A 1 2 ? 0.363  -1.733 -3.425  1.00 0.00 ? 2 ARG A H    3  
ATOM 317  H HA   . ARG A 1 2 ? 0.391  -4.468 -2.605  1.00 0.00 ? 2 ARG A HA   3  
ATOM 318  H HB2  . ARG A 1 2 ? 2.776  -2.672 -3.111  1.00 0.00 ? 2 ARG A HB2  3  
ATOM 319  H HB3  . ARG A 1 2 ? 2.701  -4.436 -3.156  1.00 0.00 ? 2 ARG A HB3  3  
ATOM 320  H HG2  . ARG A 1 2 ? 0.893  -4.090 -5.009  1.00 0.00 ? 2 ARG A HG2  3  
ATOM 321  H HG3  . ARG A 1 2 ? 1.519  -2.429 -5.103  1.00 0.00 ? 2 ARG A HG3  3  
ATOM 322  H HD2  . ARG A 1 2 ? 3.105  -4.993 -5.482  1.00 0.00 ? 2 ARG A HD2  3  
ATOM 323  H HD3  . ARG A 1 2 ? 2.539  -3.926 -6.772  1.00 0.00 ? 2 ARG A HD3  3  
ATOM 324  H HE   . ARG A 1 2 ? 4.634  -3.361 -4.745  1.00 0.00 ? 2 ARG A HE   3  
ATOM 325  H HH11 . ARG A 1 2 ? 2.996  -2.305 -7.732  1.00 0.00 ? 2 ARG A HH11 3  
ATOM 326  H HH12 . ARG A 1 2 ? 4.321  -1.275 -8.230  1.00 0.00 ? 2 ARG A HH12 3  
ATOM 327  H HH21 . ARG A 1 2 ? 6.379  -2.066 -5.490  1.00 0.00 ? 2 ARG A HH21 3  
ATOM 328  H HH22 . ARG A 1 2 ? 6.222  -1.143 -6.969  1.00 0.00 ? 2 ARG A HH22 3  
ATOM 329  N N    . TRP A 1 3 ? 1.463  -2.240 -0.424  1.00 0.00 ? 3 TRP A N    3  
ATOM 330  C CA   . TRP A 1 3 ? 2.059  -1.920 0.857   1.00 0.00 ? 3 TRP A CA   3  
ATOM 331  C C    . TRP A 1 3 ? 1.707  -0.486 1.270   1.00 0.00 ? 3 TRP A C    3  
ATOM 332  O O    . TRP A 1 3 ? 1.114  0.274  0.502   1.00 0.00 ? 3 TRP A O    3  
ATOM 333  C CB   . TRP A 1 3 ? 3.572  -2.232 0.825   1.00 0.00 ? 3 TRP A CB   3  
ATOM 334  C CG   . TRP A 1 3 ? 4.481  -1.776 -0.297  1.00 0.00 ? 3 TRP A CG   3  
ATOM 335  C CD1  . TRP A 1 3 ? 5.739  -2.259 -0.414  1.00 0.00 ? 3 TRP A CD1  3  
ATOM 336  C CD2  . TRP A 1 3 ? 4.281  -0.942 -1.499  1.00 0.00 ? 3 TRP A CD2  3  
ATOM 337  N NE1  . TRP A 1 3 ? 6.327  -1.819 -1.575  1.00 0.00 ? 3 TRP A NE1  3  
ATOM 338  C CE2  . TRP A 1 3 ? 5.485  -0.985 -2.273  1.00 0.00 ? 3 TRP A CE2  3  
ATOM 339  C CE3  . TRP A 1 3 ? 3.221  -0.193 -2.068  1.00 0.00 ? 3 TRP A CE3  3  
ATOM 340  C CZ2  . TRP A 1 3 ? 5.636  -0.308 -3.493  1.00 0.00 ? 3 TRP A CZ2  3  
ATOM 341  C CZ3  . TRP A 1 3 ? 3.338  0.434  -3.323  1.00 0.00 ? 3 TRP A CZ3  3  
ATOM 342  C CH2  . TRP A 1 3 ? 4.549  0.396  -4.029  1.00 0.00 ? 3 TRP A CH2  3  
ATOM 343  H H    . TRP A 1 3 ? 1.189  -1.413 -0.942  1.00 0.00 ? 3 TRP A H    3  
ATOM 344  H HA   . TRP A 1 3 ? 1.620  -2.589 1.601   1.00 0.00 ? 3 TRP A HA   3  
ATOM 345  H HB2  . TRP A 1 3 ? 4.006  -1.866 1.756   1.00 0.00 ? 3 TRP A HB2  3  
ATOM 346  H HB3  . TRP A 1 3 ? 3.668  -3.317 0.870   1.00 0.00 ? 3 TRP A HB3  3  
ATOM 347  H HD1  . TRP A 1 3 ? 6.200  -2.951 0.277   1.00 0.00 ? 3 TRP A HD1  3  
ATOM 348  H HE1  . TRP A 1 3 ? 7.223  -2.161 -1.896  1.00 0.00 ? 3 TRP A HE1  3  
ATOM 349  H HE3  . TRP A 1 3 ? 2.276  -0.116 -1.568  1.00 0.00 ? 3 TRP A HE3  3  
ATOM 350  H HZ2  . TRP A 1 3 ? 6.572  -0.360 -4.032  1.00 0.00 ? 3 TRP A HZ2  3  
ATOM 351  H HZ3  . TRP A 1 3 ? 2.486  0.937  -3.755  1.00 0.00 ? 3 TRP A HZ3  3  
ATOM 352  H HH2  . TRP A 1 3 ? 4.638  0.890  -4.985  1.00 0.00 ? 3 TRP A HH2  3  
ATOM 353  N N    . TRP A 1 4 ? 2.063  -0.132 2.510   1.00 0.00 ? 4 TRP A N    3  
ATOM 354  C CA   . TRP A 1 4 ? 1.792  1.154  3.143   1.00 0.00 ? 4 TRP A CA   3  
ATOM 355  C C    . TRP A 1 4 ? 0.301  1.553  3.035   1.00 0.00 ? 4 TRP A C    3  
ATOM 356  O O    . TRP A 1 4 ? -0.565 0.699  3.235   1.00 0.00 ? 4 TRP A O    3  
ATOM 357  C CB   . TRP A 1 4 ? 2.777  2.191  2.576   1.00 0.00 ? 4 TRP A CB   3  
ATOM 358  C CG   . TRP A 1 4 ? 2.923  3.446  3.391   1.00 0.00 ? 4 TRP A CG   3  
ATOM 359  C CD1  . TRP A 1 4 ? 3.196  3.496  4.715   1.00 0.00 ? 4 TRP A CD1  3  
ATOM 360  C CD2  . TRP A 1 4 ? 2.745  4.836  2.973   1.00 0.00 ? 4 TRP A CD2  3  
ATOM 361  N NE1  . TRP A 1 4 ? 3.189  4.805  5.145   1.00 0.00 ? 4 TRP A NE1  3  
ATOM 362  C CE2  . TRP A 1 4 ? 2.909  5.677  4.113   1.00 0.00 ? 4 TRP A CE2  3  
ATOM 363  C CE3  . TRP A 1 4 ? 2.442  5.471  1.749   1.00 0.00 ? 4 TRP A CE3  3  
ATOM 364  C CZ2  . TRP A 1 4 ? 2.774  7.072  4.045   1.00 0.00 ? 4 TRP A CZ2  3  
ATOM 365  C CZ3  . TRP A 1 4 ? 2.310  6.869  1.668   1.00 0.00 ? 4 TRP A CZ3  3  
ATOM 366  C CH2  . TRP A 1 4 ? 2.475  7.669  2.812   1.00 0.00 ? 4 TRP A CH2  3  
ATOM 367  H H    . TRP A 1 4 ? 2.554  -0.816 3.066   1.00 0.00 ? 4 TRP A H    3  
ATOM 368  H HA   . TRP A 1 4 ? 2.029  0.996  4.202   1.00 0.00 ? 4 TRP A HA   3  
ATOM 369  H HB2  . TRP A 1 4 ? 3.750  1.714  2.459   1.00 0.00 ? 4 TRP A HB2  3  
ATOM 370  H HB3  . TRP A 1 4 ? 2.456  2.468  1.570   1.00 0.00 ? 4 TRP A HB3  3  
ATOM 371  H HD1  . TRP A 1 4 ? 3.365  2.638  5.349   1.00 0.00 ? 4 TRP A HD1  3  
ATOM 372  H HE1  . TRP A 1 4 ? 3.355  5.063  6.106   1.00 0.00 ? 4 TRP A HE1  3  
ATOM 373  H HE3  . TRP A 1 4 ? 2.307  4.870  0.864   1.00 0.00 ? 4 TRP A HE3  3  
ATOM 374  H HZ2  . TRP A 1 4 ? 2.898  7.679  4.931   1.00 0.00 ? 4 TRP A HZ2  3  
ATOM 375  H HZ3  . TRP A 1 4 ? 2.081  7.335  0.721   1.00 0.00 ? 4 TRP A HZ3  3  
ATOM 376  H HH2  . TRP A 1 4 ? 2.368  8.743  2.741   1.00 0.00 ? 4 TRP A HH2  3  
ATOM 377  N N    . ARG A 1 5 ? -0.016 2.829  2.738   1.00 0.00 ? 5 ARG A N    3  
ATOM 378  C CA   . ARG A 1 5 ? -1.373 3.326  2.528   1.00 0.00 ? 5 ARG A CA   3  
ATOM 379  C C    . ARG A 1 5 ? -1.946 2.885  1.169   1.00 0.00 ? 5 ARG A C    3  
ATOM 380  O O    . ARG A 1 5 ? -3.164 2.923  0.990   1.00 0.00 ? 5 ARG A O    3  
ATOM 381  C CB   . ARG A 1 5 ? -1.363 4.862  2.621   1.00 0.00 ? 5 ARG A CB   3  
ATOM 382  C CG   . ARG A 1 5 ? -0.946 5.358  4.016   1.00 0.00 ? 5 ARG A CG   3  
ATOM 383  C CD   . ARG A 1 5 ? -0.953 6.886  4.085   1.00 0.00 ? 5 ARG A CD   3  
ATOM 384  N NE   . ARG A 1 5 ? -0.434 7.354  5.378   1.00 0.00 ? 5 ARG A NE   3  
ATOM 385  C CZ   . ARG A 1 5 ? -0.460 8.619  5.829   1.00 0.00 ? 5 ARG A CZ   3  
ATOM 386  N NH1  . ARG A 1 5 ? -1.002 9.612  5.106   1.00 0.00 ? 5 ARG A NH1  3  
ATOM 387  N NH2  . ARG A 1 5 ? 0.067  8.897  7.028   1.00 0.00 ? 5 ARG A NH2  3  
ATOM 388  H H    . ARG A 1 5 ? 0.704  3.518  2.557   1.00 0.00 ? 5 ARG A H    3  
ATOM 389  H HA   . ARG A 1 5 ? -2.018 2.939  3.319   1.00 0.00 ? 5 ARG A HA   3  
ATOM 390  H HB2  . ARG A 1 5 ? -0.678 5.265  1.874   1.00 0.00 ? 5 ARG A HB2  3  
ATOM 391  H HB3  . ARG A 1 5 ? -2.365 5.237  2.405   1.00 0.00 ? 5 ARG A HB3  3  
ATOM 392  H HG2  . ARG A 1 5 ? -1.639 4.964  4.762   1.00 0.00 ? 5 ARG A HG2  3  
ATOM 393  H HG3  . ARG A 1 5 ? 0.056  5.003  4.249   1.00 0.00 ? 5 ARG A HG3  3  
ATOM 394  H HD2  . ARG A 1 5 ? -0.325 7.288  3.289   1.00 0.00 ? 5 ARG A HD2  3  
ATOM 395  H HD3  . ARG A 1 5 ? -1.972 7.249  3.949   1.00 0.00 ? 5 ARG A HD3  3  
ATOM 396  H HE   . ARG A 1 5 ? -0.013 6.650  5.969   1.00 0.00 ? 5 ARG A HE   3  
ATOM 397  H HH11 . ARG A 1 5 ? -1.406 9.415  4.202   1.00 0.00 ? 5 ARG A HH11 3  
ATOM 398  H HH12 . ARG A 1 5 ? -1.015 10.553 5.470   1.00 0.00 ? 5 ARG A HH12 3  
ATOM 399  H HH21 . ARG A 1 5 ? 0.478  8.161  7.582   1.00 0.00 ? 5 ARG A HH21 3  
ATOM 400  H HH22 . ARG A 1 5 ? 0.050  9.844  7.380   1.00 0.00 ? 5 ARG A HH22 3  
ATOM 401  N N    . PHE A 1 6 ? -1.086 2.460  0.230   1.00 0.00 ? 6 PHE A N    3  
ATOM 402  C CA   . PHE A 1 6 ? -1.410 2.050  -1.122  1.00 0.00 ? 6 PHE A CA   3  
ATOM 403  C C    . PHE A 1 6 ? -1.660 0.538  -1.224  1.00 0.00 ? 6 PHE A C    3  
ATOM 404  O O    . PHE A 1 6 ? -1.864 -0.163 -0.230  1.00 0.00 ? 6 PHE A O    3  
ATOM 405  C CB   . PHE A 1 6 ? -0.295 2.550  -2.063  1.00 0.00 ? 6 PHE A CB   3  
ATOM 406  C CG   . PHE A 1 6 ? -0.003 4.039  -1.977  1.00 0.00 ? 6 PHE A CG   3  
ATOM 407  C CD1  . PHE A 1 6 ? -1.050 4.980  -2.066  1.00 0.00 ? 6 PHE A CD1  3  
ATOM 408  C CD2  . PHE A 1 6 ? 1.323  4.490  -1.822  1.00 0.00 ? 6 PHE A CD2  3  
ATOM 409  C CE1  . PHE A 1 6 ? -0.774 6.355  -1.984  1.00 0.00 ? 6 PHE A CE1  3  
ATOM 410  C CE2  . PHE A 1 6 ? 1.597  5.867  -1.751  1.00 0.00 ? 6 PHE A CE2  3  
ATOM 411  C CZ   . PHE A 1 6 ? 0.549  6.800  -1.827  1.00 0.00 ? 6 PHE A CZ   3  
ATOM 412  H H    . PHE A 1 6 ? -0.097 2.470  0.405   1.00 0.00 ? 6 PHE A H    3  
ATOM 413  H HA   . PHE A 1 6 ? -2.336 2.532  -1.419  1.00 0.00 ? 6 PHE A HA   3  
ATOM 414  H HB2  . PHE A 1 6 ? 0.617  1.991  -1.847  1.00 0.00 ? 6 PHE A HB2  3  
ATOM 415  H HB3  . PHE A 1 6 ? -0.573 2.343  -3.097  1.00 0.00 ? 6 PHE A HB3  3  
ATOM 416  H HD1  . PHE A 1 6 ? -2.072 4.655  -2.194  1.00 0.00 ? 6 PHE A HD1  3  
ATOM 417  H HD2  . PHE A 1 6 ? 2.137  3.783  -1.758  1.00 0.00 ? 6 PHE A HD2  3  
ATOM 418  H HE1  . PHE A 1 6 ? -1.582 7.071  -2.044  1.00 0.00 ? 6 PHE A HE1  3  
ATOM 419  H HE2  . PHE A 1 6 ? 2.616  6.208  -1.633  1.00 0.00 ? 6 PHE A HE2  3  
ATOM 420  H HZ   . PHE A 1 6 ? 0.761  7.858  -1.766  1.00 0.00 ? 6 PHE A HZ   3  
ATOM 421  N N    . ARG A 1 1 ? -1.437 0.034  -2.675  1.00 0.00 ? 1 ARG A N    4  
ATOM 422  C CA   . ARG A 1 1 ? -1.815 -1.267 -3.192  1.00 0.00 ? 1 ARG A CA   4  
ATOM 423  C C    . ARG A 1 1 ? -1.080 -2.407 -2.491  1.00 0.00 ? 1 ARG A C    4  
ATOM 424  O O    . ARG A 1 1 ? -1.703 -3.205 -1.791  1.00 0.00 ? 1 ARG A O    4  
ATOM 425  C CB   . ARG A 1 1 ? -1.593 -1.280 -4.715  1.00 0.00 ? 1 ARG A CB   4  
ATOM 426  C CG   . ARG A 1 1 ? -2.344 -0.123 -5.396  1.00 0.00 ? 1 ARG A CG   4  
ATOM 427  C CD   . ARG A 1 1 ? -2.438 -0.298 -6.908  1.00 0.00 ? 1 ARG A CD   4  
ATOM 428  N NE   . ARG A 1 1 ? -1.127 -0.257 -7.572  1.00 0.00 ? 1 ARG A NE   4  
ATOM 429  C CZ   . ARG A 1 1 ? -0.603 -1.180 -8.401  1.00 0.00 ? 1 ARG A CZ   4  
ATOM 430  N NH1  . ARG A 1 1 ? -1.254 -2.312 -8.707  1.00 0.00 ? 1 ARG A NH1  4  
ATOM 431  N NH2  . ARG A 1 1 ? 0.601  -0.955 -8.942  1.00 0.00 ? 1 ARG A NH2  4  
ATOM 432  H H    . ARG A 1 1 ? -0.962 0.610  -3.345  1.00 0.00 ? 1 ARG A H    4  
ATOM 433  H HA   . ARG A 1 1 ? -2.884 -1.388 -3.036  1.00 0.00 ? 1 ARG A HA   4  
ATOM 434  H HB2  . ARG A 1 1 ? -0.530 -1.191 -4.945  1.00 0.00 ? 1 ARG A HB2  4  
ATOM 435  H HB3  . ARG A 1 1 ? -1.959 -2.231 -5.109  1.00 0.00 ? 1 ARG A HB3  4  
ATOM 436  H HG2  . ARG A 1 1 ? -3.361 -0.078 -5.003  1.00 0.00 ? 1 ARG A HG2  4  
ATOM 437  H HG3  . ARG A 1 1 ? -1.848 0.825  -5.182  1.00 0.00 ? 1 ARG A HG3  4  
ATOM 438  H HD2  . ARG A 1 1 ? -2.945 -1.241 -7.105  1.00 0.00 ? 1 ARG A HD2  4  
ATOM 439  H HD3  . ARG A 1 1 ? -3.040 0.525  -7.291  1.00 0.00 ? 1 ARG A HD3  4  
ATOM 440  H HE   . ARG A 1 1 ? -0.584 0.577  -7.418  1.00 0.00 ? 1 ARG A HE   4  
ATOM 441  H HH11 . ARG A 1 1 ? -2.166 -2.493 -8.314  1.00 0.00 ? 1 ARG A HH11 4  
ATOM 442  H HH12 . ARG A 1 1 ? -0.835 -2.979 -9.341  1.00 0.00 ? 1 ARG A HH12 4  
ATOM 443  H HH21 . ARG A 1 1 ? 1.101  -0.104 -8.726  1.00 0.00 ? 1 ARG A HH21 4  
ATOM 444  H HH22 . ARG A 1 1 ? 1.006  -1.631 -9.574  1.00 0.00 ? 1 ARG A HH22 4  
ATOM 445  N N    . ARG A 1 2 ? 0.235  -2.484 -2.713  1.00 0.00 ? 2 ARG A N    4  
ATOM 446  C CA   . ARG A 1 2 ? 1.086  -3.595 -2.323  1.00 0.00 ? 2 ARG A CA   4  
ATOM 447  C C    . ARG A 1 2 ? 1.471  -3.533 -0.839  1.00 0.00 ? 2 ARG A C    4  
ATOM 448  O O    . ARG A 1 2 ? 1.799  -4.567 -0.256  1.00 0.00 ? 2 ARG A O    4  
ATOM 449  C CB   . ARG A 1 2 ? 2.346  -3.572 -3.206  1.00 0.00 ? 2 ARG A CB   4  
ATOM 450  C CG   . ARG A 1 2 ? 2.011  -3.439 -4.707  1.00 0.00 ? 2 ARG A CG   4  
ATOM 451  C CD   . ARG A 1 2 ? 3.242  -3.556 -5.605  1.00 0.00 ? 2 ARG A CD   4  
ATOM 452  N NE   . ARG A 1 2 ? 3.814  -4.908 -5.571  1.00 0.00 ? 2 ARG A NE   4  
ATOM 453  C CZ   . ARG A 1 2 ? 3.395  -5.966 -6.289  1.00 0.00 ? 2 ARG A CZ   4  
ATOM 454  N NH1  . ARG A 1 2 ? 2.367  -5.875 -7.148  1.00 0.00 ? 2 ARG A NH1  4  
ATOM 455  N NH2  . ARG A 1 2 ? 4.016  -7.142 -6.140  1.00 0.00 ? 2 ARG A NH2  4  
ATOM 456  H H    . ARG A 1 2 ? 0.675  -1.793 -3.304  1.00 0.00 ? 2 ARG A H    4  
ATOM 457  H HA   . ARG A 1 2 ? 0.550  -4.527 -2.509  1.00 0.00 ? 2 ARG A HA   4  
ATOM 458  H HB2  . ARG A 1 2 ? 2.976  -2.732 -2.919  1.00 0.00 ? 2 ARG A HB2  4  
ATOM 459  H HB3  . ARG A 1 2 ? 2.902  -4.494 -3.034  1.00 0.00 ? 2 ARG A HB3  4  
ATOM 460  H HG2  . ARG A 1 2 ? 1.283  -4.202 -4.983  1.00 0.00 ? 2 ARG A HG2  4  
ATOM 461  H HG3  . ARG A 1 2 ? 1.574  -2.459 -4.893  1.00 0.00 ? 2 ARG A HG3  4  
ATOM 462  H HD2  . ARG A 1 2 ? 2.960  -3.307 -6.629  1.00 0.00 ? 2 ARG A HD2  4  
ATOM 463  H HD3  . ARG A 1 2 ? 3.996  -2.840 -5.276  1.00 0.00 ? 2 ARG A HD3  4  
ATOM 464  H HE   . ARG A 1 2 ? 4.561  -5.043 -4.908  1.00 0.00 ? 2 ARG A HE   4  
ATOM 465  H HH11 . ARG A 1 2 ? 1.884  -4.996 -7.265  1.00 0.00 ? 2 ARG A HH11 4  
ATOM 466  H HH12 . ARG A 1 2 ? 2.070  -6.687 -7.671  1.00 0.00 ? 2 ARG A HH12 4  
ATOM 467  H HH21 . ARG A 1 2 ? 4.791  -7.225 -5.499  1.00 0.00 ? 2 ARG A HH21 4  
ATOM 468  H HH22 . ARG A 1 2 ? 3.712  -7.945 -6.672  1.00 0.00 ? 2 ARG A HH22 4  
ATOM 469  N N    . TRP A 1 3 ? 1.442  -2.329 -0.245  1.00 0.00 ? 3 TRP A N    4  
ATOM 470  C CA   . TRP A 1 3 ? 1.917  -1.998 1.087   1.00 0.00 ? 3 TRP A CA   4  
ATOM 471  C C    . TRP A 1 3 ? 1.457  -0.588 1.491   1.00 0.00 ? 3 TRP A C    4  
ATOM 472  O O    . TRP A 1 3 ? 0.809  0.111  0.714   1.00 0.00 ? 3 TRP A O    4  
ATOM 473  C CB   . TRP A 1 3 ? 3.443  -2.226 1.169   1.00 0.00 ? 3 TRP A CB   4  
ATOM 474  C CG   . TRP A 1 3 ? 4.387  -1.781 0.074   1.00 0.00 ? 3 TRP A CG   4  
ATOM 475  C CD1  . TRP A 1 3 ? 5.635  -2.294 -0.024  1.00 0.00 ? 3 TRP A CD1  4  
ATOM 476  C CD2  . TRP A 1 3 ? 4.239  -0.910 -1.108  1.00 0.00 ? 3 TRP A CD2  4  
ATOM 477  N NE1  . TRP A 1 3 ? 6.261  -1.835 -1.157  1.00 0.00 ? 3 TRP A NE1  4  
ATOM 478  C CE2  . TRP A 1 3 ? 5.443  -0.997 -1.878  1.00 0.00 ? 3 TRP A CE2  4  
ATOM 479  C CE3  . TRP A 1 3 ? 3.230  -0.078 -1.654  1.00 0.00 ? 3 TRP A CE3  4  
ATOM 480  C CZ2  . TRP A 1 3 ? 5.624  -0.333 -3.101  1.00 0.00 ? 3 TRP A CZ2  4  
ATOM 481  C CZ3  . TRP A 1 3 ? 3.398  0.597  -2.877  1.00 0.00 ? 3 TRP A CZ3  4  
ATOM 482  C CH2  . TRP A 1 3 ? 4.590  0.468  -3.606  1.00 0.00 ? 3 TRP A CH2  4  
ATOM 483  H H    . TRP A 1 3 ? 1.137  -1.518 -0.773  1.00 0.00 ? 3 TRP A H    4  
ATOM 484  H HA   . TRP A 1 3 ? 1.463  -2.707 1.786   1.00 0.00 ? 3 TRP A HA   4  
ATOM 485  H HB2  . TRP A 1 3 ? 3.804  -1.794 2.103   1.00 0.00 ? 3 TRP A HB2  4  
ATOM 486  H HB3  . TRP A 1 3 ? 3.587  -3.302 1.278   1.00 0.00 ? 3 TRP A HB3  4  
ATOM 487  H HD1  . TRP A 1 3 ? 6.066  -3.005 0.666   1.00 0.00 ? 3 TRP A HD1  4  
ATOM 488  H HE1  . TRP A 1 3 ? 7.190  -2.130 -1.424  1.00 0.00 ? 3 TRP A HE1  4  
ATOM 489  H HE3  . TRP A 1 3 ? 2.294  0.048  -1.148  1.00 0.00 ? 3 TRP A HE3  4  
ATOM 490  H HZ2  . TRP A 1 3 ? 6.547  -0.441 -3.652  1.00 0.00 ? 3 TRP A HZ2  4  
ATOM 491  H HZ3  . TRP A 1 3 ? 2.600  1.215  -3.261  1.00 0.00 ? 3 TRP A HZ3  4  
ATOM 492  H HH2  . TRP A 1 3 ? 4.711  0.984  -4.546  1.00 0.00 ? 3 TRP A HH2  4  
ATOM 493  N N    . TRP A 1 4 ? 1.786  -0.178 2.725   1.00 0.00 ? 4 TRP A N    4  
ATOM 494  C CA   . TRP A 1 4 ? 1.562  1.150  3.291   1.00 0.00 ? 4 TRP A CA   4  
ATOM 495  C C    . TRP A 1 4 ? 0.124  1.675  3.057   1.00 0.00 ? 4 TRP A C    4  
ATOM 496  O O    . TRP A 1 4 ? -0.830 0.938  3.306   1.00 0.00 ? 4 TRP A O    4  
ATOM 497  C CB   . TRP A 1 4 ? 2.674  2.086  2.780   1.00 0.00 ? 4 TRP A CB   4  
ATOM 498  C CG   . TRP A 1 4 ? 2.878  3.341  3.582   1.00 0.00 ? 4 TRP A CG   4  
ATOM 499  C CD1  . TRP A 1 4 ? 3.056  3.394  4.921   1.00 0.00 ? 4 TRP A CD1  4  
ATOM 500  C CD2  . TRP A 1 4 ? 2.890  4.733  3.130   1.00 0.00 ? 4 TRP A CD2  4  
ATOM 501  N NE1  . TRP A 1 4 ? 3.170  4.706  5.329   1.00 0.00 ? 4 TRP A NE1  4  
ATOM 502  C CE2  . TRP A 1 4 ? 3.076  5.577  4.266   1.00 0.00 ? 4 TRP A CE2  4  
ATOM 503  C CE3  . TRP A 1 4 ? 2.752  5.373  1.877   1.00 0.00 ? 4 TRP A CE3  4  
ATOM 504  C CZ2  . TRP A 1 4 ? 3.125  6.977  4.169   1.00 0.00 ? 4 TRP A CZ2  4  
ATOM 505  C CZ3  . TRP A 1 4 ? 2.809  6.776  1.766   1.00 0.00 ? 4 TRP A CZ3  4  
ATOM 506  C CH2  . TRP A 1 4 ? 2.993  7.578  2.907   1.00 0.00 ? 4 TRP A CH2  4  
ATOM 507  H H    . TRP A 1 4 ? 2.298  -0.823 3.311   1.00 0.00 ? 4 TRP A H    4  
ATOM 508  H HA   . TRP A 1 4 ? 1.697  1.023  4.369   1.00 0.00 ? 4 TRP A HA   4  
ATOM 509  H HB2  . TRP A 1 4 ? 3.609  1.524  2.757   1.00 0.00 ? 4 TRP A HB2  4  
ATOM 510  H HB3  . TRP A 1 4 ? 2.462  2.358  1.745   1.00 0.00 ? 4 TRP A HB3  4  
ATOM 511  H HD1  . TRP A 1 4 ? 3.088  2.540  5.582   1.00 0.00 ? 4 TRP A HD1  4  
ATOM 512  H HE1  . TRP A 1 4 ? 3.300  4.967  6.297   1.00 0.00 ? 4 TRP A HE1  4  
ATOM 513  H HE3  . TRP A 1 4 ? 2.603  4.775  0.990   1.00 0.00 ? 4 TRP A HE3  4  
ATOM 514  H HZ2  . TRP A 1 4 ? 3.264  7.583  5.051   1.00 0.00 ? 4 TRP A HZ2  4  
ATOM 515  H HZ3  . TRP A 1 4 ? 2.712  7.247  0.801   1.00 0.00 ? 4 TRP A HZ3  4  
ATOM 516  H HH2  . TRP A 1 4 ? 3.034  8.653  2.812   1.00 0.00 ? 4 TRP A HH2  4  
ATOM 517  N N    . ARG A 1 5 ? -0.041 2.932  2.601   1.00 0.00 ? 5 ARG A N    4  
ATOM 518  C CA   . ARG A 1 5 ? -1.325 3.550  2.276   1.00 0.00 ? 5 ARG A CA   4  
ATOM 519  C C    . ARG A 1 5 ? -1.887 3.070  0.926   1.00 0.00 ? 5 ARG A C    4  
ATOM 520  O O    . ARG A 1 5 ? -3.066 3.293  0.656   1.00 0.00 ? 5 ARG A O    4  
ATOM 521  C CB   . ARG A 1 5 ? -1.152 5.081  2.258   1.00 0.00 ? 5 ARG A CB   4  
ATOM 522  C CG   . ARG A 1 5 ? -0.786 5.637  3.644   1.00 0.00 ? 5 ARG A CG   4  
ATOM 523  C CD   . ARG A 1 5 ? -0.680 7.164  3.621   1.00 0.00 ? 5 ARG A CD   4  
ATOM 524  N NE   . ARG A 1 5 ? -0.279 7.678  4.938   1.00 0.00 ? 5 ARG A NE   4  
ATOM 525  C CZ   . ARG A 1 5 ? -0.357 8.958  5.346   1.00 0.00 ? 5 ARG A CZ   4  
ATOM 526  N NH1  . ARG A 1 5 ? -0.820 9.927  4.541   1.00 0.00 ? 5 ARG A NH1  4  
ATOM 527  N NH2  . ARG A 1 5 ? 0.035  9.271  6.588   1.00 0.00 ? 5 ARG A NH2  4  
ATOM 528  H H    . ARG A 1 5 ? 0.765  3.510  2.399   1.00 0.00 ? 5 ARG A H    4  
ATOM 529  H HA   . ARG A 1 5 ? -2.046 3.296  3.054   1.00 0.00 ? 5 ARG A HA   4  
ATOM 530  H HB2  . ARG A 1 5 ? -0.376 5.352  1.539   1.00 0.00 ? 5 ARG A HB2  4  
ATOM 531  H HB3  . ARG A 1 5 ? -2.090 5.538  1.940   1.00 0.00 ? 5 ARG A HB3  4  
ATOM 532  H HG2  . ARG A 1 5 ? -1.553 5.347  4.362   1.00 0.00 ? 5 ARG A HG2  4  
ATOM 533  H HG3  . ARG A 1 5 ? 0.170  5.224  3.966   1.00 0.00 ? 5 ARG A HG3  4  
ATOM 534  H HD2  . ARG A 1 5 ? 0.062  7.466  2.881   1.00 0.00 ? 5 ARG A HD2  4  
ATOM 535  H HD3  . ARG A 1 5 ? -1.647 7.586  3.345   1.00 0.00 ? 5 ARG A HD3  4  
ATOM 536  H HE   . ARG A 1 5 ? 0.081  6.997  5.592   1.00 0.00 ? 5 ARG A HE   4  
ATOM 537  H HH11 . ARG A 1 5 ? -1.121 9.704  3.604   1.00 0.00 ? 5 ARG A HH11 4  
ATOM 538  H HH12 . ARG A 1 5 ? -0.871 10.878 4.876   1.00 0.00 ? 5 ARG A HH12 4  
ATOM 539  H HH21 . ARG A 1 5 ? 0.384  8.551  7.204   1.00 0.00 ? 5 ARG A HH21 4  
ATOM 540  H HH22 . ARG A 1 5 ? -0.020 10.227 6.909   1.00 0.00 ? 5 ARG A HH22 4  
ATOM 541  N N    . PHE A 1 6 ? -1.062 2.413  0.093   1.00 0.00 ? 6 PHE A N    4  
ATOM 542  C CA   . PHE A 1 6 ? -1.349 2.026  -1.278  1.00 0.00 ? 6 PHE A CA   4  
ATOM 543  C C    . PHE A 1 6 ? -1.599 0.518  -1.438  1.00 0.00 ? 6 PHE A C    4  
ATOM 544  O O    . PHE A 1 6 ? -2.021 -0.157 -0.496  1.00 0.00 ? 6 PHE A O    4  
ATOM 545  C CB   . PHE A 1 6 ? -0.278 2.651  -2.192  1.00 0.00 ? 6 PHE A CB   4  
ATOM 546  C CG   . PHE A 1 6 ? -0.230 4.171  -2.088  1.00 0.00 ? 6 PHE A CG   4  
ATOM 547  C CD1  . PHE A 1 6 ? -1.385 4.933  -2.361  1.00 0.00 ? 6 PHE A CD1  4  
ATOM 548  C CD2  . PHE A 1 6 ? 0.949  4.824  -1.681  1.00 0.00 ? 6 PHE A CD2  4  
ATOM 549  C CE1  . PHE A 1 6 ? -1.369 6.330  -2.209  1.00 0.00 ? 6 PHE A CE1  4  
ATOM 550  C CE2  . PHE A 1 6 ? 0.969  6.224  -1.545  1.00 0.00 ? 6 PHE A CE2  4  
ATOM 551  C CZ   . PHE A 1 6 ? -0.191 6.977  -1.799  1.00 0.00 ? 6 PHE A CZ   4  
ATOM 552  H H    . PHE A 1 6 ? -0.091 2.321  0.343   1.00 0.00 ? 6 PHE A H    4  
ATOM 553  H HA   . PHE A 1 6 ? -2.292 2.475  -1.561  1.00 0.00 ? 6 PHE A HA   4  
ATOM 554  H HB2  . PHE A 1 6 ? 0.695  2.233  -1.937  1.00 0.00 ? 6 PHE A HB2  4  
ATOM 555  H HB3  . PHE A 1 6 ? -0.490 2.402  -3.232  1.00 0.00 ? 6 PHE A HB3  4  
ATOM 556  H HD1  . PHE A 1 6 ? -2.300 4.450  -2.675  1.00 0.00 ? 6 PHE A HD1  4  
ATOM 557  H HD2  . PHE A 1 6 ? 1.844  4.258  -1.467  1.00 0.00 ? 6 PHE A HD2  4  
ATOM 558  H HE1  . PHE A 1 6 ? -2.262 6.906  -2.406  1.00 0.00 ? 6 PHE A HE1  4  
ATOM 559  H HE2  . PHE A 1 6 ? 1.876  6.723  -1.245  1.00 0.00 ? 6 PHE A HE2  4  
ATOM 560  H HZ   . PHE A 1 6 ? -0.177 8.050  -1.684  1.00 0.00 ? 6 PHE A HZ   4  
ATOM 561  N N    . ARG A 1 1 ? -1.267 0.160  -2.731  1.00 0.00 ? 1 ARG A N    5  
ATOM 562  C CA   . ARG A 1 1 ? -1.519 -1.134 -3.348  1.00 0.00 ? 1 ARG A CA   5  
ATOM 563  C C    . ARG A 1 1 ? -0.813 -2.283 -2.622  1.00 0.00 ? 1 ARG A C    5  
ATOM 564  O O    . ARG A 1 1 ? -1.475 -3.115 -2.004  1.00 0.00 ? 1 ARG A O    5  
ATOM 565  C CB   . ARG A 1 1 ? -1.129 -1.084 -4.840  1.00 0.00 ? 1 ARG A CB   5  
ATOM 566  C CG   . ARG A 1 1 ? -2.196 -0.426 -5.731  1.00 0.00 ? 1 ARG A CG   5  
ATOM 567  C CD   . ARG A 1 1 ? -2.394 1.093  -5.577  1.00 0.00 ? 1 ARG A CD   5  
ATOM 568  N NE   . ARG A 1 1 ? -1.648 1.870  -6.570  1.00 0.00 ? 1 ARG A NE   5  
ATOM 569  C CZ   . ARG A 1 1 ? -0.374 2.300  -6.515  1.00 0.00 ? 1 ARG A CZ   5  
ATOM 570  N NH1  . ARG A 1 1 ? 0.456  1.951  -5.524  1.00 0.00 ? 1 ARG A NH1  5  
ATOM 571  N NH2  . ARG A 1 1 ? 0.082  3.106  -7.483  1.00 0.00 ? 1 ARG A NH2  5  
ATOM 572  H H    . ARG A 1 1 ? -0.969 0.887  -3.362  1.00 0.00 ? 1 ARG A H    5  
ATOM 573  H HA   . ARG A 1 1 ? -2.595 -1.304 -3.313  1.00 0.00 ? 1 ARG A HA   5  
ATOM 574  H HB2  . ARG A 1 1 ? -0.166 -0.593 -4.966  1.00 0.00 ? 1 ARG A HB2  5  
ATOM 575  H HB3  . ARG A 1 1 ? -1.019 -2.113 -5.191  1.00 0.00 ? 1 ARG A HB3  5  
ATOM 576  H HG2  . ARG A 1 1 ? -1.949 -0.639 -6.773  1.00 0.00 ? 1 ARG A HG2  5  
ATOM 577  H HG3  . ARG A 1 1 ? -3.148 -0.910 -5.520  1.00 0.00 ? 1 ARG A HG3  5  
ATOM 578  H HD2  . ARG A 1 1 ? -3.451 1.305  -5.739  1.00 0.00 ? 1 ARG A HD2  5  
ATOM 579  H HD3  . ARG A 1 1 ? -2.152 1.443  -4.579  1.00 0.00 ? 1 ARG A HD3  5  
ATOM 580  H HE   . ARG A 1 1 ? -2.201 2.141  -7.365  1.00 0.00 ? 1 ARG A HE   5  
ATOM 581  H HH11 . ARG A 1 1 ? 0.131  1.344  -4.784  1.00 0.00 ? 1 ARG A HH11 5  
ATOM 582  H HH12 . ARG A 1 1 ? 1.406  2.296  -5.513  1.00 0.00 ? 1 ARG A HH12 5  
ATOM 583  H HH21 . ARG A 1 1 ? -0.532 3.391  -8.233  1.00 0.00 ? 1 ARG A HH21 5  
ATOM 584  H HH22 . ARG A 1 1 ? 1.033  3.445  -7.452  1.00 0.00 ? 1 ARG A HH22 5  
ATOM 585  N N    . ARG A 1 2 ? 0.521  -2.336 -2.732  1.00 0.00 ? 2 ARG A N    5  
ATOM 586  C CA   . ARG A 1 2 ? 1.362  -3.434 -2.259  1.00 0.00 ? 2 ARG A CA   5  
ATOM 587  C C    . ARG A 1 2 ? 1.457  -3.480 -0.733  1.00 0.00 ? 2 ARG A C    5  
ATOM 588  O O    . ARG A 1 2 ? 1.609  -4.555 -0.153  1.00 0.00 ? 2 ARG A O    5  
ATOM 589  C CB   . ARG A 1 2 ? 2.797  -3.229 -2.774  1.00 0.00 ? 2 ARG A CB   5  
ATOM 590  C CG   . ARG A 1 2 ? 2.927  -3.158 -4.299  1.00 0.00 ? 2 ARG A CG   5  
ATOM 591  C CD   . ARG A 1 2 ? 4.310  -2.645 -4.727  1.00 0.00 ? 2 ARG A CD   5  
ATOM 592  N NE   . ARG A 1 2 ? 5.413  -3.450 -4.177  1.00 0.00 ? 2 ARG A NE   5  
ATOM 593  C CZ   . ARG A 1 2 ? 6.716  -3.116 -4.215  1.00 0.00 ? 2 ARG A CZ   5  
ATOM 594  N NH1  . ARG A 1 2 ? 7.135  -1.990 -4.812  1.00 0.00 ? 2 ARG A NH1  5  
ATOM 595  N NH2  . ARG A 1 2 ? 7.618  -3.926 -3.645  1.00 0.00 ? 2 ARG A NH2  5  
ATOM 596  H H    . ARG A 1 2 ? 0.988  -1.596 -3.239  1.00 0.00 ? 2 ARG A H    5  
ATOM 597  H HA   . ARG A 1 2 ? 0.973  -4.382 -2.633  1.00 0.00 ? 2 ARG A HA   5  
ATOM 598  H HB2  . ARG A 1 2 ? 3.182  -2.300 -2.363  1.00 0.00 ? 2 ARG A HB2  5  
ATOM 599  H HB3  . ARG A 1 2 ? 3.420  -4.043 -2.403  1.00 0.00 ? 2 ARG A HB3  5  
ATOM 600  H HG2  . ARG A 1 2 ? 2.746  -4.149 -4.710  1.00 0.00 ? 2 ARG A HG2  5  
ATOM 601  H HG3  . ARG A 1 2 ? 2.185  -2.465 -4.694  1.00 0.00 ? 2 ARG A HG3  5  
ATOM 602  H HD2  . ARG A 1 2 ? 4.371  -2.658 -5.815  1.00 0.00 ? 2 ARG A HD2  5  
ATOM 603  H HD3  . ARG A 1 2 ? 4.420  -1.615 -4.387  1.00 0.00 ? 2 ARG A HD3  5  
ATOM 604  H HE   . ARG A 1 2 ? 5.157  -4.309 -3.714  1.00 0.00 ? 2 ARG A HE   5  
ATOM 605  H HH11 . ARG A 1 2 ? 6.466  -1.369 -5.246  1.00 0.00 ? 2 ARG A HH11 5  
ATOM 606  H HH12 . ARG A 1 2 ? 8.119  -1.763 -4.831  1.00 0.00 ? 2 ARG A HH12 5  
ATOM 607  H HH21 . ARG A 1 2 ? 7.317  -4.776 -3.191  1.00 0.00 ? 2 ARG A HH21 5  
ATOM 608  H HH22 . ARG A 1 2 ? 8.598  -3.685 -3.671  1.00 0.00 ? 2 ARG A HH22 5  
ATOM 609  N N    . TRP A 1 3 ? 1.411  -2.295 -0.113  1.00 0.00 ? 3 TRP A N    5  
ATOM 610  C CA   . TRP A 1 3 ? 1.708  -2.042 1.290   1.00 0.00 ? 3 TRP A CA   5  
ATOM 611  C C    . TRP A 1 3 ? 1.251  -0.636 1.704   1.00 0.00 ? 3 TRP A C    5  
ATOM 612  O O    . TRP A 1 3 ? 0.666  0.096  0.908   1.00 0.00 ? 3 TRP A O    5  
ATOM 613  C CB   . TRP A 1 3 ? 3.217  -2.276 1.534   1.00 0.00 ? 3 TRP A CB   5  
ATOM 614  C CG   . TRP A 1 3 ? 4.293  -1.644 0.673   1.00 0.00 ? 3 TRP A CG   5  
ATOM 615  C CD1  . TRP A 1 3 ? 5.591  -2.002 0.807   1.00 0.00 ? 3 TRP A CD1  5  
ATOM 616  C CD2  . TRP A 1 3 ? 4.275  -0.693 -0.459  1.00 0.00 ? 3 TRP A CD2  5  
ATOM 617  N NE1  . TRP A 1 3 ? 6.366  -1.385 -0.143  1.00 0.00 ? 3 TRP A NE1  5  
ATOM 618  C CE2  . TRP A 1 3 ? 5.608  -0.591 -0.971  1.00 0.00 ? 3 TRP A CE2  5  
ATOM 619  C CE3  . TRP A 1 3 ? 3.301  0.067  -1.156  1.00 0.00 ? 3 TRP A CE3  5  
ATOM 620  C CZ2  . TRP A 1 3 ? 5.944  0.179  -2.096  1.00 0.00 ? 3 TRP A CZ2  5  
ATOM 621  C CZ3  . TRP A 1 3 ? 3.621  0.835  -2.291  1.00 0.00 ? 3 TRP A CZ3  5  
ATOM 622  C CH2  . TRP A 1 3 ? 4.940  0.894  -2.765  1.00 0.00 ? 3 TRP A CH2  5  
ATOM 623  H H    . TRP A 1 3 ? 1.177  -1.491 -0.685  1.00 0.00 ? 3 TRP A H    5  
ATOM 624  H HA   . TRP A 1 3 ? 1.167  -2.778 1.894   1.00 0.00 ? 3 TRP A HA   5  
ATOM 625  H HB2  . TRP A 1 3 ? 3.443  -2.021 2.570   1.00 0.00 ? 3 TRP A HB2  5  
ATOM 626  H HB3  . TRP A 1 3 ? 3.379  -3.353 1.471   1.00 0.00 ? 3 TRP A HB3  5  
ATOM 627  H HD1  . TRP A 1 3 ? 5.962  -2.711 1.533   1.00 0.00 ? 3 TRP A HD1  5  
ATOM 628  H HE1  . TRP A 1 3 ? 7.358  -1.551 -0.232  1.00 0.00 ? 3 TRP A HE1  5  
ATOM 629  H HE3  . TRP A 1 3 ? 2.272  0.048  -0.859  1.00 0.00 ? 3 TRP A HE3  5  
ATOM 630  H HZ2  . TRP A 1 3 ? 6.964  0.214  -2.450  1.00 0.00 ? 3 TRP A HZ2  5  
ATOM 631  H HZ3  . TRP A 1 3 ? 2.841  1.372  -2.812  1.00 0.00 ? 3 TRP A HZ3  5  
ATOM 632  H HH2  . TRP A 1 3 ? 5.179  1.480  -3.639  1.00 0.00 ? 3 TRP A HH2  5  
ATOM 633  N N    . TRP A 1 4 ? 1.539  -0.256 2.957   1.00 0.00 ? 4 TRP A N    5  
ATOM 634  C CA   . TRP A 1 4 ? 1.393  1.090  3.507   1.00 0.00 ? 4 TRP A CA   5  
ATOM 635  C C    . TRP A 1 4 ? -0.011 1.676  3.229   1.00 0.00 ? 4 TRP A C    5  
ATOM 636  O O    . TRP A 1 4 ? -1.004 1.001  3.500   1.00 0.00 ? 4 TRP A O    5  
ATOM 637  C CB   . TRP A 1 4 ? 2.578  1.932  2.995   1.00 0.00 ? 4 TRP A CB   5  
ATOM 638  C CG   . TRP A 1 4 ? 2.844  3.235  3.692   1.00 0.00 ? 4 TRP A CG   5  
ATOM 639  C CD1  . TRP A 1 4 ? 3.123  3.380  5.007   1.00 0.00 ? 4 TRP A CD1  5  
ATOM 640  C CD2  . TRP A 1 4 ? 2.900  4.580  3.125   1.00 0.00 ? 4 TRP A CD2  5  
ATOM 641  N NE1  . TRP A 1 4 ? 3.352  4.710  5.291   1.00 0.00 ? 4 TRP A NE1  5  
ATOM 642  C CE2  . TRP A 1 4 ? 3.242  5.496  4.163   1.00 0.00 ? 4 TRP A CE2  5  
ATOM 643  C CE3  . TRP A 1 4 ? 2.700  5.122  1.836   1.00 0.00 ? 4 TRP A CE3  5  
ATOM 644  C CZ2  . TRP A 1 4 ? 3.403  6.870  3.932   1.00 0.00 ? 4 TRP A CZ2  5  
ATOM 645  C CZ3  . TRP A 1 4 ? 2.847  6.500  1.595   1.00 0.00 ? 4 TRP A CZ3  5  
ATOM 646  C CH2  . TRP A 1 4 ? 3.202  7.374  2.637   1.00 0.00 ? 4 TRP A CH2  5  
ATOM 647  H H    . TRP A 1 4 ? 2.004  -0.933 3.542   1.00 0.00 ? 4 TRP A H    5  
ATOM 648  H HA   . TRP A 1 4 ? 1.501  0.983  4.591   1.00 0.00 ? 4 TRP A HA   5  
ATOM 649  H HB2  . TRP A 1 4 ? 3.484  1.331  3.077   1.00 0.00 ? 4 TRP A HB2  5  
ATOM 650  H HB3  . TRP A 1 4 ? 2.436  2.130  1.931   1.00 0.00 ? 4 TRP A HB3  5  
ATOM 651  H HD1  . TRP A 1 4 ? 3.175  2.576  5.725   1.00 0.00 ? 4 TRP A HD1  5  
ATOM 652  H HE1  . TRP A 1 4 ? 3.589  5.037  6.217   1.00 0.00 ? 4 TRP A HE1  5  
ATOM 653  H HE3  . TRP A 1 4 ? 2.431  4.466  1.021   1.00 0.00 ? 4 TRP A HE3  5  
ATOM 654  H HZ2  . TRP A 1 4 ? 3.673  7.536  4.740   1.00 0.00 ? 4 TRP A HZ2  5  
ATOM 655  H HZ3  . TRP A 1 4 ? 2.695  6.890  0.601   1.00 0.00 ? 4 TRP A HZ3  5  
ATOM 656  H HH2  . TRP A 1 4 ? 3.317  8.430  2.442   1.00 0.00 ? 4 TRP A HH2  5  
ATOM 657  N N    . ARG A 1 5 ? -0.107 2.910  2.700   1.00 0.00 ? 5 ARG A N    5  
ATOM 658  C CA   . ARG A 1 5 ? -1.362 3.569  2.333   1.00 0.00 ? 5 ARG A CA   5  
ATOM 659  C C    . ARG A 1 5 ? -1.913 3.089  0.978   1.00 0.00 ? 5 ARG A C    5  
ATOM 660  O O    . ARG A 1 5 ? -3.086 3.324  0.690   1.00 0.00 ? 5 ARG A O    5  
ATOM 661  C CB   . ARG A 1 5 ? -1.139 5.090  2.285   1.00 0.00 ? 5 ARG A CB   5  
ATOM 662  C CG   . ARG A 1 5 ? -0.685 5.640  3.644   1.00 0.00 ? 5 ARG A CG   5  
ATOM 663  C CD   . ARG A 1 5 ? -0.461 7.151  3.597   1.00 0.00 ? 5 ARG A CD   5  
ATOM 664  N NE   . ARG A 1 5 ? 0.307  7.574  4.773   1.00 0.00 ? 5 ARG A NE   5  
ATOM 665  C CZ   . ARG A 1 5 ? 0.496  8.836  5.198   1.00 0.00 ? 5 ARG A CZ   5  
ATOM 666  N NH1  . ARG A 1 5 ? -0.113 9.876  4.608   1.00 0.00 ? 5 ARG A NH1  5  
ATOM 667  N NH2  . ARG A 1 5 ? 1.314  9.056  6.233   1.00 0.00 ? 5 ARG A NH2  5  
ATOM 668  H H    . ARG A 1 5 ? 0.730  3.447  2.512   1.00 0.00 ? 5 ARG A H    5  
ATOM 669  H HA   . ARG A 1 5 ? -2.103 3.365  3.109   1.00 0.00 ? 5 ARG A HA   5  
ATOM 670  H HB2  . ARG A 1 5 ? -0.388 5.320  1.528   1.00 0.00 ? 5 ARG A HB2  5  
ATOM 671  H HB3  . ARG A 1 5 ? -2.074 5.578  2.005   1.00 0.00 ? 5 ARG A HB3  5  
ATOM 672  H HG2  . ARG A 1 5 ? -1.436 5.414  4.403   1.00 0.00 ? 5 ARG A HG2  5  
ATOM 673  H HG3  . ARG A 1 5 ? 0.252  5.165  3.932   1.00 0.00 ? 5 ARG A HG3  5  
ATOM 674  H HD2  . ARG A 1 5 ? 0.104  7.408  2.702   1.00 0.00 ? 5 ARG A HD2  5  
ATOM 675  H HD3  . ARG A 1 5 ? -1.425 7.661  3.572   1.00 0.00 ? 5 ARG A HD3  5  
ATOM 676  H HE   . ARG A 1 5 ? 0.777  6.830  5.269   1.00 0.00 ? 5 ARG A HE   5  
ATOM 677  H HH11 . ARG A 1 5 ? -0.739 9.719  3.832   1.00 0.00 ? 5 ARG A HH11 5  
ATOM 678  H HH12 . ARG A 1 5 ? 0.043  10.812 4.952   1.00 0.00 ? 5 ARG A HH12 5  
ATOM 679  H HH21 . ARG A 1 5 ? 1.787  8.279  6.673   1.00 0.00 ? 5 ARG A HH21 5  
ATOM 680  H HH22 . ARG A 1 5 ? 1.472  9.998  6.565   1.00 0.00 ? 5 ARG A HH22 5  
ATOM 681  N N    . PHE A 1 6 ? -1.082 2.423  0.158   1.00 0.00 ? 6 PHE A N    5  
ATOM 682  C CA   . PHE A 1 6 ? -1.328 2.068  -1.230  1.00 0.00 ? 6 PHE A CA   5  
ATOM 683  C C    . PHE A 1 6 ? -1.454 0.552  -1.464  1.00 0.00 ? 6 PHE A C    5  
ATOM 684  O O    . PHE A 1 6 ? -1.805 -0.208 -0.561  1.00 0.00 ? 6 PHE A O    5  
ATOM 685  C CB   . PHE A 1 6 ? -0.266 2.779  -2.090  1.00 0.00 ? 6 PHE A CB   5  
ATOM 686  C CG   . PHE A 1 6 ? -0.365 4.296  -2.080  1.00 0.00 ? 6 PHE A CG   5  
ATOM 687  C CD1  . PHE A 1 6 ? -1.532 4.925  -2.558  1.00 0.00 ? 6 PHE A CD1  5  
ATOM 688  C CD2  . PHE A 1 6 ? 0.714  5.083  -1.634  1.00 0.00 ? 6 PHE A CD2  5  
ATOM 689  C CE1  . PHE A 1 6 ? -1.625 6.328  -2.581  1.00 0.00 ? 6 PHE A CE1  5  
ATOM 690  C CE2  . PHE A 1 6 ? 0.623  6.488  -1.664  1.00 0.00 ? 6 PHE A CE2  5  
ATOM 691  C CZ   . PHE A 1 6 ? -0.546 7.109  -2.134  1.00 0.00 ? 6 PHE A CZ   5  
ATOM 692  H H    . PHE A 1 6 ? -0.120 2.320  0.432   1.00 0.00 ? 6 PHE A H    5  
ATOM 693  H HA   . PHE A 1 6 ? -2.294 2.464  -1.519  1.00 0.00 ? 6 PHE A HA   5  
ATOM 694  H HB2  . PHE A 1 6 ? 0.726  2.461  -1.766  1.00 0.00 ? 6 PHE A HB2  5  
ATOM 695  H HB3  . PHE A 1 6 ? -0.381 2.479  -3.125  1.00 0.00 ? 6 PHE A HB3  5  
ATOM 696  H HD1  . PHE A 1 6 ? -2.363 4.337  -2.917  1.00 0.00 ? 6 PHE A HD1  5  
ATOM 697  H HD2  . PHE A 1 6 ? 1.622  4.617  -1.278  1.00 0.00 ? 6 PHE A HD2  5  
ATOM 698  H HE1  . PHE A 1 6 ? -2.522 6.805  -2.948  1.00 0.00 ? 6 PHE A HE1  5  
ATOM 699  H HE2  . PHE A 1 6 ? 1.455  7.091  -1.337  1.00 0.00 ? 6 PHE A HE2  5  
ATOM 700  H HZ   . PHE A 1 6 ? -0.613 8.187  -2.159  1.00 0.00 ? 6 PHE A HZ   5  
ATOM 701  N N    . ARG A 1 1 ? -1.571 0.135  -2.664  1.00 0.00 ? 1 ARG A N    6  
ATOM 702  C CA   . ARG A 1 1 ? -1.952 -1.138 -3.265  1.00 0.00 ? 1 ARG A CA   6  
ATOM 703  C C    . ARG A 1 1 ? -1.197 -2.318 -2.642  1.00 0.00 ? 1 ARG A C    6  
ATOM 704  O O    . ARG A 1 1 ? -1.820 -3.229 -2.098  1.00 0.00 ? 1 ARG A O    6  
ATOM 705  C CB   . ARG A 1 1 ? -1.693 -1.040 -4.783  1.00 0.00 ? 1 ARG A CB   6  
ATOM 706  C CG   . ARG A 1 1 ? -2.634 -0.043 -5.492  1.00 0.00 ? 1 ARG A CG   6  
ATOM 707  C CD   . ARG A 1 1 ? -1.973 0.655  -6.689  1.00 0.00 ? 1 ARG A CD   6  
ATOM 708  N NE   . ARG A 1 1 ? -1.616 -0.281 -7.769  1.00 0.00 ? 1 ARG A NE   6  
ATOM 709  C CZ   . ARG A 1 1 ? -2.127 -0.304 -9.015  1.00 0.00 ? 1 ARG A CZ   6  
ATOM 710  N NH1  . ARG A 1 1 ? -3.109 0.526  -9.399  1.00 0.00 ? 1 ARG A NH1  6  
ATOM 711  N NH2  . ARG A 1 1 ? -1.638 -1.181 -9.903  1.00 0.00 ? 1 ARG A NH2  6  
ATOM 712  H H    . ARG A 1 1 ? -1.349 0.889  -3.296  1.00 0.00 ? 1 ARG A H    6  
ATOM 713  H HA   . ARG A 1 1 ? -3.019 -1.291 -3.106  1.00 0.00 ? 1 ARG A HA   6  
ATOM 714  H HB2  . ARG A 1 1 ? -0.658 -0.730 -4.939  1.00 0.00 ? 1 ARG A HB2  6  
ATOM 715  H HB3  . ARG A 1 1 ? -1.820 -2.022 -5.240  1.00 0.00 ? 1 ARG A HB3  6  
ATOM 716  H HG2  . ARG A 1 1 ? -3.532 -0.565 -5.821  1.00 0.00 ? 1 ARG A HG2  6  
ATOM 717  H HG3  . ARG A 1 1 ? -2.942 0.741  -4.799  1.00 0.00 ? 1 ARG A HG3  6  
ATOM 718  H HD2  . ARG A 1 1 ? -2.655 1.420  -7.062  1.00 0.00 ? 1 ARG A HD2  6  
ATOM 719  H HD3  . ARG A 1 1 ? -1.067 1.156  -6.350  1.00 0.00 ? 1 ARG A HD3  6  
ATOM 720  H HE   . ARG A 1 1 ? -0.884 -0.943 -7.555  1.00 0.00 ? 1 ARG A HE   6  
ATOM 721  H HH11 . ARG A 1 1 ? -3.489 1.194  -8.744  1.00 0.00 ? 1 ARG A HH11 6  
ATOM 722  H HH12 . ARG A 1 1 ? -3.467 0.483  -10.342 1.00 0.00 ? 1 ARG A HH12 6  
ATOM 723  H HH21 . ARG A 1 1 ? -0.893 -1.808 -9.635  1.00 0.00 ? 1 ARG A HH21 6  
ATOM 724  H HH22 . ARG A 1 1 ? -2.008 -1.206 -10.842 1.00 0.00 ? 1 ARG A HH22 6  
ATOM 725  N N    . ARG A 1 2 ? 0.137  -2.295 -2.747  1.00 0.00 ? 2 ARG A N    6  
ATOM 726  C CA   . ARG A 1 2 ? 1.043  -3.381 -2.393  1.00 0.00 ? 2 ARG A CA   6  
ATOM 727  C C    . ARG A 1 2 ? 1.311  -3.397 -0.885  1.00 0.00 ? 2 ARG A C    6  
ATOM 728  O O    . ARG A 1 2 ? 1.349  -4.467 -0.277  1.00 0.00 ? 2 ARG A O    6  
ATOM 729  C CB   . ARG A 1 2 ? 2.366  -3.161 -3.150  1.00 0.00 ? 2 ARG A CB   6  
ATOM 730  C CG   . ARG A 1 2 ? 2.180  -3.133 -4.677  1.00 0.00 ? 2 ARG A CG   6  
ATOM 731  C CD   . ARG A 1 2 ? 3.284  -2.353 -5.396  1.00 0.00 ? 2 ARG A CD   6  
ATOM 732  N NE   . ARG A 1 2 ? 4.583  -3.035 -5.364  1.00 0.00 ? 2 ARG A NE   6  
ATOM 733  C CZ   . ARG A 1 2 ? 5.696  -2.578 -5.967  1.00 0.00 ? 2 ARG A CZ   6  
ATOM 734  N NH1  . ARG A 1 2 ? 5.709  -1.404 -6.616  1.00 0.00 ? 2 ARG A NH1  6  
ATOM 735  N NH2  . ARG A 1 2 ? 6.815  -3.314 -5.926  1.00 0.00 ? 2 ARG A NH2  6  
ATOM 736  H H    . ARG A 1 2 ? 0.567  -1.514 -3.222  1.00 0.00 ? 2 ARG A H    6  
ATOM 737  H HA   . ARG A 1 2 ? 0.609  -4.333 -2.697  1.00 0.00 ? 2 ARG A HA   6  
ATOM 738  H HB2  . ARG A 1 2 ? 2.789  -2.208 -2.835  1.00 0.00 ? 2 ARG A HB2  6  
ATOM 739  H HB3  . ARG A 1 2 ? 3.073  -3.949 -2.889  1.00 0.00 ? 2 ARG A HB3  6  
ATOM 740  H HG2  . ARG A 1 2 ? 2.133  -4.157 -5.045  1.00 0.00 ? 2 ARG A HG2  6  
ATOM 741  H HG3  . ARG A 1 2 ? 1.246  -2.636 -4.929  1.00 0.00 ? 2 ARG A HG3  6  
ATOM 742  H HD2  . ARG A 1 2 ? 2.987  -2.220 -6.437  1.00 0.00 ? 2 ARG A HD2  6  
ATOM 743  H HD3  . ARG A 1 2 ? 3.381  -1.367 -4.939  1.00 0.00 ? 2 ARG A HD3  6  
ATOM 744  H HE   . ARG A 1 2 ? 4.623  -3.923 -4.885  1.00 0.00 ? 2 ARG A HE   6  
ATOM 745  H HH11 . ARG A 1 2 ? 4.871  -0.843 -6.656  1.00 0.00 ? 2 ARG A HH11 6  
ATOM 746  H HH12 . ARG A 1 2 ? 6.553  -1.084 -7.068  1.00 0.00 ? 2 ARG A HH12 6  
ATOM 747  H HH21 . ARG A 1 2 ? 6.819  -4.204 -5.450  1.00 0.00 ? 2 ARG A HH21 6  
ATOM 748  H HH22 . ARG A 1 2 ? 7.650  -2.982 -6.386  1.00 0.00 ? 2 ARG A HH22 6  
ATOM 749  N N    . TRP A 1 3 ? 1.519  -2.207 -0.307  1.00 0.00 ? 3 TRP A N    6  
ATOM 750  C CA   . TRP A 1 3 ? 1.975  -1.953 1.046   1.00 0.00 ? 3 TRP A CA   6  
ATOM 751  C C    . TRP A 1 3 ? 1.539  -0.560 1.519   1.00 0.00 ? 3 TRP A C    6  
ATOM 752  O O    . TRP A 1 3 ? 0.918  0.190  0.769   1.00 0.00 ? 3 TRP A O    6  
ATOM 753  C CB   . TRP A 1 3 ? 3.493  -2.215 1.109   1.00 0.00 ? 3 TRP A CB   6  
ATOM 754  C CG   . TRP A 1 3 ? 4.450  -1.686 0.059   1.00 0.00 ? 3 TRP A CG   6  
ATOM 755  C CD1  . TRP A 1 3 ? 5.698  -2.194 -0.059  1.00 0.00 ? 3 TRP A CD1  6  
ATOM 756  C CD2  . TRP A 1 3 ? 4.325  -0.730 -1.061  1.00 0.00 ? 3 TRP A CD2  6  
ATOM 757  N NE1  . TRP A 1 3 ? 6.344  -1.656 -1.144  1.00 0.00 ? 3 TRP A NE1  6  
ATOM 758  C CE2  . TRP A 1 3 ? 5.540  -0.769 -1.818  1.00 0.00 ? 3 TRP A CE2  6  
ATOM 759  C CE3  . TRP A 1 3 ? 3.328  0.142  -1.566  1.00 0.00 ? 3 TRP A CE3  6  
ATOM 760  C CZ2  . TRP A 1 3 ? 5.741  -0.021 -2.989  1.00 0.00 ? 3 TRP A CZ2  6  
ATOM 761  C CZ3  . TRP A 1 3 ? 3.516  0.899  -2.737  1.00 0.00 ? 3 TRP A CZ3  6  
ATOM 762  C CH2  . TRP A 1 3 ? 4.720  0.818  -3.454  1.00 0.00 ? 3 TRP A CH2  6  
ATOM 763  H H    . TRP A 1 3 ? 1.466  -1.367 -0.869  1.00 0.00 ? 3 TRP A H    6  
ATOM 764  H HA   . TRP A 1 3 ? 1.500  -2.684 1.707   1.00 0.00 ? 3 TRP A HA   6  
ATOM 765  H HB2  . TRP A 1 3 ? 3.856  -1.877 2.078   1.00 0.00 ? 3 TRP A HB2  6  
ATOM 766  H HB3  . TRP A 1 3 ? 3.614  -3.300 1.111   1.00 0.00 ? 3 TRP A HB3  6  
ATOM 767  H HD1  . TRP A 1 3 ? 6.116  -2.955 0.585   1.00 0.00 ? 3 TRP A HD1  6  
ATOM 768  H HE1  . TRP A 1 3 ? 7.278  -1.928 -1.414  1.00 0.00 ? 3 TRP A HE1  6  
ATOM 769  H HE3  . TRP A 1 3 ? 2.381  0.233  -1.077  1.00 0.00 ? 3 TRP A HE3  6  
ATOM 770  H HZ2  . TRP A 1 3 ? 6.673  -0.097 -3.531  1.00 0.00 ? 3 TRP A HZ2  6  
ATOM 771  H HZ3  . TRP A 1 3 ? 2.724  1.542  -3.094  1.00 0.00 ? 3 TRP A HZ3  6  
ATOM 772  H HH2  . TRP A 1 3 ? 4.858  1.397  -4.356  1.00 0.00 ? 3 TRP A HH2  6  
ATOM 773  N N    . TRP A 1 4 ? 1.854  -0.221 2.777   1.00 0.00 ? 4 TRP A N    6  
ATOM 774  C CA   . TRP A 1 4 ? 1.610  1.082  3.393   1.00 0.00 ? 4 TRP A CA   6  
ATOM 775  C C    . TRP A 1 4 ? 0.149  1.556  3.196   1.00 0.00 ? 4 TRP A C    6  
ATOM 776  O O    . TRP A 1 4 ? -0.771 0.782  3.458   1.00 0.00 ? 4 TRP A O    6  
ATOM 777  C CB   . TRP A 1 4 ? 2.685  2.057  2.873   1.00 0.00 ? 4 TRP A CB   6  
ATOM 778  C CG   . TRP A 1 4 ? 2.793  3.372  3.588   1.00 0.00 ? 4 TRP A CG   6  
ATOM 779  C CD1  . TRP A 1 4 ? 2.777  3.553  4.929   1.00 0.00 ? 4 TRP A CD1  6  
ATOM 780  C CD2  . TRP A 1 4 ? 2.901  4.712  3.012   1.00 0.00 ? 4 TRP A CD2  6  
ATOM 781  N NE1  . TRP A 1 4 ? 2.860  4.898  5.220   1.00 0.00 ? 4 TRP A NE1  6  
ATOM 782  C CE2  . TRP A 1 4 ? 2.939  5.662  4.075   1.00 0.00 ? 4 TRP A CE2  6  
ATOM 783  C CE3  . TRP A 1 4 ? 2.968  5.218  1.697   1.00 0.00 ? 4 TRP A CE3  6  
ATOM 784  C CZ2  . TRP A 1 4 ? 3.036  7.044  3.846   1.00 0.00 ? 4 TRP A CZ2  6  
ATOM 785  C CZ3  . TRP A 1 4 ? 3.073  6.601  1.454   1.00 0.00 ? 4 TRP A CZ3  6  
ATOM 786  C CH2  . TRP A 1 4 ? 3.102  7.513  2.523   1.00 0.00 ? 4 TRP A CH2  6  
ATOM 787  H H    . TRP A 1 4 ? 2.348  -0.899 3.339   1.00 0.00 ? 4 TRP A H    6  
ATOM 788  H HA   . TRP A 1 4 ? 1.773  0.935  4.464   1.00 0.00 ? 4 TRP A HA   6  
ATOM 789  H HB2  . TRP A 1 4 ? 3.652  1.557  2.916   1.00 0.00 ? 4 TRP A HB2  6  
ATOM 790  H HB3  . TRP A 1 4 ? 2.490  2.257  1.820   1.00 0.00 ? 4 TRP A HB3  6  
ATOM 791  H HD1  . TRP A 1 4 ? 2.695  2.766  5.663   1.00 0.00 ? 4 TRP A HD1  6  
ATOM 792  H HE1  . TRP A 1 4 ? 2.861  5.252  6.167   1.00 0.00 ? 4 TRP A HE1  6  
ATOM 793  H HE3  . TRP A 1 4 ? 2.944  4.530  0.866   1.00 0.00 ? 4 TRP A HE3  6  
ATOM 794  H HZ2  . TRP A 1 4 ? 3.058  7.736  4.674   1.00 0.00 ? 4 TRP A HZ2  6  
ATOM 795  H HZ3  . TRP A 1 4 ? 3.134  6.964  0.439   1.00 0.00 ? 4 TRP A HZ3  6  
ATOM 796  H HH2  . TRP A 1 4 ? 3.179  8.572  2.329   1.00 0.00 ? 4 TRP A HH2  6  
ATOM 797  N N    . ARG A 1 5 ? -0.072 2.806  2.747   1.00 0.00 ? 5 ARG A N    6  
ATOM 798  C CA   . ARG A 1 5 ? -1.384 3.366  2.423   1.00 0.00 ? 5 ARG A CA   6  
ATOM 799  C C    . ARG A 1 5 ? -1.922 2.849  1.077   1.00 0.00 ? 5 ARG A C    6  
ATOM 800  O O    . ARG A 1 5 ? -3.132 2.890  0.860   1.00 0.00 ? 5 ARG A O    6  
ATOM 801  C CB   . ARG A 1 5 ? -1.271 4.901  2.367   1.00 0.00 ? 5 ARG A CB   6  
ATOM 802  C CG   . ARG A 1 5 ? -0.908 5.522  3.727   1.00 0.00 ? 5 ARG A CG   6  
ATOM 803  C CD   . ARG A 1 5 ? -0.708 7.033  3.598   1.00 0.00 ? 5 ARG A CD   6  
ATOM 804  N NE   . ARG A 1 5 ? -0.231 7.608  4.864   1.00 0.00 ? 5 ARG A NE   6  
ATOM 805  C CZ   . ARG A 1 5 ? 0.072  8.900  5.077   1.00 0.00 ? 5 ARG A CZ   6  
ATOM 806  N NH1  . ARG A 1 5 ? -0.087 9.829  4.121   1.00 0.00 ? 5 ARG A NH1  6  
ATOM 807  N NH2  . ARG A 1 5 ? 0.543  9.269  6.275   1.00 0.00 ? 5 ARG A NH2  6  
ATOM 808  H H    . ARG A 1 5 ? 0.708  3.421  2.554   1.00 0.00 ? 5 ARG A H    6  
ATOM 809  H HA   . ARG A 1 5 ? -2.091 3.097  3.208   1.00 0.00 ? 5 ARG A HA   6  
ATOM 810  H HB2  . ARG A 1 5 ? -0.511 5.175  1.635   1.00 0.00 ? 5 ARG A HB2  6  
ATOM 811  H HB3  . ARG A 1 5 ? -2.226 5.317  2.043   1.00 0.00 ? 5 ARG A HB3  6  
ATOM 812  H HG2  . ARG A 1 5 ? -1.707 5.321  4.442   1.00 0.00 ? 5 ARG A HG2  6  
ATOM 813  H HG3  . ARG A 1 5 ? 0.015  5.079  4.099   1.00 0.00 ? 5 ARG A HG3  6  
ATOM 814  H HD2  . ARG A 1 5 ? 0.030  7.233  2.821   1.00 0.00 ? 5 ARG A HD2  6  
ATOM 815  H HD3  . ARG A 1 5 ? -1.653 7.501  3.320   1.00 0.00 ? 5 ARG A HD3  6  
ATOM 816  H HE   . ARG A 1 5 ? -0.099 6.960  5.627   1.00 0.00 ? 5 ARG A HE   6  
ATOM 817  H HH11 . ARG A 1 5 ? -0.446 9.565  3.216   1.00 0.00 ? 5 ARG A HH11 6  
ATOM 818  H HH12 . ARG A 1 5 ? 0.147  10.793 4.312   1.00 0.00 ? 5 ARG A HH12 6  
ATOM 819  H HH21 . ARG A 1 5 ? 0.669  8.579  7.003   1.00 0.00 ? 5 ARG A HH21 6  
ATOM 820  H HH22 . ARG A 1 5 ? 0.774  10.236 6.452   1.00 0.00 ? 5 ARG A HH22 6  
ATOM 821  N N    . PHE A 1 6 ? -1.038 2.369  0.185   1.00 0.00 ? 6 PHE A N    6  
ATOM 822  C CA   . PHE A 1 6 ? -1.313 2.005  -1.190  1.00 0.00 ? 6 PHE A CA   6  
ATOM 823  C C    . PHE A 1 6 ? -1.524 0.498  -1.383  1.00 0.00 ? 6 PHE A C    6  
ATOM 824  O O    . PHE A 1 6 ? -1.719 -0.264 -0.436  1.00 0.00 ? 6 PHE A O    6  
ATOM 825  C CB   . PHE A 1 6 ? -0.223 2.643  -2.076  1.00 0.00 ? 6 PHE A CB   6  
ATOM 826  C CG   . PHE A 1 6 ? -0.298 4.160  -2.083  1.00 0.00 ? 6 PHE A CG   6  
ATOM 827  C CD1  . PHE A 1 6 ? -1.167 4.816  -2.977  1.00 0.00 ? 6 PHE A CD1  6  
ATOM 828  C CD2  . PHE A 1 6 ? 0.451  4.915  -1.162  1.00 0.00 ? 6 PHE A CD2  6  
ATOM 829  C CE1  . PHE A 1 6 ? -1.286 6.217  -2.949  1.00 0.00 ? 6 PHE A CE1  6  
ATOM 830  C CE2  . PHE A 1 6 ? 0.327  6.315  -1.130  1.00 0.00 ? 6 PHE A CE2  6  
ATOM 831  C CZ   . PHE A 1 6 ? -0.540 6.966  -2.022  1.00 0.00 ? 6 PHE A CZ   6  
ATOM 832  H H    . PHE A 1 6 ? -0.053 2.394  0.382   1.00 0.00 ? 6 PHE A H    6  
ATOM 833  H HA   . PHE A 1 6 ? -2.252 2.455  -1.477  1.00 0.00 ? 6 PHE A HA   6  
ATOM 834  H HB2  . PHE A 1 6 ? 0.761  2.323  -1.728  1.00 0.00 ? 6 PHE A HB2  6  
ATOM 835  H HB3  . PHE A 1 6 ? -0.329 2.310  -3.109  1.00 0.00 ? 6 PHE A HB3  6  
ATOM 836  H HD1  . PHE A 1 6 ? -1.757 4.247  -3.681  1.00 0.00 ? 6 PHE A HD1  6  
ATOM 837  H HD2  . PHE A 1 6 ? 1.107  4.417  -0.463  1.00 0.00 ? 6 PHE A HD2  6  
ATOM 838  H HE1  . PHE A 1 6 ? -1.957 6.717  -3.632  1.00 0.00 ? 6 PHE A HE1  6  
ATOM 839  H HE2  . PHE A 1 6 ? 0.891  6.893  -0.413  1.00 0.00 ? 6 PHE A HE2  6  
ATOM 840  H HZ   . PHE A 1 6 ? -0.637 8.042  -1.995  1.00 0.00 ? 6 PHE A HZ   6  
ATOM 841  N N    . ARG A 1 1 ? -1.503 0.037  -2.547  1.00 0.00 ? 1 ARG A N    7  
ATOM 842  C CA   . ARG A 1 1 ? -1.921 -1.280 -3.009  1.00 0.00 ? 1 ARG A CA   7  
ATOM 843  C C    . ARG A 1 1 ? -1.014 -2.409 -2.523  1.00 0.00 ? 1 ARG A C    7  
ATOM 844  O O    . ARG A 1 1 ? -1.507 -3.378 -1.946  1.00 0.00 ? 1 ARG A O    7  
ATOM 845  C CB   . ARG A 1 1 ? -2.033 -1.248 -4.545  1.00 0.00 ? 1 ARG A CB   7  
ATOM 846  C CG   . ARG A 1 1 ? -2.801 0.006  -5.010  1.00 0.00 ? 1 ARG A CG   7  
ATOM 847  C CD   . ARG A 1 1 ? -3.443 -0.134 -6.381  1.00 0.00 ? 1 ARG A CD   7  
ATOM 848  N NE   . ARG A 1 1 ? -2.470 -0.310 -7.468  1.00 0.00 ? 1 ARG A NE   7  
ATOM 849  C CZ   . ARG A 1 1 ? -2.784 -0.351 -8.777  1.00 0.00 ? 1 ARG A CZ   7  
ATOM 850  N NH1  . ARG A 1 1 ? -4.053 -0.236 -9.199  1.00 0.00 ? 1 ARG A NH1  7  
ATOM 851  N NH2  . ARG A 1 1 ? -1.810 -0.507 -9.682  1.00 0.00 ? 1 ARG A NH2  7  
ATOM 852  H H    . ARG A 1 1 ? -1.052 0.633  -3.227  1.00 0.00 ? 1 ARG A H    7  
ATOM 853  H HA   . ARG A 1 1 ? -2.925 -1.461 -2.621  1.00 0.00 ? 1 ARG A HA   7  
ATOM 854  H HB2  . ARG A 1 1 ? -1.043 -1.245 -5.001  1.00 0.00 ? 1 ARG A HB2  7  
ATOM 855  H HB3  . ARG A 1 1 ? -2.565 -2.145 -4.867  1.00 0.00 ? 1 ARG A HB3  7  
ATOM 856  H HG2  . ARG A 1 1 ? -3.610 0.209  -4.305  1.00 0.00 ? 1 ARG A HG2  7  
ATOM 857  H HG3  . ARG A 1 1 ? -2.131 0.867  -5.019  1.00 0.00 ? 1 ARG A HG3  7  
ATOM 858  H HD2  . ARG A 1 1 ? -4.117 -0.987 -6.348  1.00 0.00 ? 1 ARG A HD2  7  
ATOM 859  H HD3  . ARG A 1 1 ? -4.009 0.779  -6.557  1.00 0.00 ? 1 ARG A HD3  7  
ATOM 860  H HE   . ARG A 1 1 ? -1.500 -0.404 -7.205  1.00 0.00 ? 1 ARG A HE   7  
ATOM 861  H HH11 . ARG A 1 1 ? -4.798 -0.116 -8.526  1.00 0.00 ? 1 ARG A HH11 7  
ATOM 862  H HH12 . ARG A 1 1 ? -4.264 -0.268 -10.185 1.00 0.00 ? 1 ARG A HH12 7  
ATOM 863  H HH21 . ARG A 1 1 ? -0.850 -0.593 -9.383  1.00 0.00 ? 1 ARG A HH21 7  
ATOM 864  H HH22 . ARG A 1 1 ? -2.038 -0.537 -10.666 1.00 0.00 ? 1 ARG A HH22 7  
ATOM 865  N N    . ARG A 1 2 ? 0.297  -2.289 -2.774  1.00 0.00 ? 2 ARG A N    7  
ATOM 866  C CA   . ARG A 1 2 ? 1.289  -3.327 -2.503  1.00 0.00 ? 2 ARG A CA   7  
ATOM 867  C C    . ARG A 1 2 ? 1.642  -3.401 -1.006  1.00 0.00 ? 2 ARG A C    7  
ATOM 868  O O    . ARG A 1 2 ? 2.042  -4.459 -0.523  1.00 0.00 ? 2 ARG A O    7  
ATOM 869  C CB   . ARG A 1 2 ? 2.579  -3.070 -3.317  1.00 0.00 ? 2 ARG A CB   7  
ATOM 870  C CG   . ARG A 1 2 ? 2.379  -2.349 -4.664  1.00 0.00 ? 2 ARG A CG   7  
ATOM 871  C CD   . ARG A 1 2 ? 3.682  -2.202 -5.453  1.00 0.00 ? 2 ARG A CD   7  
ATOM 872  N NE   . ARG A 1 2 ? 4.012  -3.412 -6.217  1.00 0.00 ? 2 ARG A NE   7  
ATOM 873  C CZ   . ARG A 1 2 ? 5.190  -3.650 -6.821  1.00 0.00 ? 2 ARG A CZ   7  
ATOM 874  N NH1  . ARG A 1 2 ? 6.233  -2.819 -6.674  1.00 0.00 ? 2 ARG A NH1  7  
ATOM 875  N NH2  . ARG A 1 2 ? 5.323  -4.737 -7.592  1.00 0.00 ? 2 ARG A NH2  7  
ATOM 876  H H    . ARG A 1 2 ? 0.623  -1.454 -3.238  1.00 0.00 ? 2 ARG A H    7  
ATOM 877  H HA   . ARG A 1 2 ? 0.871  -4.284 -2.819  1.00 0.00 ? 2 ARG A HA   7  
ATOM 878  H HB2  . ARG A 1 2 ? 3.261  -2.464 -2.723  1.00 0.00 ? 2 ARG A HB2  7  
ATOM 879  H HB3  . ARG A 1 2 ? 3.064  -4.030 -3.495  1.00 0.00 ? 2 ARG A HB3  7  
ATOM 880  H HG2  . ARG A 1 2 ? 1.641  -2.879 -5.269  1.00 0.00 ? 2 ARG A HG2  7  
ATOM 881  H HG3  . ARG A 1 2 ? 2.013  -1.339 -4.470  1.00 0.00 ? 2 ARG A HG3  7  
ATOM 882  H HD2  . ARG A 1 2 ? 3.564  -1.382 -6.163  1.00 0.00 ? 2 ARG A HD2  7  
ATOM 883  H HD3  . ARG A 1 2 ? 4.495  -1.953 -4.769  1.00 0.00 ? 2 ARG A HD3  7  
ATOM 884  H HE   . ARG A 1 2 ? 3.263  -4.077 -6.354  1.00 0.00 ? 2 ARG A HE   7  
ATOM 885  H HH11 . ARG A 1 2 ? 6.144  -1.999 -6.093  1.00 0.00 ? 2 ARG A HH11 7  
ATOM 886  H HH12 . ARG A 1 2 ? 7.107  -3.019 -7.138  1.00 0.00 ? 2 ARG A HH12 7  
ATOM 887  H HH21 . ARG A 1 2 ? 4.541  -5.362 -7.725  1.00 0.00 ? 2 ARG A HH21 7  
ATOM 888  H HH22 . ARG A 1 2 ? 6.200  -4.920 -8.058  1.00 0.00 ? 2 ARG A HH22 7  
ATOM 889  N N    . TRP A 1 3 ? 1.509  -2.268 -0.300  1.00 0.00 ? 3 TRP A N    7  
ATOM 890  C CA   . TRP A 1 3 ? 1.953  -1.984 1.051   1.00 0.00 ? 3 TRP A CA   7  
ATOM 891  C C    . TRP A 1 3 ? 1.379  -0.634 1.521   1.00 0.00 ? 3 TRP A C    7  
ATOM 892  O O    . TRP A 1 3 ? 0.652  0.032  0.785   1.00 0.00 ? 3 TRP A O    7  
ATOM 893  C CB   . TRP A 1 3 ? 3.496  -1.989 1.081   1.00 0.00 ? 3 TRP A CB   7  
ATOM 894  C CG   . TRP A 1 3 ? 4.331  -1.166 0.120   1.00 0.00 ? 3 TRP A CG   7  
ATOM 895  C CD1  . TRP A 1 3 ? 5.682  -1.202 0.172   1.00 0.00 ? 3 TRP A CD1  7  
ATOM 896  C CD2  . TRP A 1 3 ? 4.019  -0.295 -1.036  1.00 0.00 ? 3 TRP A CD2  7  
ATOM 897  N NE1  . TRP A 1 3 ? 6.231  -0.455 -0.840  1.00 0.00 ? 3 TRP A NE1  7  
ATOM 898  C CE2  . TRP A 1 3 ? 5.257  0.110  -1.632  1.00 0.00 ? 3 TRP A CE2  7  
ATOM 899  C CE3  . TRP A 1 3 ? 2.855  0.192  -1.685  1.00 0.00 ? 3 TRP A CE3  7  
ATOM 900  C CZ2  . TRP A 1 3 ? 5.334  0.909  -2.785  1.00 0.00 ? 3 TRP A CZ2  7  
ATOM 901  C CZ3  . TRP A 1 3 ? 2.917  0.973  -2.853  1.00 0.00 ? 3 TRP A CZ3  7  
ATOM 902  C CH2  . TRP A 1 3 ? 4.152  1.339  -3.404  1.00 0.00 ? 3 TRP A CH2  7  
ATOM 903  H H    . TRP A 1 3 ? 1.149  -1.446 -0.762  1.00 0.00 ? 3 TRP A H    7  
ATOM 904  H HA   . TRP A 1 3 ? 1.590  -2.771 1.715   1.00 0.00 ? 3 TRP A HA   7  
ATOM 905  H HB2  . TRP A 1 3 ? 3.814  -1.730 2.092   1.00 0.00 ? 3 TRP A HB2  7  
ATOM 906  H HB3  . TRP A 1 3 ? 3.808  -3.026 0.943   1.00 0.00 ? 3 TRP A HB3  7  
ATOM 907  H HD1  . TRP A 1 3 ? 6.255  -1.769 0.891   1.00 0.00 ? 3 TRP A HD1  7  
ATOM 908  H HE1  . TRP A 1 3 ? 7.229  -0.383 -0.986  1.00 0.00 ? 3 TRP A HE1  7  
ATOM 909  H HE3  . TRP A 1 3 ? 1.875  -0.035 -1.315  1.00 0.00 ? 3 TRP A HE3  7  
ATOM 910  H HZ2  . TRP A 1 3 ? 6.292  1.184  -3.197  1.00 0.00 ? 3 TRP A HZ2  7  
ATOM 911  H HZ3  . TRP A 1 3 ? 2.006  1.294  -3.336  1.00 0.00 ? 3 TRP A HZ3  7  
ATOM 912  H HH2  . TRP A 1 3 ? 4.184  1.947  -4.296  1.00 0.00 ? 3 TRP A HH2  7  
ATOM 913  N N    . TRP A 1 4 ? 1.733  -0.228 2.748   1.00 0.00 ? 4 TRP A N    7  
ATOM 914  C CA   . TRP A 1 4 ? 1.502  1.091  3.341   1.00 0.00 ? 4 TRP A CA   7  
ATOM 915  C C    . TRP A 1 4 ? 0.060  1.618  3.135   1.00 0.00 ? 4 TRP A C    7  
ATOM 916  O O    . TRP A 1 4 ? -0.891 0.871  3.367   1.00 0.00 ? 4 TRP A O    7  
ATOM 917  C CB   . TRP A 1 4 ? 2.610  2.026  2.815   1.00 0.00 ? 4 TRP A CB   7  
ATOM 918  C CG   . TRP A 1 4 ? 2.784  3.330  3.538   1.00 0.00 ? 4 TRP A CG   7  
ATOM 919  C CD1  . TRP A 1 4 ? 2.905  3.476  4.877   1.00 0.00 ? 4 TRP A CD1  7  
ATOM 920  C CD2  . TRP A 1 4 ? 2.842  4.682  2.986   1.00 0.00 ? 4 TRP A CD2  7  
ATOM 921  N NE1  . TRP A 1 4 ? 3.035  4.812  5.192   1.00 0.00 ? 4 TRP A NE1  7  
ATOM 922  C CE2  . TRP A 1 4 ? 3.008  5.603  4.063   1.00 0.00 ? 4 TRP A CE2  7  
ATOM 923  C CE3  . TRP A 1 4 ? 2.767  5.228  1.684   1.00 0.00 ? 4 TRP A CE3  7  
ATOM 924  C CZ2  . TRP A 1 4 ? 3.102  6.990  3.862   1.00 0.00 ? 4 TRP A CZ2  7  
ATOM 925  C CZ3  . TRP A 1 4 ? 2.861  6.616  1.470   1.00 0.00 ? 4 TRP A CZ3  7  
ATOM 926  C CH2  . TRP A 1 4 ? 3.029  7.497  2.554   1.00 0.00 ? 4 TRP A CH2  7  
ATOM 927  H H    . TRP A 1 4 ? 2.320  -0.849 3.282   1.00 0.00 ? 4 TRP A H    7  
ATOM 928  H HA   . TRP A 1 4 ? 1.656  0.951  4.416   1.00 0.00 ? 4 TRP A HA   7  
ATOM 929  H HB2  . TRP A 1 4 ? 3.559  1.491  2.856   1.00 0.00 ? 4 TRP A HB2  7  
ATOM 930  H HB3  . TRP A 1 4 ? 2.417  2.236  1.762   1.00 0.00 ? 4 TRP A HB3  7  
ATOM 931  H HD1  . TRP A 1 4 ? 2.899  2.670  5.595   1.00 0.00 ? 4 TRP A HD1  7  
ATOM 932  H HE1  . TRP A 1 4 ? 3.135  5.140  6.142   1.00 0.00 ? 4 TRP A HE1  7  
ATOM 933  H HE3  . TRP A 1 4 ? 2.637  4.570  0.838   1.00 0.00 ? 4 TRP A HE3  7  
ATOM 934  H HZ2  . TRP A 1 4 ? 3.225  7.658  4.701   1.00 0.00 ? 4 TRP A HZ2  7  
ATOM 935  H HZ3  . TRP A 1 4 ? 2.808  7.012  0.469   1.00 0.00 ? 4 TRP A HZ3  7  
ATOM 936  H HH2  . TRP A 1 4 ? 3.099  8.560  2.382   1.00 0.00 ? 4 TRP A HH2  7  
ATOM 937  N N    . ARG A 1 5 ? -0.114 2.890  2.722   1.00 0.00 ? 5 ARG A N    7  
ATOM 938  C CA   . ARG A 1 5 ? -1.400 3.509  2.398   1.00 0.00 ? 5 ARG A CA   7  
ATOM 939  C C    . ARG A 1 5 ? -1.980 2.995  1.071   1.00 0.00 ? 5 ARG A C    7  
ATOM 940  O O    . ARG A 1 5 ? -3.174 3.165  0.829   1.00 0.00 ? 5 ARG A O    7  
ATOM 941  C CB   . ARG A 1 5 ? -1.203 5.028  2.258   1.00 0.00 ? 5 ARG A CB   7  
ATOM 942  C CG   . ARG A 1 5 ? -0.792 5.714  3.566   1.00 0.00 ? 5 ARG A CG   7  
ATOM 943  C CD   . ARG A 1 5 ? -0.604 7.213  3.322   1.00 0.00 ? 5 ARG A CD   7  
ATOM 944  N NE   . ARG A 1 5 ? -0.135 7.891  4.534   1.00 0.00 ? 5 ARG A NE   7  
ATOM 945  C CZ   . ARG A 1 5 ? 0.222  9.186  4.612   1.00 0.00 ? 5 ARG A CZ   7  
ATOM 946  N NH1  . ARG A 1 5 ? 0.158  9.998  3.545   1.00 0.00 ? 5 ARG A NH1  7  
ATOM 947  N NH2  . ARG A 1 5 ? 0.652  9.677  5.781   1.00 0.00 ? 5 ARG A NH2  7  
ATOM 948  H H    . ARG A 1 5 ? 0.685  3.479  2.529   1.00 0.00 ? 5 ARG A H    7  
ATOM 949  H HA   . ARG A 1 5 ? -2.110 3.318  3.203   1.00 0.00 ? 5 ARG A HA   7  
ATOM 950  H HB2  . ARG A 1 5 ? -0.443 5.221  1.497   1.00 0.00 ? 5 ARG A HB2  7  
ATOM 951  H HB3  . ARG A 1 5 ? -2.140 5.474  1.921   1.00 0.00 ? 5 ARG A HB3  7  
ATOM 952  H HG2  . ARG A 1 5 ? -1.568 5.561  4.318   1.00 0.00 ? 5 ARG A HG2  7  
ATOM 953  H HG3  . ARG A 1 5 ? 0.142  5.291  3.932   1.00 0.00 ? 5 ARG A HG3  7  
ATOM 954  H HD2  . ARG A 1 5 ? 0.127  7.356  2.527   1.00 0.00 ? 5 ARG A HD2  7  
ATOM 955  H HD3  . ARG A 1 5 ? -1.555 7.649  3.011   1.00 0.00 ? 5 ARG A HD3  7  
ATOM 956  H HE   . ARG A 1 5 ? -0.071 7.324  5.367   1.00 0.00 ? 5 ARG A HE   7  
ATOM 957  H HH11 . ARG A 1 5 ? -0.167 9.640  2.658   1.00 0.00 ? 5 ARG A HH11 7  
ATOM 958  H HH12 . ARG A 1 5 ? 0.428  10.967 3.630   1.00 0.00 ? 5 ARG A HH12 7  
ATOM 959  H HH21 . ARG A 1 5 ? 0.707  9.077  6.592   1.00 0.00 ? 5 ARG A HH21 7  
ATOM 960  H HH22 . ARG A 1 5 ? 0.922  10.648 5.852   1.00 0.00 ? 5 ARG A HH22 7  
ATOM 961  N N    . PHE A 1 6 ? -1.137 2.387  0.222   1.00 0.00 ? 6 PHE A N    7  
ATOM 962  C CA   . PHE A 1 6 ? -1.428 2.025  -1.151  1.00 0.00 ? 6 PHE A CA   7  
ATOM 963  C C    . PHE A 1 6 ? -1.690 0.524  -1.317  1.00 0.00 ? 6 PHE A C    7  
ATOM 964  O O    . PHE A 1 6 ? -2.133 -0.149 -0.385  1.00 0.00 ? 6 PHE A O    7  
ATOM 965  C CB   . PHE A 1 6 ? -0.344 2.639  -2.053  1.00 0.00 ? 6 PHE A CB   7  
ATOM 966  C CG   . PHE A 1 6 ? -0.184 4.149  -1.939  1.00 0.00 ? 6 PHE A CG   7  
ATOM 967  C CD1  . PHE A 1 6 ? -1.312 4.997  -1.875  1.00 0.00 ? 6 PHE A CD1  7  
ATOM 968  C CD2  . PHE A 1 6 ? 1.104  4.718  -1.917  1.00 0.00 ? 6 PHE A CD2  7  
ATOM 969  C CE1  . PHE A 1 6 ? -1.151 6.389  -1.761  1.00 0.00 ? 6 PHE A CE1  7  
ATOM 970  C CE2  . PHE A 1 6 ? 1.264  6.112  -1.819  1.00 0.00 ? 6 PHE A CE2  7  
ATOM 971  C CZ   . PHE A 1 6 ? 0.137  6.948  -1.732  1.00 0.00 ? 6 PHE A CZ   7  
ATOM 972  H H    . PHE A 1 6 ? -0.171 2.275  0.480   1.00 0.00 ? 6 PHE A H    7  
ATOM 973  H HA   . PHE A 1 6 ? -2.366 2.487  -1.433  1.00 0.00 ? 6 PHE A HA   7  
ATOM 974  H HB2  . PHE A 1 6 ? 0.604  2.166  -1.797  1.00 0.00 ? 6 PHE A HB2  7  
ATOM 975  H HB3  . PHE A 1 6 ? -0.566 2.415  -3.097  1.00 0.00 ? 6 PHE A HB3  7  
ATOM 976  H HD1  . PHE A 1 6 ? -2.312 4.595  -1.909  1.00 0.00 ? 6 PHE A HD1  7  
ATOM 977  H HD2  . PHE A 1 6 ? 1.981  4.089  -1.979  1.00 0.00 ? 6 PHE A HD2  7  
ATOM 978  H HE1  . PHE A 1 6 ? -2.019 7.029  -1.702  1.00 0.00 ? 6 PHE A HE1  7  
ATOM 979  H HE2  . PHE A 1 6 ? 2.254  6.542  -1.812  1.00 0.00 ? 6 PHE A HE2  7  
ATOM 980  H HZ   . PHE A 1 6 ? 0.261  8.017  -1.651  1.00 0.00 ? 6 PHE A HZ   7  
ATOM 981  N N    . ARG A 1 1 ? -1.613 0.033  -2.620  1.00 0.00 ? 1 ARG A N    8  
ATOM 982  C CA   . ARG A 1 1 ? -1.944 -1.306 -3.097  1.00 0.00 ? 1 ARG A CA   8  
ATOM 983  C C    . ARG A 1 1 ? -1.107 -2.409 -2.437  1.00 0.00 ? 1 ARG A C    8  
ATOM 984  O O    . ARG A 1 1 ? -1.644 -3.157 -1.619  1.00 0.00 ? 1 ARG A O    8  
ATOM 985  C CB   . ARG A 1 1 ? -1.863 -1.362 -4.638  1.00 0.00 ? 1 ARG A CB   8  
ATOM 986  C CG   . ARG A 1 1 ? -2.543 -0.202 -5.381  1.00 0.00 ? 1 ARG A CG   8  
ATOM 987  C CD   . ARG A 1 1 ? -4.022 -0.008 -4.998  1.00 0.00 ? 1 ARG A CD   8  
ATOM 988  N NE   . ARG A 1 1 ? -4.662 1.095  -5.737  1.00 0.00 ? 1 ARG A NE   8  
ATOM 989  C CZ   . ARG A 1 1 ? -5.890 1.592  -5.507  1.00 0.00 ? 1 ARG A CZ   8  
ATOM 990  N NH1  . ARG A 1 1 ? -6.676 1.109  -4.532  1.00 0.00 ? 1 ARG A NH1  8  
ATOM 991  N NH2  . ARG A 1 1 ? -6.337 2.595  -6.272  1.00 0.00 ? 1 ARG A NH2  8  
ATOM 992  H H    . ARG A 1 1 ? -1.344 0.711  -3.314  1.00 0.00 ? 1 ARG A H    8  
ATOM 993  H HA   . ARG A 1 1 ? -2.984 -1.488 -2.825  1.00 0.00 ? 1 ARG A HA   8  
ATOM 994  H HB2  . ARG A 1 1 ? -0.820 -1.356 -4.950  1.00 0.00 ? 1 ARG A HB2  8  
ATOM 995  H HB3  . ARG A 1 1 ? -2.307 -2.301 -4.971  1.00 0.00 ? 1 ARG A HB3  8  
ATOM 996  H HG2  . ARG A 1 1 ? -1.980 0.709  -5.176  1.00 0.00 ? 1 ARG A HG2  8  
ATOM 997  H HG3  . ARG A 1 1 ? -2.460 -0.414 -6.446  1.00 0.00 ? 1 ARG A HG3  8  
ATOM 998  H HD2  . ARG A 1 1 ? -4.566 -0.931 -5.202  1.00 0.00 ? 1 ARG A HD2  8  
ATOM 999  H HD3  . ARG A 1 1 ? -4.091 0.209  -3.933  1.00 0.00 ? 1 ARG A HD3  8  
ATOM 1000 H HE   . ARG A 1 1 ? -4.146 1.521  -6.490  1.00 0.00 ? 1 ARG A HE   8  
ATOM 1001 H HH11 . ARG A 1 1 ? -6.348 0.354  -3.948  1.00 0.00 ? 1 ARG A HH11 8  
ATOM 1002 H HH12 . ARG A 1 1 ? -7.594 1.503  -4.386  1.00 0.00 ? 1 ARG A HH12 8  
ATOM 1003 H HH21 . ARG A 1 1 ? -5.754 2.967  -7.010  1.00 0.00 ? 1 ARG A HH21 8  
ATOM 1004 H HH22 . ARG A 1 1 ? -7.256 2.980  -6.117  1.00 0.00 ? 1 ARG A HH22 8  
ATOM 1005 N N    . ARG A 1 2 ? 0.179  -2.530 -2.802  1.00 0.00 ? 2 ARG A N    8  
ATOM 1006 C CA   . ARG A 1 2 ? 1.054  -3.610 -2.336  1.00 0.00 ? 2 ARG A CA   8  
ATOM 1007 C C    . ARG A 1 2 ? 1.502  -3.423 -0.881  1.00 0.00 ? 2 ARG A C    8  
ATOM 1008 O O    . ARG A 1 2 ? 1.862  -4.409 -0.238  1.00 0.00 ? 2 ARG A O    8  
ATOM 1009 C CB   . ARG A 1 2 ? 2.296  -3.809 -3.240  1.00 0.00 ? 2 ARG A CB   8  
ATOM 1010 C CG   . ARG A 1 2 ? 2.643  -2.692 -4.241  1.00 0.00 ? 2 ARG A CG   8  
ATOM 1011 C CD   . ARG A 1 2 ? 4.086  -2.791 -4.754  1.00 0.00 ? 2 ARG A CD   8  
ATOM 1012 N NE   . ARG A 1 2 ? 4.359  -4.087 -5.395  1.00 0.00 ? 2 ARG A NE   8  
ATOM 1013 C CZ   . ARG A 1 2 ? 5.222  -4.317 -6.402  1.00 0.00 ? 2 ARG A CZ   8  
ATOM 1014 N NH1  . ARG A 1 2 ? 5.930  -3.328 -6.968  1.00 0.00 ? 2 ARG A NH1  8  
ATOM 1015 N NH2  . ARG A 1 2 ? 5.378  -5.570 -6.848  1.00 0.00 ? 2 ARG A NH2  8  
ATOM 1016 H H    . ARG A 1 2 ? 0.568  -1.852 -3.443  1.00 0.00 ? 2 ARG A H    8  
ATOM 1017 H HA   . ARG A 1 2 ? 0.481  -4.537 -2.376  1.00 0.00 ? 2 ARG A HA   8  
ATOM 1018 H HB2  . ARG A 1 2 ? 3.168  -3.972 -2.603  1.00 0.00 ? 2 ARG A HB2  8  
ATOM 1019 H HB3  . ARG A 1 2 ? 2.149  -4.728 -3.808  1.00 0.00 ? 2 ARG A HB3  8  
ATOM 1020 H HG2  . ARG A 1 2 ? 1.956  -2.738 -5.088  1.00 0.00 ? 2 ARG A HG2  8  
ATOM 1021 H HG3  . ARG A 1 2 ? 2.537  -1.726 -3.759  1.00 0.00 ? 2 ARG A HG3  8  
ATOM 1022 H HD2  . ARG A 1 2 ? 4.255  -1.982 -5.463  1.00 0.00 ? 2 ARG A HD2  8  
ATOM 1023 H HD3  . ARG A 1 2 ? 4.771  -2.661 -3.916  1.00 0.00 ? 2 ARG A HD3  8  
ATOM 1024 H HE   . ARG A 1 2 ? 3.863  -4.880 -5.015  1.00 0.00 ? 2 ARG A HE   8  
ATOM 1025 H HH11 . ARG A 1 2 ? 5.822  -2.378 -6.641  1.00 0.00 ? 2 ARG A HH11 8  
ATOM 1026 H HH12 . ARG A 1 2 ? 6.566  -3.533 -7.724  1.00 0.00 ? 2 ARG A HH12 8  
ATOM 1027 H HH21 . ARG A 1 2 ? 4.857  -6.325 -6.426  1.00 0.00 ? 2 ARG A HH21 8  
ATOM 1028 H HH22 . ARG A 1 2 ? 6.021  -5.760 -7.603  1.00 0.00 ? 2 ARG A HH22 8  
ATOM 1029 N N    . TRP A 1 3 ? 1.502  -2.184 -0.369  1.00 0.00 ? 3 TRP A N    8  
ATOM 1030 C CA   . TRP A 1 3 ? 2.068  -1.818 0.911   1.00 0.00 ? 3 TRP A CA   8  
ATOM 1031 C C    . TRP A 1 3 ? 1.460  -0.511 1.420   1.00 0.00 ? 3 TRP A C    8  
ATOM 1032 O O    . TRP A 1 3 ? 0.700  0.157  0.722   1.00 0.00 ? 3 TRP A O    8  
ATOM 1033 C CB   . TRP A 1 3 ? 3.606  -1.745 0.793   1.00 0.00 ? 3 TRP A CB   8  
ATOM 1034 C CG   . TRP A 1 3 ? 4.312  -0.934 -0.274  1.00 0.00 ? 3 TRP A CG   8  
ATOM 1035 C CD1  . TRP A 1 3 ? 5.662  -0.922 -0.356  1.00 0.00 ? 3 TRP A CD1  8  
ATOM 1036 C CD2  . TRP A 1 3 ? 3.853  -0.137 -1.432  1.00 0.00 ? 3 TRP A CD2  8  
ATOM 1037 N NE1  . TRP A 1 3 ? 6.077  -0.221 -1.461  1.00 0.00 ? 3 TRP A NE1  8  
ATOM 1038 C CE2  . TRP A 1 3 ? 5.008  0.248  -2.186  1.00 0.00 ? 3 TRP A CE2  8  
ATOM 1039 C CE3  . TRP A 1 3 ? 2.612  0.295  -1.966  1.00 0.00 ? 3 TRP A CE3  8  
ATOM 1040 C CZ2  . TRP A 1 3 ? 4.938  0.951  -3.400  1.00 0.00 ? 3 TRP A CZ2  8  
ATOM 1041 C CZ3  . TRP A 1 3 ? 2.528  0.977  -3.195  1.00 0.00 ? 3 TRP A CZ3  8  
ATOM 1042 C CH2  . TRP A 1 3 ? 3.684  1.305  -3.916  1.00 0.00 ? 3 TRP A CH2  8  
ATOM 1043 H H    . TRP A 1 3 ? 1.159  -1.388 -0.895  1.00 0.00 ? 3 TRP A H    8  
ATOM 1044 H HA   . TRP A 1 3 ? 1.832  -2.605 1.633   1.00 0.00 ? 3 TRP A HA   8  
ATOM 1045 H HB2  . TRP A 1 3 ? 4.002  -1.423 1.756   1.00 0.00 ? 3 TRP A HB2  8  
ATOM 1046 H HB3  . TRP A 1 3 ? 3.955  -2.770 0.668   1.00 0.00 ? 3 TRP A HB3  8  
ATOM 1047 H HD1  . TRP A 1 3 ? 6.326  -1.433 0.327   1.00 0.00 ? 3 TRP A HD1  8  
ATOM 1048 H HE1  . TRP A 1 3 ? 7.052  -0.122 -1.710  1.00 0.00 ? 3 TRP A HE1  8  
ATOM 1049 H HE3  . TRP A 1 3 ? 1.688  0.094  -1.453  1.00 0.00 ? 3 TRP A HE3  8  
ATOM 1050 H HZ2  . TRP A 1 3 ? 5.839  1.208  -3.937  1.00 0.00 ? 3 TRP A HZ2  8  
ATOM 1051 H HZ3  . TRP A 1 3 ? 1.566  1.242  -3.604  1.00 0.00 ? 3 TRP A HZ3  8  
ATOM 1052 H HH2  . TRP A 1 3 ? 3.610  1.828  -4.857  1.00 0.00 ? 3 TRP A HH2  8  
ATOM 1053 N N    . TRP A 1 4 ? 1.832  -0.152 2.650   1.00 0.00 ? 4 TRP A N    8  
ATOM 1054 C CA   . TRP A 1 4 ? 1.580  1.127  3.297   1.00 0.00 ? 4 TRP A CA   8  
ATOM 1055 C C    . TRP A 1 4 ? 0.127  1.623  3.127   1.00 0.00 ? 4 TRP A C    8  
ATOM 1056 O O    . TRP A 1 4 ? -0.805 0.884  3.445   1.00 0.00 ? 4 TRP A O    8  
ATOM 1057 C CB   . TRP A 1 4 ? 2.655  2.096  2.774   1.00 0.00 ? 4 TRP A CB   8  
ATOM 1058 C CG   . TRP A 1 4 ? 2.818  3.370  3.549   1.00 0.00 ? 4 TRP A CG   8  
ATOM 1059 C CD1  . TRP A 1 4 ? 2.943  3.473  4.892   1.00 0.00 ? 4 TRP A CD1  8  
ATOM 1060 C CD2  . TRP A 1 4 ? 2.848  4.738  3.043   1.00 0.00 ? 4 TRP A CD2  8  
ATOM 1061 N NE1  . TRP A 1 4 ? 3.048  4.799  5.251   1.00 0.00 ? 4 TRP A NE1  8  
ATOM 1062 C CE2  . TRP A 1 4 ? 3.006  5.627  4.148   1.00 0.00 ? 4 TRP A CE2  8  
ATOM 1063 C CE3  . TRP A 1 4 ? 2.751  5.319  1.759   1.00 0.00 ? 4 TRP A CE3  8  
ATOM 1064 C CZ2  . TRP A 1 4 ? 3.086  7.019  3.988   1.00 0.00 ? 4 TRP A CZ2  8  
ATOM 1065 C CZ3  . TRP A 1 4 ? 2.847  6.713  1.586   1.00 0.00 ? 4 TRP A CZ3  8  
ATOM 1066 C CH2  . TRP A 1 4 ? 3.017  7.561  2.694   1.00 0.00 ? 4 TRP A CH2  8  
ATOM 1067 H H    . TRP A 1 4 ? 2.471  -0.773 3.117   1.00 0.00 ? 4 TRP A H    8  
ATOM 1068 H HA   . TRP A 1 4 ? 1.757  0.963  4.364   1.00 0.00 ? 4 TRP A HA   8  
ATOM 1069 H HB2  . TRP A 1 4 ? 3.607  1.567  2.741   1.00 0.00 ? 4 TRP A HB2  8  
ATOM 1070 H HB3  . TRP A 1 4 ? 2.422  2.349  1.739   1.00 0.00 ? 4 TRP A HB3  8  
ATOM 1071 H HD1  . TRP A 1 4 ? 2.949  2.643  5.585   1.00 0.00 ? 4 TRP A HD1  8  
ATOM 1072 H HE1  . TRP A 1 4 ? 3.146  5.099  6.210   1.00 0.00 ? 4 TRP A HE1  8  
ATOM 1073 H HE3  . TRP A 1 4 ? 2.608  4.680  0.899   1.00 0.00 ? 4 TRP A HE3  8  
ATOM 1074 H HZ2  . TRP A 1 4 ? 3.206  7.663  4.846   1.00 0.00 ? 4 TRP A HZ2  8  
ATOM 1075 H HZ3  . TRP A 1 4 ? 2.795  7.137  0.595   1.00 0.00 ? 4 TRP A HZ3  8  
ATOM 1076 H HH2  . TRP A 1 4 ? 3.089  8.630  2.551   1.00 0.00 ? 4 TRP A HH2  8  
ATOM 1077 N N    . ARG A 1 5 ? -0.068 2.861  2.636   1.00 0.00 ? 5 ARG A N    8  
ATOM 1078 C CA   . ARG A 1 5 ? -1.360 3.479  2.361   1.00 0.00 ? 5 ARG A CA   8  
ATOM 1079 C C    . ARG A 1 5 ? -1.981 3.005  1.035   1.00 0.00 ? 5 ARG A C    8  
ATOM 1080 O O    . ARG A 1 5 ? -3.182 3.196  0.837   1.00 0.00 ? 5 ARG A O    8  
ATOM 1081 C CB   . ARG A 1 5 ? -1.172 5.002  2.335   1.00 0.00 ? 5 ARG A CB   8  
ATOM 1082 C CG   . ARG A 1 5 ? -0.965 5.515  3.763   1.00 0.00 ? 5 ARG A CG   8  
ATOM 1083 C CD   . ARG A 1 5 ? -0.820 7.034  3.806   1.00 0.00 ? 5 ARG A CD   8  
ATOM 1084 N NE   . ARG A 1 5 ? -0.906 7.487  5.199   1.00 0.00 ? 5 ARG A NE   8  
ATOM 1085 C CZ   . ARG A 1 5 ? -1.889 8.226  5.745   1.00 0.00 ? 5 ARG A CZ   8  
ATOM 1086 N NH1  . ARG A 1 5 ? -2.891 8.730  5.007   1.00 0.00 ? 5 ARG A NH1  8  
ATOM 1087 N NH2  . ARG A 1 5 ? -1.876 8.459  7.064   1.00 0.00 ? 5 ARG A NH2  8  
ATOM 1088 H H    . ARG A 1 5 ? 0.733  3.433  2.400   1.00 0.00 ? 5 ARG A H    8  
ATOM 1089 H HA   . ARG A 1 5 ? -2.045 3.243  3.176   1.00 0.00 ? 5 ARG A HA   8  
ATOM 1090 H HB2  . ARG A 1 5 ? -0.319 5.268  1.708   1.00 0.00 ? 5 ARG A HB2  8  
ATOM 1091 H HB3  . ARG A 1 5 ? -2.067 5.472  1.924   1.00 0.00 ? 5 ARG A HB3  8  
ATOM 1092 H HG2  . ARG A 1 5 ? -1.832 5.230  4.362   1.00 0.00 ? 5 ARG A HG2  8  
ATOM 1093 H HG3  . ARG A 1 5 ? -0.075 5.064  4.203   1.00 0.00 ? 5 ARG A HG3  8  
ATOM 1094 H HD2  . ARG A 1 5 ? 0.149  7.316  3.393   1.00 0.00 ? 5 ARG A HD2  8  
ATOM 1095 H HD3  . ARG A 1 5 ? -1.604 7.490  3.203   1.00 0.00 ? 5 ARG A HD3  8  
ATOM 1096 H HE   . ARG A 1 5 ? -0.210 7.091  5.816   1.00 0.00 ? 5 ARG A HE   8  
ATOM 1097 H HH11 . ARG A 1 5 ? -2.918 8.559  4.013   1.00 0.00 ? 5 ARG A HH11 8  
ATOM 1098 H HH12 . ARG A 1 5 ? -3.621 9.273  5.447   1.00 0.00 ? 5 ARG A HH12 8  
ATOM 1099 H HH21 . ARG A 1 5 ? -1.138 8.082  7.638   1.00 0.00 ? 5 ARG A HH21 8  
ATOM 1100 H HH22 . ARG A 1 5 ? -2.615 9.002  7.485   1.00 0.00 ? 5 ARG A HH22 8  
ATOM 1101 N N    . PHE A 1 6 ? -1.185 2.391  0.148   1.00 0.00 ? 6 PHE A N    8  
ATOM 1102 C CA   . PHE A 1 6 ? -1.544 2.012  -1.208  1.00 0.00 ? 6 PHE A CA   8  
ATOM 1103 C C    . PHE A 1 6 ? -1.706 0.490  -1.367  1.00 0.00 ? 6 PHE A C    8  
ATOM 1104 O O    . PHE A 1 6 ? -1.994 -0.220 -0.403  1.00 0.00 ? 6 PHE A O    8  
ATOM 1105 C CB   . PHE A 1 6 ? -0.540 2.669  -2.170  1.00 0.00 ? 6 PHE A CB   8  
ATOM 1106 C CG   . PHE A 1 6 ? -0.446 4.181  -2.038  1.00 0.00 ? 6 PHE A CG   8  
ATOM 1107 C CD1  . PHE A 1 6 ? -1.599 4.978  -2.191  1.00 0.00 ? 6 PHE A CD1  8  
ATOM 1108 C CD2  . PHE A 1 6 ? 0.791  4.796  -1.758  1.00 0.00 ? 6 PHE A CD2  8  
ATOM 1109 C CE1  . PHE A 1 6 ? -1.520 6.374  -2.052  1.00 0.00 ? 6 PHE A CE1  8  
ATOM 1110 C CE2  . PHE A 1 6 ? 0.870  6.194  -1.632  1.00 0.00 ? 6 PHE A CE2  8  
ATOM 1111 C CZ   . PHE A 1 6 ? -0.285 6.983  -1.772  1.00 0.00 ? 6 PHE A CZ   8  
ATOM 1112 H H    . PHE A 1 6 ? -0.200 2.312  0.345   1.00 0.00 ? 6 PHE A H    8  
ATOM 1113 H HA   . PHE A 1 6 ? -2.519 2.422  -1.437  1.00 0.00 ? 6 PHE A HA   8  
ATOM 1114 H HB2  . PHE A 1 6 ? 0.437  2.229  -1.979  1.00 0.00 ? 6 PHE A HB2  8  
ATOM 1115 H HB3  . PHE A 1 6 ? -0.819 2.450  -3.202  1.00 0.00 ? 6 PHE A HB3  8  
ATOM 1116 H HD1  . PHE A 1 6 ? -2.553 4.523  -2.413  1.00 0.00 ? 6 PHE A HD1  8  
ATOM 1117 H HD2  . PHE A 1 6 ? 1.684  4.200  -1.642  1.00 0.00 ? 6 PHE A HD2  8  
ATOM 1118 H HE1  . PHE A 1 6 ? -2.407 6.979  -2.166  1.00 0.00 ? 6 PHE A HE1  8  
ATOM 1119 H HE2  . PHE A 1 6 ? 1.821  6.663  -1.431  1.00 0.00 ? 6 PHE A HE2  8  
ATOM 1120 H HZ   . PHE A 1 6 ? -0.222 8.057  -1.671  1.00 0.00 ? 6 PHE A HZ   8  
ATOM 1121 N N    . ARG A 1 1 ? -1.727 0.047  -2.622  1.00 0.00 ? 1 ARG A N    9  
ATOM 1122 C CA   . ARG A 1 1 ? -2.161 -1.275 -3.061  1.00 0.00 ? 1 ARG A CA   9  
ATOM 1123 C C    . ARG A 1 1 ? -1.467 -2.413 -2.308  1.00 0.00 ? 1 ARG A C    9  
ATOM 1124 O O    . ARG A 1 1 ? -2.098 -3.108 -1.512  1.00 0.00 ? 1 ARG A O    9  
ATOM 1125 C CB   . ARG A 1 1 ? -1.952 -1.449 -4.584  1.00 0.00 ? 1 ARG A CB   9  
ATOM 1126 C CG   . ARG A 1 1 ? -2.269 -0.246 -5.472  1.00 0.00 ? 1 ARG A CG   9  
ATOM 1127 C CD   . ARG A 1 1 ? -3.734 0.188  -5.416  1.00 0.00 ? 1 ARG A CD   9  
ATOM 1128 N NE   . ARG A 1 1 ? -4.013 1.131  -6.506  1.00 0.00 ? 1 ARG A NE   9  
ATOM 1129 C CZ   . ARG A 1 1 ? -4.762 2.247  -6.437  1.00 0.00 ? 1 ARG A CZ   9  
ATOM 1130 N NH1  . ARG A 1 1 ? -5.399 2.607  -5.312  1.00 0.00 ? 1 ARG A NH1  9  
ATOM 1131 N NH2  . ARG A 1 1 ? -4.877 3.021  -7.524  1.00 0.00 ? 1 ARG A NH2  9  
ATOM 1132 H H    . ARG A 1 1 ? -1.475 0.718  -3.329  1.00 0.00 ? 1 ARG A H    9  
ATOM 1133 H HA   . ARG A 1 1 ? -3.233 -1.342 -2.865  1.00 0.00 ? 1 ARG A HA   9  
ATOM 1134 H HB2  . ARG A 1 1 ? -0.912 -1.688 -4.792  1.00 0.00 ? 1 ARG A HB2  9  
ATOM 1135 H HB3  . ARG A 1 1 ? -2.550 -2.299 -4.916  1.00 0.00 ? 1 ARG A HB3  9  
ATOM 1136 H HG2  . ARG A 1 1 ? -1.620 0.587  -5.198  1.00 0.00 ? 1 ARG A HG2  9  
ATOM 1137 H HG3  . ARG A 1 1 ? -2.019 -0.534 -6.495  1.00 0.00 ? 1 ARG A HG3  9  
ATOM 1138 H HD2  . ARG A 1 1 ? -4.377 -0.685 -5.537  1.00 0.00 ? 1 ARG A HD2  9  
ATOM 1139 H HD3  . ARG A 1 1 ? -3.934 0.646  -4.446  1.00 0.00 ? 1 ARG A HD3  9  
ATOM 1140 H HE   . ARG A 1 1 ? -3.573 0.900  -7.386  1.00 0.00 ? 1 ARG A HE   9  
ATOM 1141 H HH11 . ARG A 1 1 ? -5.326 2.034  -4.484  1.00 0.00 ? 1 ARG A HH11 9  
ATOM 1142 H HH12 . ARG A 1 1 ? -5.956 3.450  -5.295  1.00 0.00 ? 1 ARG A HH12 9  
ATOM 1143 H HH21 . ARG A 1 1 ? -4.400 2.766  -8.377  1.00 0.00 ? 1 ARG A HH21 9  
ATOM 1144 H HH22 . ARG A 1 1 ? -5.434 3.862  -7.490  1.00 0.00 ? 1 ARG A HH22 9  
ATOM 1145 N N    . ARG A 1 2 ? -0.175 -2.607 -2.600  1.00 0.00 ? 2 ARG A N    9  
ATOM 1146 C CA   . ARG A 1 2 ? 0.626  -3.745 -2.178  1.00 0.00 ? 2 ARG A CA   9  
ATOM 1147 C C    . ARG A 1 2 ? 1.207  -3.537 -0.778  1.00 0.00 ? 2 ARG A C    9  
ATOM 1148 O O    . ARG A 1 2 ? 1.496  -4.518 -0.093  1.00 0.00 ? 2 ARG A O    9  
ATOM 1149 C CB   . ARG A 1 2 ? 1.783  -3.964 -3.177  1.00 0.00 ? 2 ARG A CB   9  
ATOM 1150 C CG   . ARG A 1 2 ? 1.374  -3.834 -4.656  1.00 0.00 ? 2 ARG A CG   9  
ATOM 1151 C CD   . ARG A 1 2 ? 2.482  -4.281 -5.614  1.00 0.00 ? 2 ARG A CD   9  
ATOM 1152 N NE   . ARG A 1 2 ? 2.596  -5.747 -5.660  1.00 0.00 ? 2 ARG A NE   9  
ATOM 1153 C CZ   . ARG A 1 2 ? 2.120  -6.556 -6.626  1.00 0.00 ? 2 ARG A CZ   9  
ATOM 1154 N NH1  . ARG A 1 2 ? 1.496  -6.076 -7.713  1.00 0.00 ? 2 ARG A NH1  9  
ATOM 1155 N NH2  . ARG A 1 2 ? 2.271  -7.879 -6.497  1.00 0.00 ? 2 ARG A NH2  9  
ATOM 1156 H H    . ARG A 1 2 ? 0.264  -1.977 -3.256  1.00 0.00 ? 2 ARG A H    9  
ATOM 1157 H HA   . ARG A 1 2 ? -0.004 -4.636 -2.177  1.00 0.00 ? 2 ARG A HA   9  
ATOM 1158 H HB2  . ARG A 1 2 ? 2.568  -3.232 -2.982  1.00 0.00 ? 2 ARG A HB2  9  
ATOM 1159 H HB3  . ARG A 1 2 ? 2.197  -4.956 -3.001  1.00 0.00 ? 2 ARG A HB3  9  
ATOM 1160 H HG2  . ARG A 1 2 ? 0.472  -4.418 -4.847  1.00 0.00 ? 2 ARG A HG2  9  
ATOM 1161 H HG3  . ARG A 1 2 ? 1.165  -2.785 -4.871  1.00 0.00 ? 2 ARG A HG3  9  
ATOM 1162 H HD2  . ARG A 1 2 ? 2.260  -3.893 -6.608  1.00 0.00 ? 2 ARG A HD2  9  
ATOM 1163 H HD3  . ARG A 1 2 ? 3.432  -3.854 -5.290  1.00 0.00 ? 2 ARG A HD3  9  
ATOM 1164 H HE   . ARG A 1 2 ? 3.050  -6.179 -4.869  1.00 0.00 ? 2 ARG A HE   9  
ATOM 1165 H HH11 . ARG A 1 2 ? 1.377  -5.080 -7.829  1.00 0.00 ? 2 ARG A HH11 9  
ATOM 1166 H HH12 . ARG A 1 2 ? 1.154  -6.710 -8.421  1.00 0.00 ? 2 ARG A HH12 9  
ATOM 1167 H HH21 . ARG A 1 2 ? 2.731  -8.258 -5.682  1.00 0.00 ? 2 ARG A HH21 9  
ATOM 1168 H HH22 . ARG A 1 2 ? 1.919  -8.499 -7.212  1.00 0.00 ? 2 ARG A HH22 9  
ATOM 1169 N N    . TRP A 1 3 ? 1.396  -2.271 -0.374  1.00 0.00 ? 3 TRP A N    9  
ATOM 1170 C CA   . TRP A 1 3 ? 2.114  -1.864 0.810   1.00 0.00 ? 3 TRP A CA   9  
ATOM 1171 C C    . TRP A 1 3 ? 1.760  -0.420 1.180   1.00 0.00 ? 3 TRP A C    9  
ATOM 1172 O O    . TRP A 1 3 ? 1.093  0.295  0.432   1.00 0.00 ? 3 TRP A O    9  
ATOM 1173 C CB   . TRP A 1 3 ? 3.621  -2.145 0.631   1.00 0.00 ? 3 TRP A CB   9  
ATOM 1174 C CG   . TRP A 1 3 ? 4.395  -1.733 -0.604  1.00 0.00 ? 3 TRP A CG   9  
ATOM 1175 C CD1  . TRP A 1 3 ? 5.653  -2.184 -0.817  1.00 0.00 ? 3 TRP A CD1  9  
ATOM 1176 C CD2  . TRP A 1 3 ? 4.060  -0.958 -1.814  1.00 0.00 ? 3 TRP A CD2  9  
ATOM 1177 N NE1  . TRP A 1 3 ? 6.119  -1.768 -2.041  1.00 0.00 ? 3 TRP A NE1  9  
ATOM 1178 C CE2  . TRP A 1 3 ? 5.181  -1.012 -2.703  1.00 0.00 ? 3 TRP A CE2  9  
ATOM 1179 C CE3  . TRP A 1 3 ? 2.942  -0.232 -2.294  1.00 0.00 ? 3 TRP A CE3  9  
ATOM 1180 C CZ2  . TRP A 1 3 ? 5.191  -0.397 -3.966  1.00 0.00 ? 3 TRP A CZ2  9  
ATOM 1181 C CZ3  . TRP A 1 3 ? 2.936  0.392  -3.556  1.00 0.00 ? 3 TRP A CZ3  9  
ATOM 1182 C CH2  . TRP A 1 3 ? 4.060  0.312  -4.394  1.00 0.00 ? 3 TRP A CH2  9  
ATOM 1183 H H    . TRP A 1 3 ? 1.099  -1.474 -0.925  1.00 0.00 ? 3 TRP A H    9  
ATOM 1184 H HA   . TRP A 1 3 ? 1.776  -2.498 1.634   1.00 0.00 ? 3 TRP A HA   9  
ATOM 1185 H HB2  . TRP A 1 3 ? 4.141  -1.721 1.490   1.00 0.00 ? 3 TRP A HB2  9  
ATOM 1186 H HB3  . TRP A 1 3 ? 3.747  -3.225 0.720   1.00 0.00 ? 3 TRP A HB3  9  
ATOM 1187 H HD1  . TRP A 1 3 ? 6.203  -2.820 -0.140  1.00 0.00 ? 3 TRP A HD1  9  
ATOM 1188 H HE1  . TRP A 1 3 ? 7.027  -2.036 -2.398  1.00 0.00 ? 3 TRP A HE1  9  
ATOM 1189 H HE3  . TRP A 1 3 ? 2.053  -0.144 -1.701  1.00 0.00 ? 3 TRP A HE3  9  
ATOM 1190 H HZ2  . TRP A 1 3 ? 6.061  -0.470 -4.603  1.00 0.00 ? 3 TRP A HZ2  9  
ATOM 1191 H HZ3  . TRP A 1 3 ? 2.062  0.934  -3.883  1.00 0.00 ? 3 TRP A HZ3  9  
ATOM 1192 H HH2  . TRP A 1 3 ? 4.052  0.792  -5.362  1.00 0.00 ? 3 TRP A HH2  9  
ATOM 1193 N N    . TRP A 1 4 ? 2.197  -0.017 2.374   1.00 0.00 ? 4 TRP A N    9  
ATOM 1194 C CA   . TRP A 1 4 ? 1.909  1.255  3.017   1.00 0.00 ? 4 TRP A CA   9  
ATOM 1195 C C    . TRP A 1 4 ? 0.401  1.595  2.956   1.00 0.00 ? 4 TRP A C    9  
ATOM 1196 O O    . TRP A 1 4 ? -0.420 0.736  3.275   1.00 0.00 ? 4 TRP A O    9  
ATOM 1197 C CB   . TRP A 1 4 ? 2.840  2.329  2.425   1.00 0.00 ? 4 TRP A CB   9  
ATOM 1198 C CG   . TRP A 1 4 ? 3.038  3.520  3.322   1.00 0.00 ? 4 TRP A CG   9  
ATOM 1199 C CD1  . TRP A 1 4 ? 3.501  3.446  4.592   1.00 0.00 ? 4 TRP A CD1  9  
ATOM 1200 C CD2  . TRP A 1 4 ? 2.736  4.937  3.097   1.00 0.00 ? 4 TRP A CD2  9  
ATOM 1201 N NE1  . TRP A 1 4 ? 3.482  4.693  5.175   1.00 0.00 ? 4 TRP A NE1  9  
ATOM 1202 C CE2  . TRP A 1 4 ? 3.008  5.649  4.304   1.00 0.00 ? 4 TRP A CE2  9  
ATOM 1203 C CE3  . TRP A 1 4 ? 2.243  5.697  2.011   1.00 0.00 ? 4 TRP A CE3  9  
ATOM 1204 C CZ2  . TRP A 1 4 ? 2.785  7.029  4.437   1.00 0.00 ? 4 TRP A CZ2  9  
ATOM 1205 C CZ3  . TRP A 1 4 ? 2.031  7.087  2.125   1.00 0.00 ? 4 TRP A CZ3  9  
ATOM 1206 C CH2  . TRP A 1 4 ? 2.294  7.749  3.337   1.00 0.00 ? 4 TRP A CH2  9  
ATOM 1207 H H    . TRP A 1 4 ? 2.750  -0.671 2.908   1.00 0.00 ? 4 TRP A H    9  
ATOM 1208 H HA   . TRP A 1 4 ? 2.180  1.107  4.068   1.00 0.00 ? 4 TRP A HA   9  
ATOM 1209 H HB2  . TRP A 1 4 ? 3.798  1.859  2.196   1.00 0.00 ? 4 TRP A HB2  9  
ATOM 1210 H HB3  . TRP A 1 4 ? 2.443  2.668  1.466   1.00 0.00 ? 4 TRP A HB3  9  
ATOM 1211 H HD1  . TRP A 1 4 ? 3.804  2.537  5.091   1.00 0.00 ? 4 TRP A HD1  9  
ATOM 1212 H HE1  . TRP A 1 4 ? 3.760  4.853  6.132   1.00 0.00 ? 4 TRP A HE1  9  
ATOM 1213 H HE3  . TRP A 1 4 ? 2.022  5.202  1.078   1.00 0.00 ? 4 TRP A HE3  9  
ATOM 1214 H HZ2  . TRP A 1 4 ? 2.994  7.529  5.371   1.00 0.00 ? 4 TRP A HZ2  9  
ATOM 1215 H HZ3  . TRP A 1 4 ? 1.669  7.659  1.283   1.00 0.00 ? 4 TRP A HZ3  9  
ATOM 1216 H HH2  . TRP A 1 4 ? 2.124  8.813  3.422   1.00 0.00 ? 4 TRP A HH2  9  
ATOM 1217 N N    . ARG A 1 5 ? 0.032  2.826  2.557   1.00 0.00 ? 5 ARG A N    9  
ATOM 1218 C CA   . ARG A 1 5 ? -1.349 3.272  2.376   1.00 0.00 ? 5 ARG A CA   9  
ATOM 1219 C C    . ARG A 1 5 ? -1.930 2.866  1.011   1.00 0.00 ? 5 ARG A C    9  
ATOM 1220 O O    . ARG A 1 5 ? -3.149 2.909  0.842   1.00 0.00 ? 5 ARG A O    9  
ATOM 1221 C CB   . ARG A 1 5 ? -1.426 4.798  2.571   1.00 0.00 ? 5 ARG A CB   9  
ATOM 1222 C CG   . ARG A 1 5 ? -0.979 5.149  3.998   1.00 0.00 ? 5 ARG A CG   9  
ATOM 1223 C CD   . ARG A 1 5 ? -1.304 6.572  4.442   1.00 0.00 ? 5 ARG A CD   9  
ATOM 1224 N NE   . ARG A 1 5 ? -0.925 6.724  5.856   1.00 0.00 ? 5 ARG A NE   9  
ATOM 1225 C CZ   . ARG A 1 5 ? -1.698 7.163  6.868   1.00 0.00 ? 5 ARG A CZ   9  
ATOM 1226 N NH1  . ARG A 1 5 ? -2.943 7.619  6.668   1.00 0.00 ? 5 ARG A NH1  9  
ATOM 1227 N NH2  . ARG A 1 5 ? -1.211 7.133  8.114   1.00 0.00 ? 5 ARG A NH2  9  
ATOM 1228 H H    . ARG A 1 5 ? 0.737  3.512  2.325   1.00 0.00 ? 5 ARG A H    9  
ATOM 1229 H HA   . ARG A 1 5 ? -1.961 2.815  3.154   1.00 0.00 ? 5 ARG A HA   9  
ATOM 1230 H HB2  . ARG A 1 5 ? -0.790 5.308  1.846   1.00 0.00 ? 5 ARG A HB2  9  
ATOM 1231 H HB3  . ARG A 1 5 ? -2.458 5.123  2.429   1.00 0.00 ? 5 ARG A HB3  9  
ATOM 1232 H HG2  . ARG A 1 5 ? -1.478 4.467  4.685   1.00 0.00 ? 5 ARG A HG2  9  
ATOM 1233 H HG3  . ARG A 1 5 ? 0.096  5.006  4.076   1.00 0.00 ? 5 ARG A HG3  9  
ATOM 1234 H HD2  . ARG A 1 5 ? -0.737 7.281  3.838   1.00 0.00 ? 5 ARG A HD2  9  
ATOM 1235 H HD3  . ARG A 1 5 ? -2.370 6.759  4.307   1.00 0.00 ? 5 ARG A HD3  9  
ATOM 1236 H HE   . ARG A 1 5 ? -0.012 6.364  6.090   1.00 0.00 ? 5 ARG A HE   9  
ATOM 1237 H HH11 . ARG A 1 5 ? -3.330 7.642  5.736   1.00 0.00 ? 5 ARG A HH11 9  
ATOM 1238 H HH12 . ARG A 1 5 ? -3.495 7.936  7.452   1.00 0.00 ? 5 ARG A HH12 9  
ATOM 1239 H HH21 . ARG A 1 5 ? -0.281 6.781  8.287   1.00 0.00 ? 5 ARG A HH21 9  
ATOM 1240 H HH22 . ARG A 1 5 ? -1.780 7.451  8.887   1.00 0.00 ? 5 ARG A HH22 9  
ATOM 1241 N N    . PHE A 1 6 ? -1.082 2.453  0.054   1.00 0.00 ? 6 PHE A N    9  
ATOM 1242 C CA   . PHE A 1 6 ? -1.431 2.043  -1.292  1.00 0.00 ? 6 PHE A CA   9  
ATOM 1243 C C    . PHE A 1 6 ? -1.685 0.531  -1.377  1.00 0.00 ? 6 PHE A C    9  
ATOM 1244 O O    . PHE A 1 6 ? -1.909 -0.142 -0.371  1.00 0.00 ? 6 PHE A O    9  
ATOM 1245 C CB   . PHE A 1 6 ? -0.355 2.587  -2.254  1.00 0.00 ? 6 PHE A CB   9  
ATOM 1246 C CG   . PHE A 1 6 ? -0.213 4.101  -2.190  1.00 0.00 ? 6 PHE A CG   9  
ATOM 1247 C CD1  . PHE A 1 6 ? -1.293 4.924  -2.570  1.00 0.00 ? 6 PHE A CD1  9  
ATOM 1248 C CD2  . PHE A 1 6 ? 0.977  4.693  -1.720  1.00 0.00 ? 6 PHE A CD2  9  
ATOM 1249 C CE1  . PHE A 1 6 ? -1.190 6.322  -2.468  1.00 0.00 ? 6 PHE A CE1  9  
ATOM 1250 C CE2  . PHE A 1 6 ? 1.081  6.093  -1.627  1.00 0.00 ? 6 PHE A CE2  9  
ATOM 1251 C CZ   . PHE A 1 6 ? -0.005 6.908  -1.995  1.00 0.00 ? 6 PHE A CZ   9  
ATOM 1252 H H    . PHE A 1 6 ? -0.090 2.447  0.208   1.00 0.00 ? 6 PHE A H    9  
ATOM 1253 H HA   . PHE A 1 6 ? -2.369 2.514  -1.561  1.00 0.00 ? 6 PHE A HA   9  
ATOM 1254 H HB2  . PHE A 1 6 ? 0.601  2.116  -2.020  1.00 0.00 ? 6 PHE A HB2  9  
ATOM 1255 H HB3  . PHE A 1 6 ? -0.615 2.326  -3.280  1.00 0.00 ? 6 PHE A HB3  9  
ATOM 1256 H HD1  . PHE A 1 6 ? -2.213 4.484  -2.927  1.00 0.00 ? 6 PHE A HD1  9  
ATOM 1257 H HD2  . PHE A 1 6 ? 1.813  4.077  -1.422  1.00 0.00 ? 6 PHE A HD2  9  
ATOM 1258 H HE1  . PHE A 1 6 ? -2.025 6.945  -2.751  1.00 0.00 ? 6 PHE A HE1  9  
ATOM 1259 H HE2  . PHE A 1 6 ? 1.992  6.543  -1.265  1.00 0.00 ? 6 PHE A HE2  9  
ATOM 1260 H HZ   . PHE A 1 6 ? 0.068  7.986  -1.914  1.00 0.00 ? 6 PHE A HZ   9  
ATOM 1261 N N    . ARG A 1 1 ? -1.629 -0.031 -2.518  1.00 0.00 ? 1 ARG A N    10 
ATOM 1262 C CA   . ARG A 1 1 ? -2.013 -1.360 -2.959  1.00 0.00 ? 1 ARG A CA   10 
ATOM 1263 C C    . ARG A 1 1 ? -1.023 -2.439 -2.515  1.00 0.00 ? 1 ARG A C    10 
ATOM 1264 O O    . ARG A 1 1 ? -1.427 -3.421 -1.892  1.00 0.00 ? 1 ARG A O    10 
ATOM 1265 C CB   . ARG A 1 1 ? -2.143 -1.310 -4.491  1.00 0.00 ? 1 ARG A CB   10 
ATOM 1266 C CG   . ARG A 1 1 ? -3.160 -0.245 -4.968  1.00 0.00 ? 1 ARG A CG   10 
ATOM 1267 C CD   . ARG A 1 1 ? -4.402 -0.844 -5.621  1.00 0.00 ? 1 ARG A CD   10 
ATOM 1268 N NE   . ARG A 1 1 ? -4.101 -1.354 -6.964  1.00 0.00 ? 1 ARG A NE   10 
ATOM 1269 C CZ   . ARG A 1 1 ? -5.010 -1.709 -7.889  1.00 0.00 ? 1 ARG A CZ   10 
ATOM 1270 N NH1  . ARG A 1 1 ? -6.328 -1.635 -7.644  1.00 0.00 ? 1 ARG A NH1  10 
ATOM 1271 N NH2  . ARG A 1 1 ? -4.592 -2.142 -9.086  1.00 0.00 ? 1 ARG A NH2  10 
ATOM 1272 H H    . ARG A 1 1 ? -1.355 0.610  -3.247  1.00 0.00 ? 1 ARG A H    10 
ATOM 1273 H HA   . ARG A 1 1 ? -2.991 -1.595 -2.534  1.00 0.00 ? 1 ARG A HA   10 
ATOM 1274 H HB2  . ARG A 1 1 ? -1.170 -1.066 -4.923  1.00 0.00 ? 1 ARG A HB2  10 
ATOM 1275 H HB3  . ARG A 1 1 ? -2.423 -2.298 -4.851  1.00 0.00 ? 1 ARG A HB3  10 
ATOM 1276 H HG2  . ARG A 1 1 ? -3.508 0.364  -4.134  1.00 0.00 ? 1 ARG A HG2  10 
ATOM 1277 H HG3  . ARG A 1 1 ? -2.675 0.425  -5.678  1.00 0.00 ? 1 ARG A HG3  10 
ATOM 1278 H HD2  . ARG A 1 1 ? -4.787 -1.646 -4.989  1.00 0.00 ? 1 ARG A HD2  10 
ATOM 1279 H HD3  . ARG A 1 1 ? -5.151 -0.057 -5.698  1.00 0.00 ? 1 ARG A HD3  10 
ATOM 1280 H HE   . ARG A 1 1 ? -3.120 -1.397 -7.201  1.00 0.00 ? 1 ARG A HE   10 
ATOM 1281 H HH11 . ARG A 1 1 ? -6.657 -1.304 -6.749  1.00 0.00 ? 1 ARG A HH11 10 
ATOM 1282 H HH12 . ARG A 1 1 ? -6.990 -1.901 -8.358  1.00 0.00 ? 1 ARG A HH12 10 
ATOM 1283 H HH21 . ARG A 1 1 ? -3.604 -2.201 -9.285  1.00 0.00 ? 1 ARG A HH21 10 
ATOM 1284 H HH22 . ARG A 1 1 ? -5.266 -2.407 -9.789  1.00 0.00 ? 1 ARG A HH22 10 
ATOM 1285 N N    . ARG A 1 2 ? 0.262  -2.249 -2.838  1.00 0.00 ? 2 ARG A N    10 
ATOM 1286 C CA   . ARG A 1 2 ? 1.359  -3.160 -2.536  1.00 0.00 ? 2 ARG A CA   10 
ATOM 1287 C C    . ARG A 1 2 ? 1.570  -3.318 -1.024  1.00 0.00 ? 2 ARG A C    10 
ATOM 1288 O O    . ARG A 1 2 ? 1.770  -4.423 -0.523  1.00 0.00 ? 2 ARG A O    10 
ATOM 1289 C CB   . ARG A 1 2 ? 2.651  -2.615 -3.186  1.00 0.00 ? 2 ARG A CB   10 
ATOM 1290 C CG   . ARG A 1 2 ? 3.310  -3.698 -4.022  1.00 0.00 ? 2 ARG A CG   10 
ATOM 1291 C CD   . ARG A 1 2 ? 4.786  -3.408 -4.335  1.00 0.00 ? 2 ARG A CD   10 
ATOM 1292 N NE   . ARG A 1 2 ? 4.998  -2.284 -5.265  1.00 0.00 ? 2 ARG A NE   10 
ATOM 1293 C CZ   . ARG A 1 2 ? 6.110  -1.527 -5.328  1.00 0.00 ? 2 ARG A CZ   10 
ATOM 1294 N NH1  . ARG A 1 2 ? 7.166  -1.755 -4.531  1.00 0.00 ? 2 ARG A NH1  10 
ATOM 1295 N NH2  . ARG A 1 2 ? 6.172  -0.528 -6.217  1.00 0.00 ? 2 ARG A NH2  10 
ATOM 1296 H H    . ARG A 1 2 ? 0.497  -1.430 -3.375  1.00 0.00 ? 2 ARG A H    10 
ATOM 1297 H HA   . ARG A 1 2 ? 1.108  -4.134 -2.961  1.00 0.00 ? 2 ARG A HA   10 
ATOM 1298 H HB2  . ARG A 1 2 ? 2.446  -1.761 -3.834  1.00 0.00 ? 2 ARG A HB2  10 
ATOM 1299 H HB3  . ARG A 1 2 ? 3.360  -2.316 -2.418  1.00 0.00 ? 2 ARG A HB3  10 
ATOM 1300 H HG2  . ARG A 1 2 ? 3.262  -4.613 -3.435  1.00 0.00 ? 2 ARG A HG2  10 
ATOM 1301 H HG3  . ARG A 1 2 ? 2.724  -3.806 -4.933  1.00 0.00 ? 2 ARG A HG3  10 
ATOM 1302 H HD2  . ARG A 1 2 ? 5.299  -3.203 -3.395  1.00 0.00 ? 2 ARG A HD2  10 
ATOM 1303 H HD3  . ARG A 1 2 ? 5.223  -4.299 -4.781  1.00 0.00 ? 2 ARG A HD3  10 
ATOM 1304 H HE   . ARG A 1 2 ? 4.292  -2.122 -5.967  1.00 0.00 ? 2 ARG A HE   10 
ATOM 1305 H HH11 . ARG A 1 2 ? 7.141  -2.515 -3.867  1.00 0.00 ? 2 ARG A HH11 10 
ATOM 1306 H HH12 . ARG A 1 2 ? 7.994  -1.182 -4.612  1.00 0.00 ? 2 ARG A HH12 10 
ATOM 1307 H HH21 . ARG A 1 2 ? 5.386  -0.340 -6.824  1.00 0.00 ? 2 ARG A HH21 10 
ATOM 1308 H HH22 . ARG A 1 2 ? 7.006  0.040  -6.278  1.00 0.00 ? 2 ARG A HH22 10 
ATOM 1309 N N    . TRP A 1 3 ? 1.556  -2.173 -0.341  1.00 0.00 ? 3 TRP A N    10 
ATOM 1310 C CA   . TRP A 1 3 ? 1.916  -1.934 1.049   1.00 0.00 ? 3 TRP A CA   10 
ATOM 1311 C C    . TRP A 1 3 ? 1.364  -0.579 1.525   1.00 0.00 ? 3 TRP A C    10 
ATOM 1312 O O    . TRP A 1 3 ? 0.706  0.133  0.770   1.00 0.00 ? 3 TRP A O    10 
ATOM 1313 C CB   . TRP A 1 3 ? 3.450  -1.980 1.188   1.00 0.00 ? 3 TRP A CB   10 
ATOM 1314 C CG   . TRP A 1 3 ? 4.370  -1.139 0.325   1.00 0.00 ? 3 TRP A CG   10 
ATOM 1315 C CD1  . TRP A 1 3 ? 5.712  -1.207 0.476   1.00 0.00 ? 3 TRP A CD1  10 
ATOM 1316 C CD2  . TRP A 1 3 ? 4.160  -0.242 -0.833  1.00 0.00 ? 3 TRP A CD2  10 
ATOM 1317 N NE1  . TRP A 1 3 ? 6.347  -0.476 -0.497  1.00 0.00 ? 3 TRP A NE1  10 
ATOM 1318 C CE2  . TRP A 1 3 ? 5.446  0.080  -1.374  1.00 0.00 ? 3 TRP A CE2  10 
ATOM 1319 C CE3  . TRP A 1 3 ? 3.057  0.308  -1.538  1.00 0.00 ? 3 TRP A CE3  10 
ATOM 1320 C CZ2  . TRP A 1 3 ? 5.622  0.814  -2.558  1.00 0.00 ? 3 TRP A CZ2  10 
ATOM 1321 C CZ3  . TRP A 1 3 ? 3.217  0.999  -2.754  1.00 0.00 ? 3 TRP A CZ3  10 
ATOM 1322 C CH2  . TRP A 1 3 ? 4.497  1.253  -3.268  1.00 0.00 ? 3 TRP A CH2  10 
ATOM 1323 H H    . TRP A 1 3 ? 1.370  -1.359 -0.903  1.00 0.00 ? 3 TRP A H    10 
ATOM 1324 H HA   . TRP A 1 3 ? 1.497  -2.733 1.667   1.00 0.00 ? 3 TRP A HA   10 
ATOM 1325 H HB2  . TRP A 1 3 ? 3.705  -1.778 2.229   1.00 0.00 ? 3 TRP A HB2  10 
ATOM 1326 H HB3  . TRP A 1 3 ? 3.744  -3.018 1.017   1.00 0.00 ? 3 TRP A HB3  10 
ATOM 1327 H HD1  . TRP A 1 3 ? 6.218  -1.801 1.221   1.00 0.00 ? 3 TRP A HD1  10 
ATOM 1328 H HE1  . TRP A 1 3 ? 7.353  -0.426 -0.572  1.00 0.00 ? 3 TRP A HE1  10 
ATOM 1329 H HE3  . TRP A 1 3 ? 2.046  0.194  -1.193  1.00 0.00 ? 3 TRP A HE3  10 
ATOM 1330 H HZ2  . TRP A 1 3 ? 6.616  1.018  -2.930  1.00 0.00 ? 3 TRP A HZ2  10 
ATOM 1331 H HZ3  . TRP A 1 3 ? 2.342  1.317  -3.303  1.00 0.00 ? 3 TRP A HZ3  10 
ATOM 1332 H HH2  . TRP A 1 3 ? 4.614  1.788  -4.199  1.00 0.00 ? 3 TRP A HH2  10 
ATOM 1333 N N    . TRP A 1 4 ? 1.662  -0.215 2.778   1.00 0.00 ? 4 TRP A N    10 
ATOM 1334 C CA   . TRP A 1 4 ? 1.445  1.101  3.381   1.00 0.00 ? 4 TRP A CA   10 
ATOM 1335 C C    . TRP A 1 4 ? 0.031  1.675  3.116   1.00 0.00 ? 4 TRP A C    10 
ATOM 1336 O O    . TRP A 1 4 ? -0.953 0.974  3.350   1.00 0.00 ? 4 TRP A O    10 
ATOM 1337 C CB   . TRP A 1 4 ? 2.605  2.006  2.920   1.00 0.00 ? 4 TRP A CB   10 
ATOM 1338 C CG   . TRP A 1 4 ? 2.793  3.293  3.668   1.00 0.00 ? 4 TRP A CG   10 
ATOM 1339 C CD1  . TRP A 1 4 ? 2.897  3.418  5.011   1.00 0.00 ? 4 TRP A CD1  10 
ATOM 1340 C CD2  . TRP A 1 4 ? 2.892  4.651  3.136   1.00 0.00 ? 4 TRP A CD2  10 
ATOM 1341 N NE1  . TRP A 1 4 ? 3.052  4.745  5.348   1.00 0.00 ? 4 TRP A NE1  10 
ATOM 1342 C CE2  . TRP A 1 4 ? 3.061  5.554  4.231   1.00 0.00 ? 4 TRP A CE2  10 
ATOM 1343 C CE3  . TRP A 1 4 ? 2.847  5.214  1.842   1.00 0.00 ? 4 TRP A CE3  10 
ATOM 1344 C CZ2  . TRP A 1 4 ? 3.187  6.940  4.047   1.00 0.00 ? 4 TRP A CZ2  10 
ATOM 1345 C CZ3  . TRP A 1 4 ? 2.975  6.603  1.648   1.00 0.00 ? 4 TRP A CZ3  10 
ATOM 1346 C CH2  . TRP A 1 4 ? 3.145  7.464  2.746   1.00 0.00 ? 4 TRP A CH2  10 
ATOM 1347 H H    . TRP A 1 4 ? 2.193  -0.872 3.329   1.00 0.00 ? 4 TRP A H    10 
ATOM 1348 H HA   . TRP A 1 4 ? 1.543  0.952  4.460   1.00 0.00 ? 4 TRP A HA   10 
ATOM 1349 H HB2  . TRP A 1 4 ? 3.532  1.435  2.987   1.00 0.00 ? 4 TRP A HB2  10 
ATOM 1350 H HB3  . TRP A 1 4 ? 2.468  2.237  1.863   1.00 0.00 ? 4 TRP A HB3  10 
ATOM 1351 H HD1  . TRP A 1 4 ? 2.861  2.601  5.718   1.00 0.00 ? 4 TRP A HD1  10 
ATOM 1352 H HE1  . TRP A 1 4 ? 3.146  5.060  6.303   1.00 0.00 ? 4 TRP A HE1  10 
ATOM 1353 H HE3  . TRP A 1 4 ? 2.714  4.568  0.988   1.00 0.00 ? 4 TRP A HE3  10 
ATOM 1354 H HZ2  . TRP A 1 4 ? 3.310  7.594  4.898   1.00 0.00 ? 4 TRP A HZ2  10 
ATOM 1355 H HZ3  . TRP A 1 4 ? 2.945  7.010  0.648   1.00 0.00 ? 4 TRP A HZ3  10 
ATOM 1356 H HH2  . TRP A 1 4 ? 3.240  8.529  2.588   1.00 0.00 ? 4 TRP A HH2  10 
ATOM 1357 N N    . ARG A 1 5 ? -0.079 2.934  2.649   1.00 0.00 ? 5 ARG A N    10 
ATOM 1358 C CA   . ARG A 1 5 ? -1.331 3.606  2.305   1.00 0.00 ? 5 ARG A CA   10 
ATOM 1359 C C    . ARG A 1 5 ? -1.932 3.091  0.987   1.00 0.00 ? 5 ARG A C    10 
ATOM 1360 O O    . ARG A 1 5 ? -3.119 3.310  0.741   1.00 0.00 ? 5 ARG A O    10 
ATOM 1361 C CB   . ARG A 1 5 ? -1.077 5.119  2.183   1.00 0.00 ? 5 ARG A CB   10 
ATOM 1362 C CG   . ARG A 1 5 ? -0.693 5.768  3.520   1.00 0.00 ? 5 ARG A CG   10 
ATOM 1363 C CD   . ARG A 1 5 ? -0.480 7.274  3.338   1.00 0.00 ? 5 ARG A CD   10 
ATOM 1364 N NE   . ARG A 1 5 ? -0.096 7.914  4.604   1.00 0.00 ? 5 ARG A NE   10 
ATOM 1365 C CZ   . ARG A 1 5 ? 0.034  9.239  4.800   1.00 0.00 ? 5 ARG A CZ   10 
ATOM 1366 N NH1  . ARG A 1 5 ? -0.163 10.119 3.807   1.00 0.00 ? 5 ARG A NH1  10 
ATOM 1367 N NH2  . ARG A 1 5 ? 0.362  9.690  6.018   1.00 0.00 ? 5 ARG A NH2  10 
ATOM 1368 H H    . ARG A 1 5 ? 0.756  3.472  2.456   1.00 0.00 ? 5 ARG A H    10 
ATOM 1369 H HA   . ARG A 1 5 ? -2.055 3.437  3.103   1.00 0.00 ? 5 ARG A HA   10 
ATOM 1370 H HB2  . ARG A 1 5 ? -0.284 5.293  1.454   1.00 0.00 ? 5 ARG A HB2  10 
ATOM 1371 H HB3  . ARG A 1 5 ? -1.986 5.600  1.819   1.00 0.00 ? 5 ARG A HB3  10 
ATOM 1372 H HG2  . ARG A 1 5 ? -1.491 5.603  4.245   1.00 0.00 ? 5 ARG A HG2  10 
ATOM 1373 H HG3  . ARG A 1 5 ? 0.226  5.321  3.901   1.00 0.00 ? 5 ARG A HG3  10 
ATOM 1374 H HD2  . ARG A 1 5 ? 0.305  7.442  2.601   1.00 0.00 ? 5 ARG A HD2  10 
ATOM 1375 H HD3  . ARG A 1 5 ? -1.406 7.722  2.977   1.00 0.00 ? 5 ARG A HD3  10 
ATOM 1376 H HE   . ARG A 1 5 ? 0.071  7.299  5.386   1.00 0.00 ? 5 ARG A HE   10 
ATOM 1377 H HH11 . ARG A 1 5 ? -0.410 9.791  2.884   1.00 0.00 ? 5 ARG A HH11 10 
ATOM 1378 H HH12 . ARG A 1 5 ? -0.065 11.108 3.983   1.00 0.00 ? 5 ARG A HH12 10 
ATOM 1379 H HH21 . ARG A 1 5 ? 0.508  9.039  6.776   1.00 0.00 ? 5 ARG A HH21 10 
ATOM 1380 H HH22 . ARG A 1 5 ? 0.455  10.682 6.180   1.00 0.00 ? 5 ARG A HH22 10 
ATOM 1381 N N    . PHE A 1 6 ? -1.129 2.414  0.151   1.00 0.00 ? 6 PHE A N    10 
ATOM 1382 C CA   . PHE A 1 6 ? -1.451 1.979  -1.192  1.00 0.00 ? 6 PHE A CA   10 
ATOM 1383 C C    . PHE A 1 6 ? -1.661 0.461  -1.281  1.00 0.00 ? 6 PHE A C    10 
ATOM 1384 O O    . PHE A 1 6 ? -1.945 -0.212 -0.290  1.00 0.00 ? 6 PHE A O    10 
ATOM 1385 C CB   . PHE A 1 6 ? -0.415 2.584  -2.158  1.00 0.00 ? 6 PHE A CB   10 
ATOM 1386 C CG   . PHE A 1 6 ? -0.454 4.105  -2.172  1.00 0.00 ? 6 PHE A CG   10 
ATOM 1387 C CD1  . PHE A 1 6 ? -1.526 4.769  -2.800  1.00 0.00 ? 6 PHE A CD1  10 
ATOM 1388 C CD2  . PHE A 1 6 ? 0.546  4.856  -1.523  1.00 0.00 ? 6 PHE A CD2  10 
ATOM 1389 C CE1  . PHE A 1 6 ? -1.599 6.173  -2.780  1.00 0.00 ? 6 PHE A CE1  10 
ATOM 1390 C CE2  . PHE A 1 6 ? 0.472  6.260  -1.505  1.00 0.00 ? 6 PHE A CE2  10 
ATOM 1391 C CZ   . PHE A 1 6 ? -0.599 6.919  -2.131  1.00 0.00 ? 6 PHE A CZ   10 
ATOM 1392 H H    . PHE A 1 6 ? -0.155 2.310  0.374   1.00 0.00 ? 6 PHE A H    10 
ATOM 1393 H HA   . PHE A 1 6 ? -2.409 2.400  -1.464  1.00 0.00 ? 6 PHE A HA   10 
ATOM 1394 H HB2  . PHE A 1 6 ? 0.582  2.243  -1.874  1.00 0.00 ? 6 PHE A HB2  10 
ATOM 1395 H HB3  . PHE A 1 6 ? -0.609 2.247  -3.176  1.00 0.00 ? 6 PHE A HB3  10 
ATOM 1396 H HD1  . PHE A 1 6 ? -2.303 4.203  -3.292  1.00 0.00 ? 6 PHE A HD1  10 
ATOM 1397 H HD2  . PHE A 1 6 ? 1.368  4.358  -1.030  1.00 0.00 ? 6 PHE A HD2  10 
ATOM 1398 H HE1  . PHE A 1 6 ? -2.425 6.676  -3.260  1.00 0.00 ? 6 PHE A HE1  10 
ATOM 1399 H HE2  . PHE A 1 6 ? 1.237  6.835  -1.007  1.00 0.00 ? 6 PHE A HE2  10 
ATOM 1400 H HZ   . PHE A 1 6 ? -0.657 7.996  -2.115  1.00 0.00 ? 6 PHE A HZ   10 
# 
